data_6T0W
#
_entry.id   6T0W
#
_cell.length_a   1.00
_cell.length_b   1.00
_cell.length_c   1.00
_cell.angle_alpha   90.00
_cell.angle_beta   90.00
_cell.angle_gamma   90.00
#
_symmetry.space_group_name_H-M   'P 1'
#
loop_
_entity.id
_entity.type
_entity.pdbx_description
1 polymer 'Polymerase acidic protein'
2 polymer 'RNA-directed RNA polymerase catalytic subunit'
3 polymer 'Polymerase PB2'
4 polymer vRNA
#
loop_
_entity_poly.entity_id
_entity_poly.type
_entity_poly.pdbx_seq_one_letter_code
_entity_poly.pdbx_strand_id
1 'polypeptide(L)'
;GSHHHHHHHHGSGSMDTFITRNFQTTIIQKAKNTMAEFSEDPELQPAMLFNICVHLEVCYVISDMNFLDEEGKAYTALEG
QGKEQNLRPQYEVIEGMPRTIAWMVQRSLAQEHGIETPKYLADLFDYKTKRFIEVGITKGLADDYFWKKKEKLGNSMELM
IFSYNQDYSLSNESSLDEEGKGRVLSRLTELQAELSLKNLWQVLIGEEDVEKGIDFKLGQTISRLRDISVPAGFSNFEGM
RSYIDNIDPKGAIERNLARMSPLVSVTPKKLTWEDLRPIGPHIYNHELPEVPYNAFLLMSDELGLANMTEGKSKKPKTLA
KECLEKYSTLRDQTDPILIMKSEKANENFLWKLWRDCVNTISNEEMSNELQKTNYAKWATGDGLTYQKIMKEVAIDDETM
CQEEPKIPNKCRVAAWVQTEMNLLSTLTSKRALDLPEIGPDVAPVEHVGSERRKYFVNEINYCKASTVMMKYVLFHTSLL
NESNASMGKYKVIPITNRVVNEKGESFDMLYGLAVKGQSHLRGDTDVVTVVTFEFSSTDPRVDSGKWPKYTVFRIGSLFV
SGREKSVYLYCRVNGTNKIQMKWGMEARRCLLQSMQQMEAIVEQESSIQGYDMTKACFKGDRVNSPKTFSIGTQEGKLVK
GSFGKALRVIFTKCLMHYVFGNAQLEGFSAESRRLLLLIQALKDRKGPWVFDLEGMYSGIEECISNNPWVIQSAYWFNEW
LGFEKEGSKVLESVDEIMDEGSGSGENLYFQ
;
A
2 'polypeptide(L)'
;GSGSGSGSGMNINPYFLFIDVPIQAAISTTFPYTGVPPYSHGTGTGYTIDTVIRTHEYSNKGKQYISDVTGCTMVDPTNG
PLPEDNEPSAYAQLDCVLEALDRMDEEHPGLFQAASQNAMETLMVTTVDKLTQGRQTFDWTVCRNQPAATALNTTITSFR
LNDLNGADKGGLIPFCQDIIDSLDRPEMTFFSVKNIKKKLPAKNRKGFLIKRIPMKVKDKITKVEYIKRALSLNTMTKDA
ERGKLKRRAIATAGIQIRGFVLVVENLAKNICENLEQSGLPVGGNEKKAKLSNAVAKMLSNCPPGGISMTVTGDNTKWNE
CLNPRIFLAMTERITRDSPIWFRDFCSIAPVLFSNKIARLGKGFMITSKTKRLKAQIPCPDLFSIPLERYNEETRAKLKK
LKPFFNEEGTASLSPGMMMGMFNMLSTVLGVAALGIKNIGNKEYLWDGLQSSDDFALFVNAKDEETCMEGINDFYRTCKL
LGINMSKKKSYCNETGMFEFTSMFYRDGFVSNFAMELPSFGVAGVNESADMAIGMTIIKNNMINNGMGPATAQTAIQLFI
ADYRYTYKCHRGDSKVEGKRMKIIKELWENTKGRDGLLVADGGPNIYNLRNLHIPEIVLKYNLMDPEYKGRLLHPQNPFV
GHLSIEGIKEADITPAHGPVKKMDYDAVSGTHSWRTKRNRSILNTDQRNMILEEQCYAKCCNLFEACFNSASYRKPVGQH
SMLEAMAHRLRMDARLDYESGRMSKDDFEKAMAHLGEIGYIGSGSGENLYFQ
;
B
3 'polypeptide(L)'
;GSGSGSGSGMTLAKIELLKQLLRDNEAKTVLKQTTVDQYNIIRKFNTSRIEKNPSLRMKWAMCSNFPLALTKGDMANRIP
LEYKGIQLKTNAEDIGTKGQMCSIAAVTWWNTYGPIGDTEGFERVYESFFLRKMRLDNATWGRITFGPVERVRKRVLLNP
LTKEMPPDEASNVIMEILFPKEAGIPRESTWIHRELIKEKREKLKGTMITPIVLAYMLERELVARRRFLPVAGATSAEFI
EMLHCLQGENWRQIYHPGGNKLTESRSQSMIVACRKIIRRSIVASNPLELAVEIANKTVIDTEPLKSCLAAIDGGDVACD
IIRAALGLKIRQRQRFGRLELKRISGRGFKNDEEILIGNGTIQKIGIWDGEEEFHVRCGECRGILKKSKMKLEKLLINSA
KKEDMRDLIILCMVFSQDTRMFQGVRGEINFLNRAGQLLSPMYQLQRYFLNRSNDLFDQWGYEESPKASELHGINESMNA
SDYTLKGVVVTRNVIDDFSSTETEKVSITKNLSLIKRTGEVIMGANDVSELESQAQLMITYDTPKMWEMGTTKELVQNTY
QWVLKNLVTLKAQFLLGKEDMFQWDAFEAFESIIPQKMAGQYSGFARAVLKQMRDQEVMKTDQFIKLLPFCFSPPKLRSN
GEPYQFLKLVLKGGGENFIEVRKGSPLFSYNPQTEVLTICGRMMSLKGKIEDEERNRSMGNAVLAGFLVSGKYDPDLGDF
KTIEELEKLKPGEKANILLYQGKPVKVVKRKRYSALSNDISQGIKRQRMTVESMGWALSGWSHPQFEKGRSGGENLYFQ
;
C
4 'polyribonucleotide' AGUAGUAACAAGAGGUAUUACCUCUGCUUCUGCU V
#
# COMPACT_ATOMS: atom_id res chain seq x y z
N VAL A 210 31.57 3.30 46.74
CA VAL A 210 31.77 2.22 45.78
C VAL A 210 31.82 2.80 44.37
N GLU A 211 32.29 2.01 43.40
CA GLU A 211 32.38 2.45 42.02
C GLU A 211 30.99 2.55 41.39
N LYS A 212 30.84 3.51 40.49
CA LYS A 212 29.54 3.80 39.87
C LYS A 212 29.44 3.13 38.49
N GLY A 213 29.47 1.81 38.50
CA GLY A 213 29.29 1.02 37.30
C GLY A 213 27.89 0.43 37.26
N ILE A 214 27.33 0.37 36.05
CA ILE A 214 26.01 -0.23 35.88
C ILE A 214 26.12 -1.74 36.07
N ASP A 215 25.01 -2.35 36.47
CA ASP A 215 24.96 -3.79 36.70
C ASP A 215 23.91 -4.42 35.80
N PHE A 216 24.30 -5.49 35.12
CA PHE A 216 23.38 -6.29 34.31
C PHE A 216 23.87 -7.73 34.37
N LYS A 217 23.34 -8.48 35.33
CA LYS A 217 23.82 -9.83 35.62
C LYS A 217 22.74 -10.85 35.28
N LEU A 218 23.10 -11.80 34.42
CA LEU A 218 22.14 -12.72 33.84
C LEU A 218 21.72 -13.79 34.84
N GLY A 219 20.52 -14.31 34.63
CA GLY A 219 20.00 -15.38 35.46
C GLY A 219 20.58 -16.74 35.07
N GLN A 220 19.74 -17.77 35.21
CA GLN A 220 20.13 -19.13 34.85
C GLN A 220 19.52 -19.57 33.53
N THR A 221 18.25 -19.23 33.29
CA THR A 221 17.57 -19.67 32.07
C THR A 221 18.14 -18.96 30.85
N ILE A 222 18.39 -17.66 30.94
CA ILE A 222 18.96 -16.95 29.80
C ILE A 222 20.41 -17.35 29.58
N SER A 223 21.11 -17.78 30.64
CA SER A 223 22.45 -18.32 30.45
C SER A 223 22.43 -19.67 29.76
N ARG A 224 21.42 -20.50 30.04
CA ARG A 224 21.32 -21.77 29.33
C ARG A 224 20.90 -21.57 27.87
N LEU A 225 20.00 -20.62 27.62
CA LEU A 225 19.62 -20.29 26.25
C LEU A 225 20.78 -19.66 25.49
N ARG A 226 21.68 -18.97 26.19
CA ARG A 226 22.88 -18.47 25.54
C ARG A 226 23.91 -19.58 25.33
N ASP A 227 23.89 -20.60 26.18
CA ASP A 227 24.82 -21.71 25.99
C ASP A 227 24.41 -22.59 24.82
N ILE A 228 23.13 -22.72 24.53
CA ILE A 228 22.75 -23.59 23.42
C ILE A 228 22.54 -22.81 22.13
N SER A 229 23.10 -21.61 22.05
CA SER A 229 22.94 -20.75 20.87
C SER A 229 24.28 -20.48 20.20
N VAL A 230 25.19 -21.45 20.23
CA VAL A 230 26.52 -21.28 19.64
C VAL A 230 26.56 -22.05 18.32
N PRO A 231 27.42 -21.66 17.38
CA PRO A 231 27.60 -22.47 16.17
C PRO A 231 28.20 -23.84 16.44
N ALA A 232 28.24 -24.65 15.39
CA ALA A 232 28.76 -26.00 15.52
C ALA A 232 30.26 -26.00 15.73
N GLY A 233 30.73 -26.79 16.68
CA GLY A 233 32.12 -26.84 17.05
C GLY A 233 32.43 -26.27 18.41
N PHE A 234 31.44 -25.69 19.09
CA PHE A 234 31.62 -25.10 20.41
C PHE A 234 30.77 -25.83 21.44
N SER A 235 31.04 -25.54 22.71
CA SER A 235 30.40 -26.23 23.82
C SER A 235 29.50 -25.28 24.61
N ASN A 236 30.04 -24.18 25.12
CA ASN A 236 29.27 -23.22 25.86
C ASN A 236 29.51 -21.84 25.23
N PHE A 237 29.04 -20.79 25.90
CA PHE A 237 29.24 -19.46 25.35
C PHE A 237 30.63 -18.92 25.59
N GLU A 238 31.27 -19.27 26.72
CA GLU A 238 32.57 -18.71 27.06
C GLU A 238 33.65 -19.18 26.11
N GLY A 239 33.54 -20.42 25.61
CA GLY A 239 34.47 -20.90 24.61
C GLY A 239 34.35 -20.15 23.29
N MET A 240 33.13 -19.83 22.89
CA MET A 240 32.94 -19.06 21.65
C MET A 240 33.43 -17.63 21.82
N ARG A 241 33.17 -17.03 22.98
CA ARG A 241 33.60 -15.66 23.22
C ARG A 241 35.11 -15.55 23.29
N SER A 242 35.77 -16.53 23.91
CA SER A 242 37.23 -16.55 23.93
C SER A 242 37.81 -16.85 22.55
N TYR A 243 37.11 -17.63 21.73
CA TYR A 243 37.54 -17.85 20.36
C TYR A 243 37.49 -16.56 19.55
N ILE A 244 36.43 -15.79 19.68
CA ILE A 244 36.30 -14.56 18.91
C ILE A 244 37.29 -13.51 19.43
N ASP A 245 37.53 -13.48 20.74
CA ASP A 245 38.44 -12.48 21.28
C ASP A 245 39.89 -12.79 20.97
N ASN A 246 40.29 -14.05 21.12
CA ASN A 246 41.72 -14.39 21.11
C ASN A 246 42.25 -14.68 19.72
N ILE A 247 41.67 -15.64 19.02
CA ILE A 247 42.30 -16.16 17.80
C ILE A 247 42.06 -15.20 16.63
N ASP A 248 42.87 -15.39 15.57
CA ASP A 248 42.97 -14.57 14.38
C ASP A 248 42.42 -15.31 13.16
N PRO A 249 41.53 -14.67 12.40
CA PRO A 249 40.80 -15.38 11.35
C PRO A 249 41.37 -15.25 9.95
N LYS A 250 42.54 -14.65 9.80
CA LYS A 250 43.01 -14.16 8.51
C LYS A 250 43.36 -15.30 7.55
N GLY A 251 42.81 -15.25 6.35
CA GLY A 251 43.17 -16.18 5.30
C GLY A 251 42.28 -17.40 5.17
N ALA A 252 41.06 -17.35 5.68
CA ALA A 252 40.16 -18.50 5.65
C ALA A 252 39.19 -18.48 4.50
N ILE A 253 38.89 -17.29 3.95
CA ILE A 253 37.98 -17.18 2.83
C ILE A 253 38.57 -17.82 1.59
N GLU A 254 39.88 -17.71 1.39
CA GLU A 254 40.51 -18.33 0.23
C GLU A 254 40.49 -19.85 0.31
N ARG A 255 40.71 -20.42 1.50
CA ARG A 255 40.65 -21.87 1.63
C ARG A 255 39.23 -22.39 1.48
N ASN A 256 38.26 -21.68 2.05
CA ASN A 256 36.87 -22.07 1.91
C ASN A 256 36.39 -21.97 0.47
N LEU A 257 36.90 -21.00 -0.29
CA LEU A 257 36.58 -20.96 -1.71
C LEU A 257 37.31 -22.04 -2.49
N ALA A 258 38.50 -22.45 -2.02
CA ALA A 258 39.24 -23.47 -2.74
C ALA A 258 38.65 -24.86 -2.55
N ARG A 259 38.02 -25.15 -1.42
CA ARG A 259 37.44 -26.47 -1.24
C ARG A 259 35.95 -26.53 -1.59
N MET A 260 35.36 -25.43 -2.06
CA MET A 260 33.97 -25.42 -2.48
C MET A 260 33.86 -25.87 -3.94
N SER A 261 32.70 -26.44 -4.27
CA SER A 261 32.54 -27.10 -5.56
C SER A 261 32.44 -26.07 -6.69
N PRO A 262 32.87 -26.42 -7.90
CA PRO A 262 32.73 -25.50 -9.03
C PRO A 262 31.32 -25.40 -9.57
N LEU A 263 30.41 -26.26 -9.12
CA LEU A 263 29.01 -26.21 -9.53
C LEU A 263 28.24 -25.10 -8.83
N VAL A 264 28.85 -24.44 -7.85
CA VAL A 264 28.29 -23.24 -7.24
C VAL A 264 28.87 -22.07 -8.00
N SER A 265 28.09 -21.49 -8.92
CA SER A 265 28.54 -20.37 -9.72
C SER A 265 27.33 -19.58 -10.18
N VAL A 266 27.58 -18.49 -10.90
CA VAL A 266 26.49 -17.71 -11.47
C VAL A 266 26.11 -18.16 -12.87
N THR A 267 27.00 -18.86 -13.56
CA THR A 267 26.86 -19.23 -14.97
C THR A 267 26.41 -18.09 -15.88
N PRO A 268 27.22 -17.04 -16.02
CA PRO A 268 26.73 -15.86 -16.73
C PRO A 268 26.79 -16.03 -18.25
N LYS A 269 25.73 -15.60 -18.91
CA LYS A 269 25.60 -15.67 -20.36
C LYS A 269 25.41 -14.27 -20.92
N LYS A 270 25.94 -14.02 -22.10
CA LYS A 270 25.84 -12.71 -22.72
C LYS A 270 24.51 -12.60 -23.47
N LEU A 271 23.82 -11.47 -23.28
CA LEU A 271 22.52 -11.28 -23.89
C LEU A 271 22.68 -10.84 -25.33
N THR A 272 21.91 -11.46 -26.22
CA THR A 272 21.83 -11.08 -27.61
C THR A 272 20.40 -10.65 -27.92
N TRP A 273 20.18 -10.24 -29.17
CA TRP A 273 18.81 -10.01 -29.63
C TRP A 273 18.09 -11.30 -29.97
N GLU A 274 18.80 -12.41 -30.05
CA GLU A 274 18.20 -13.70 -30.37
C GLU A 274 17.73 -14.46 -29.15
N ASP A 275 18.29 -14.17 -27.99
CA ASP A 275 17.91 -14.86 -26.76
C ASP A 275 16.65 -14.30 -26.15
N LEU A 276 16.08 -13.24 -26.73
CA LEU A 276 14.85 -12.63 -26.24
C LEU A 276 13.68 -13.21 -27.02
N ARG A 277 13.20 -14.35 -26.56
CA ARG A 277 11.98 -14.94 -27.09
C ARG A 277 10.77 -14.14 -26.63
N PRO A 278 9.63 -14.26 -27.32
CA PRO A 278 8.42 -13.56 -26.88
C PRO A 278 7.86 -14.13 -25.59
N ILE A 279 7.43 -13.25 -24.70
CA ILE A 279 6.84 -13.68 -23.44
C ILE A 279 5.44 -14.21 -23.70
N GLY A 280 5.04 -15.19 -22.86
CA GLY A 280 3.72 -15.76 -22.84
C GLY A 280 3.24 -16.34 -24.16
N PRO A 281 3.81 -17.45 -24.61
CA PRO A 281 3.48 -17.97 -25.94
C PRO A 281 2.16 -18.71 -26.04
N HIS A 282 1.43 -18.85 -24.93
CA HIS A 282 0.18 -19.57 -24.94
C HIS A 282 -1.02 -18.67 -25.13
N ILE A 283 -0.79 -17.39 -25.43
CA ILE A 283 -1.90 -16.50 -25.74
C ILE A 283 -2.21 -16.48 -27.23
N TYR A 284 -1.36 -17.07 -28.06
CA TYR A 284 -1.65 -17.24 -29.46
C TYR A 284 -2.32 -18.58 -29.73
N ASN A 285 -2.56 -19.37 -28.70
CA ASN A 285 -3.11 -20.71 -28.81
C ASN A 285 -4.62 -20.62 -28.99
N HIS A 286 -5.12 -21.09 -30.13
CA HIS A 286 -6.51 -20.85 -30.53
C HIS A 286 -7.47 -21.90 -29.98
N GLU A 287 -7.07 -22.68 -29.00
CA GLU A 287 -7.97 -23.57 -28.29
C GLU A 287 -8.40 -23.04 -26.94
N LEU A 288 -7.68 -22.07 -26.41
CA LEU A 288 -8.11 -21.40 -25.21
C LEU A 288 -9.26 -20.45 -25.53
N PRO A 289 -10.13 -20.16 -24.57
CA PRO A 289 -11.23 -19.24 -24.84
C PRO A 289 -10.75 -17.81 -24.94
N GLU A 290 -11.50 -17.00 -25.68
CA GLU A 290 -11.24 -15.57 -25.71
C GLU A 290 -11.51 -14.99 -24.34
N VAL A 291 -10.67 -14.05 -23.93
CA VAL A 291 -10.78 -13.52 -22.57
C VAL A 291 -12.01 -12.62 -22.49
N PRO A 292 -12.91 -12.84 -21.54
CA PRO A 292 -14.19 -12.13 -21.53
C PRO A 292 -14.03 -10.71 -21.01
N TYR A 293 -15.15 -9.98 -21.01
CA TYR A 293 -15.19 -8.63 -20.46
C TYR A 293 -15.63 -8.73 -19.01
N ASN A 294 -14.74 -8.39 -18.07
CA ASN A 294 -15.07 -8.53 -16.66
C ASN A 294 -14.92 -7.24 -15.87
N ALA A 295 -14.96 -6.09 -16.54
CA ALA A 295 -14.97 -4.84 -15.80
C ALA A 295 -16.31 -4.63 -15.14
N PHE A 296 -16.35 -3.68 -14.19
CA PHE A 296 -17.55 -3.44 -13.42
C PHE A 296 -18.63 -2.81 -14.28
N LEU A 297 -18.33 -1.68 -14.90
CA LEU A 297 -19.25 -0.98 -15.76
C LEU A 297 -18.72 -0.99 -17.18
N LEU A 298 -19.60 -0.69 -18.13
CA LEU A 298 -19.22 -0.59 -19.52
C LEU A 298 -18.38 0.67 -19.74
N MET A 299 -17.45 0.58 -20.69
CA MET A 299 -16.56 1.72 -20.90
C MET A 299 -16.74 2.36 -22.26
N SER A 300 -16.52 1.62 -23.33
CA SER A 300 -16.66 2.18 -24.66
C SER A 300 -17.98 1.80 -25.30
N ASP A 301 -18.80 1.05 -24.60
CA ASP A 301 -20.09 0.61 -25.10
C ASP A 301 -21.25 1.26 -24.38
N GLU A 302 -20.97 2.16 -23.44
CA GLU A 302 -22.00 2.83 -22.65
C GLU A 302 -22.87 3.71 -23.54
N LEU A 303 -24.07 4.00 -23.04
CA LEU A 303 -24.99 4.87 -23.75
C LEU A 303 -25.75 5.67 -22.71
N GLY A 304 -25.40 6.95 -22.59
CA GLY A 304 -26.10 7.78 -21.65
C GLY A 304 -27.33 8.41 -22.26
N LEU A 305 -28.48 8.14 -21.66
CA LEU A 305 -29.68 8.90 -21.99
C LEU A 305 -29.48 10.32 -21.49
N ALA A 306 -29.39 11.26 -22.43
CA ALA A 306 -28.95 12.62 -22.17
C ALA A 306 -30.16 13.53 -21.99
N ASN A 307 -30.11 14.37 -20.97
CA ASN A 307 -31.19 15.29 -20.66
C ASN A 307 -30.56 16.63 -20.30
N MET A 308 -30.84 17.67 -21.07
CA MET A 308 -30.17 18.94 -20.86
C MET A 308 -30.79 19.68 -19.69
N THR A 309 -29.95 20.16 -18.78
CA THR A 309 -30.42 20.89 -17.61
C THR A 309 -29.70 22.24 -17.53
N GLU A 310 -29.82 22.92 -16.40
CA GLU A 310 -29.12 24.17 -16.18
C GLU A 310 -27.85 24.00 -15.35
N GLY A 311 -27.57 22.79 -14.88
CA GLY A 311 -26.36 22.51 -14.15
C GLY A 311 -26.50 22.32 -12.66
N LYS A 312 -27.72 22.45 -12.12
CA LYS A 312 -27.92 22.28 -10.69
C LYS A 312 -27.77 20.82 -10.29
N SER A 313 -27.18 20.59 -9.13
CA SER A 313 -27.09 19.24 -8.64
C SER A 313 -28.43 18.81 -8.08
N LYS A 314 -28.63 17.49 -8.02
CA LYS A 314 -29.91 16.91 -7.52
C LYS A 314 -29.66 15.47 -7.05
N LYS A 315 -30.66 14.86 -6.40
CA LYS A 315 -30.52 13.47 -5.90
C LYS A 315 -30.47 12.51 -7.09
N PRO A 316 -29.76 11.36 -6.99
CA PRO A 316 -29.66 10.41 -8.11
C PRO A 316 -31.04 9.87 -8.53
N LYS A 317 -31.88 9.49 -7.56
CA LYS A 317 -33.23 8.95 -7.87
C LYS A 317 -33.97 9.95 -8.75
N THR A 318 -33.90 11.25 -8.40
CA THR A 318 -34.56 12.34 -9.15
C THR A 318 -33.95 12.42 -10.56
N LEU A 319 -32.62 12.34 -10.66
CA LEU A 319 -31.93 12.42 -11.97
C LEU A 319 -32.45 11.30 -12.88
N ALA A 320 -32.49 10.06 -12.39
CA ALA A 320 -32.97 8.92 -13.18
C ALA A 320 -34.43 9.13 -13.60
N LYS A 321 -35.26 9.63 -12.67
CA LYS A 321 -36.71 9.86 -12.93
C LYS A 321 -36.89 10.92 -14.03
N GLU A 322 -36.01 11.93 -14.07
CA GLU A 322 -36.11 13.00 -15.08
C GLU A 322 -35.53 12.51 -16.41
N CYS A 323 -34.57 11.58 -16.35
CA CYS A 323 -33.93 11.03 -17.58
C CYS A 323 -34.84 10.00 -18.23
N LEU A 324 -35.61 9.24 -17.42
CA LEU A 324 -36.51 8.24 -17.95
C LEU A 324 -37.85 8.83 -18.40
N GLU A 325 -38.26 9.96 -17.84
CA GLU A 325 -39.47 10.60 -18.33
C GLU A 325 -39.24 11.26 -19.69
N LYS A 326 -38.03 11.72 -19.97
CA LYS A 326 -37.74 12.22 -21.31
C LYS A 326 -37.71 11.07 -22.34
N TYR A 327 -37.01 10.00 -22.01
CA TYR A 327 -36.98 8.81 -22.86
C TYR A 327 -38.01 7.81 -22.37
N SER A 328 -39.27 8.15 -22.58
CA SER A 328 -40.40 7.41 -22.02
C SER A 328 -40.82 6.23 -22.87
N THR A 329 -40.13 5.94 -23.97
CA THR A 329 -40.43 4.75 -24.75
C THR A 329 -39.61 3.55 -24.30
N LEU A 330 -38.45 3.79 -23.69
CA LEU A 330 -37.63 2.72 -23.13
C LEU A 330 -38.07 2.34 -21.73
N ARG A 331 -38.63 3.29 -20.98
CA ARG A 331 -39.13 2.99 -19.64
C ARG A 331 -40.39 2.15 -19.69
N ASP A 332 -41.26 2.41 -20.66
CA ASP A 332 -42.52 1.70 -20.76
C ASP A 332 -42.41 0.37 -21.49
N GLN A 333 -41.21 -0.07 -21.82
CA GLN A 333 -41.04 -1.37 -22.46
C GLN A 333 -41.25 -2.47 -21.44
N THR A 334 -42.14 -3.43 -21.77
CA THR A 334 -42.47 -4.46 -20.80
C THR A 334 -42.29 -5.86 -21.37
N ASP A 335 -42.38 -6.00 -22.70
CA ASP A 335 -42.14 -7.28 -23.33
C ASP A 335 -40.71 -7.35 -23.84
N PRO A 336 -39.88 -8.24 -23.31
CA PRO A 336 -38.47 -8.27 -23.73
C PRO A 336 -38.26 -9.07 -25.00
N ILE A 337 -37.08 -8.88 -25.58
CA ILE A 337 -36.58 -9.71 -26.68
C ILE A 337 -35.21 -10.21 -26.24
N LEU A 338 -35.11 -11.48 -25.88
CA LEU A 338 -33.89 -12.03 -25.32
C LEU A 338 -32.88 -12.25 -26.44
N ILE A 339 -31.79 -11.50 -26.41
CA ILE A 339 -30.74 -11.60 -27.42
C ILE A 339 -29.68 -12.60 -27.00
N MET A 340 -29.22 -12.50 -25.76
CA MET A 340 -28.15 -13.33 -25.25
C MET A 340 -28.47 -13.68 -23.80
N LYS A 341 -28.15 -14.90 -23.41
CA LYS A 341 -28.34 -15.36 -22.04
C LYS A 341 -27.03 -15.93 -21.54
N SER A 342 -26.70 -15.64 -20.29
CA SER A 342 -25.56 -16.28 -19.65
C SER A 342 -25.87 -17.75 -19.35
N GLU A 343 -24.88 -18.47 -18.84
CA GLU A 343 -25.05 -19.89 -18.59
C GLU A 343 -25.95 -20.15 -17.39
N LYS A 344 -25.69 -19.44 -16.29
CA LYS A 344 -26.40 -19.69 -15.03
C LYS A 344 -27.37 -18.59 -14.67
N ALA A 345 -27.68 -17.69 -15.59
CA ALA A 345 -28.60 -16.61 -15.29
C ALA A 345 -30.04 -17.09 -15.35
N ASN A 346 -30.94 -16.22 -14.95
CA ASN A 346 -32.38 -16.47 -15.00
C ASN A 346 -32.98 -15.24 -15.67
N GLU A 347 -33.37 -15.38 -16.94
CA GLU A 347 -33.76 -14.20 -17.69
C GLU A 347 -35.13 -13.68 -17.26
N ASN A 348 -35.99 -14.56 -16.75
CA ASN A 348 -37.27 -14.09 -16.22
C ASN A 348 -37.08 -13.28 -14.95
N PHE A 349 -36.21 -13.75 -14.06
CA PHE A 349 -35.95 -13.03 -12.81
C PHE A 349 -35.21 -11.74 -13.07
N LEU A 350 -34.25 -11.75 -13.99
CA LEU A 350 -33.51 -10.53 -14.30
C LEU A 350 -34.39 -9.50 -14.99
N TRP A 351 -35.33 -9.95 -15.82
CA TRP A 351 -36.27 -9.01 -16.43
C TRP A 351 -37.24 -8.44 -15.39
N LYS A 352 -37.68 -9.26 -14.45
CA LYS A 352 -38.54 -8.76 -13.38
C LYS A 352 -37.79 -7.81 -12.46
N LEU A 353 -36.49 -7.99 -12.27
CA LEU A 353 -35.72 -7.02 -11.50
C LEU A 353 -35.53 -5.71 -12.25
N TRP A 354 -35.42 -5.77 -13.58
CA TRP A 354 -35.38 -4.52 -14.35
C TRP A 354 -36.69 -3.77 -14.24
N ARG A 355 -37.82 -4.49 -14.30
CA ARG A 355 -39.10 -3.82 -14.15
C ARG A 355 -39.29 -3.28 -12.75
N ASP A 356 -38.81 -4.00 -11.74
CA ASP A 356 -38.95 -3.54 -10.36
C ASP A 356 -38.11 -2.30 -10.10
N CYS A 357 -36.90 -2.23 -10.65
CA CYS A 357 -36.10 -1.02 -10.54
C CYS A 357 -36.71 0.14 -11.30
N VAL A 358 -37.17 -0.11 -12.53
CA VAL A 358 -37.68 0.98 -13.35
C VAL A 358 -39.07 1.45 -12.91
N ASN A 359 -39.74 0.68 -12.06
CA ASN A 359 -40.95 1.19 -11.41
C ASN A 359 -40.67 1.84 -10.07
N THR A 360 -39.67 1.38 -9.32
CA THR A 360 -39.36 1.99 -8.04
C THR A 360 -38.61 3.31 -8.20
N ILE A 361 -37.88 3.51 -9.30
CA ILE A 361 -37.22 4.80 -9.51
C ILE A 361 -38.17 5.85 -10.03
N SER A 362 -39.36 5.46 -10.49
CA SER A 362 -40.27 6.36 -11.17
C SER A 362 -41.57 6.61 -10.41
N ASN A 363 -41.67 6.19 -9.16
CA ASN A 363 -42.85 6.46 -8.38
C ASN A 363 -42.75 7.87 -7.80
N GLU A 364 -43.71 8.25 -6.97
CA GLU A 364 -43.85 9.63 -6.52
C GLU A 364 -43.49 9.79 -5.04
N GLU A 365 -42.41 9.14 -4.62
CA GLU A 365 -41.91 9.30 -3.26
C GLU A 365 -40.42 9.62 -3.27
N MET A 366 -39.77 9.50 -2.11
CA MET A 366 -38.34 9.75 -2.00
C MET A 366 -37.51 8.50 -1.80
N SER A 367 -38.12 7.33 -1.64
CA SER A 367 -37.39 6.12 -1.29
C SER A 367 -37.06 5.30 -2.52
N ASN A 368 -35.88 4.68 -2.50
CA ASN A 368 -35.46 3.76 -3.55
C ASN A 368 -35.22 2.37 -3.00
N GLU A 369 -35.88 2.04 -1.89
CA GLU A 369 -35.81 0.71 -1.32
C GLU A 369 -36.55 -0.29 -2.19
N LEU A 370 -36.02 -1.51 -2.24
CA LEU A 370 -36.55 -2.57 -3.10
C LEU A 370 -36.99 -3.74 -2.24
N GLN A 371 -38.20 -4.23 -2.48
CA GLN A 371 -38.74 -5.32 -1.67
C GLN A 371 -38.06 -6.64 -2.01
N LYS A 372 -37.81 -7.44 -0.97
CA LYS A 372 -37.13 -8.73 -1.12
C LYS A 372 -38.11 -9.77 -1.65
N THR A 373 -38.29 -9.76 -2.97
CA THR A 373 -39.10 -10.76 -3.63
C THR A 373 -38.24 -11.97 -3.93
N ASN A 374 -38.80 -12.96 -4.63
CA ASN A 374 -38.02 -14.16 -4.90
C ASN A 374 -36.95 -13.92 -5.94
N TYR A 375 -37.19 -13.01 -6.88
CA TYR A 375 -36.18 -12.70 -7.87
C TYR A 375 -35.08 -11.80 -7.32
N ALA A 376 -35.41 -10.89 -6.41
CA ALA A 376 -34.36 -10.09 -5.80
C ALA A 376 -33.54 -10.91 -4.82
N LYS A 377 -34.16 -11.94 -4.22
CA LYS A 377 -33.39 -12.86 -3.40
C LYS A 377 -32.55 -13.80 -4.23
N TRP A 378 -33.00 -14.11 -5.45
CA TRP A 378 -32.16 -14.93 -6.33
C TRP A 378 -30.96 -14.14 -6.82
N ALA A 379 -31.19 -12.89 -7.24
CA ALA A 379 -30.13 -12.15 -7.91
C ALA A 379 -29.09 -11.64 -6.92
N THR A 380 -29.51 -11.26 -5.74
CA THR A 380 -28.57 -10.76 -4.74
C THR A 380 -27.94 -11.86 -3.91
N GLY A 381 -28.29 -13.11 -4.17
CA GLY A 381 -27.63 -14.25 -3.55
C GLY A 381 -27.91 -14.45 -2.09
N ASP A 382 -29.18 -14.40 -1.72
CA ASP A 382 -29.59 -14.51 -0.33
C ASP A 382 -29.70 -15.97 0.07
N GLY A 383 -29.18 -16.32 1.23
CA GLY A 383 -29.30 -17.66 1.73
C GLY A 383 -28.32 -18.64 1.14
N LEU A 384 -27.10 -18.20 0.88
CA LEU A 384 -26.10 -19.05 0.27
C LEU A 384 -24.90 -19.33 1.15
N THR A 385 -24.76 -18.63 2.27
CA THR A 385 -23.63 -18.88 3.15
C THR A 385 -23.82 -20.21 3.85
N TYR A 386 -22.71 -20.77 4.31
CA TYR A 386 -22.76 -22.04 5.03
C TYR A 386 -22.88 -21.76 6.52
N GLN A 387 -23.56 -22.65 7.23
CA GLN A 387 -23.72 -22.48 8.66
C GLN A 387 -22.51 -23.05 9.39
N LYS A 388 -22.00 -22.29 10.34
CA LYS A 388 -20.87 -22.76 11.12
C LYS A 388 -21.33 -23.79 12.15
N ILE A 389 -20.52 -24.81 12.34
CA ILE A 389 -20.77 -25.85 13.34
C ILE A 389 -19.56 -25.90 14.26
N MET A 390 -19.76 -26.53 15.42
CA MET A 390 -18.68 -26.71 16.38
C MET A 390 -17.61 -27.63 15.81
N LYS A 391 -16.38 -27.45 16.29
CA LYS A 391 -15.26 -28.16 15.69
C LYS A 391 -15.23 -29.63 16.07
N GLU A 392 -15.95 -30.03 17.11
CA GLU A 392 -15.98 -31.44 17.49
C GLU A 392 -16.82 -32.25 16.50
N VAL A 393 -17.94 -31.67 16.06
CA VAL A 393 -18.76 -32.32 15.04
C VAL A 393 -18.04 -32.32 13.70
N ALA A 394 -17.14 -31.36 13.48
CA ALA A 394 -16.37 -31.33 12.24
C ALA A 394 -15.28 -32.38 12.25
N ILE A 395 -14.63 -32.59 13.40
CA ILE A 395 -13.60 -33.60 13.49
C ILE A 395 -14.20 -35.00 13.44
N ASP A 396 -15.33 -35.21 14.12
CA ASP A 396 -15.93 -36.54 14.17
C ASP A 396 -16.58 -36.96 12.85
N ASP A 397 -16.84 -36.03 11.95
CA ASP A 397 -17.47 -36.32 10.67
C ASP A 397 -16.41 -36.55 9.60
N GLU A 398 -16.65 -37.53 8.73
CA GLU A 398 -15.65 -37.93 7.75
C GLU A 398 -15.83 -37.25 6.39
N THR A 399 -17.00 -36.67 6.12
CA THR A 399 -17.27 -36.08 4.82
C THR A 399 -16.98 -34.59 4.79
N MET A 400 -16.15 -34.09 5.70
CA MET A 400 -15.82 -32.68 5.76
C MET A 400 -14.33 -32.55 5.42
N CYS A 401 -14.05 -32.31 4.15
CA CYS A 401 -12.71 -32.10 3.67
C CYS A 401 -12.42 -30.60 3.58
N GLN A 402 -11.26 -30.27 3.06
CA GLN A 402 -10.89 -28.90 2.77
C GLN A 402 -10.95 -28.71 1.25
N GLU A 403 -11.55 -27.62 0.81
CA GLU A 403 -11.79 -27.44 -0.61
C GLU A 403 -10.50 -27.15 -1.35
N GLU A 404 -10.34 -27.79 -2.50
CA GLU A 404 -9.25 -27.45 -3.40
C GLU A 404 -9.47 -26.03 -3.93
N PRO A 405 -8.42 -25.23 -4.05
CA PRO A 405 -8.61 -23.86 -4.54
C PRO A 405 -8.90 -23.86 -6.03
N LYS A 406 -9.68 -22.87 -6.45
CA LYS A 406 -9.94 -22.65 -7.86
C LYS A 406 -8.92 -21.67 -8.38
N ILE A 407 -7.96 -22.16 -9.16
CA ILE A 407 -6.95 -21.30 -9.75
C ILE A 407 -7.60 -20.57 -10.90
N PRO A 408 -7.12 -19.38 -11.30
CA PRO A 408 -7.68 -18.72 -12.48
C PRO A 408 -7.42 -19.51 -13.76
N ASN A 409 -8.18 -19.18 -14.80
CA ASN A 409 -8.15 -19.95 -16.04
C ASN A 409 -6.95 -19.59 -16.90
N LYS A 410 -6.96 -19.99 -18.15
CA LYS A 410 -5.95 -19.61 -19.12
C LYS A 410 -6.66 -19.23 -20.41
N CYS A 411 -6.80 -17.93 -20.66
CA CYS A 411 -7.47 -17.41 -21.83
C CYS A 411 -6.45 -16.87 -22.82
N ARG A 412 -6.85 -16.76 -24.08
CA ARG A 412 -6.02 -16.22 -25.14
C ARG A 412 -6.44 -14.79 -25.45
N VAL A 413 -5.80 -14.18 -26.44
CA VAL A 413 -6.02 -12.77 -26.72
C VAL A 413 -7.35 -12.57 -27.42
N ALA A 414 -8.17 -11.69 -26.88
CA ALA A 414 -9.38 -11.25 -27.54
C ALA A 414 -9.15 -9.87 -28.15
N ALA A 415 -9.89 -9.59 -29.21
CA ALA A 415 -9.65 -8.39 -30.00
C ALA A 415 -10.34 -7.17 -29.41
N TRP A 416 -11.13 -7.32 -28.36
CA TRP A 416 -11.88 -6.19 -27.86
C TRP A 416 -11.06 -5.24 -27.02
N VAL A 417 -9.94 -5.70 -26.44
CA VAL A 417 -9.10 -4.82 -25.66
C VAL A 417 -8.40 -3.81 -26.55
N GLN A 418 -8.13 -4.20 -27.79
CA GLN A 418 -7.52 -3.28 -28.73
C GLN A 418 -8.49 -2.17 -29.12
N THR A 419 -9.77 -2.52 -29.28
CA THR A 419 -10.76 -1.51 -29.61
C THR A 419 -11.09 -0.65 -28.40
N GLU A 420 -10.94 -1.20 -27.19
CA GLU A 420 -11.07 -0.37 -25.99
C GLU A 420 -9.94 0.64 -25.91
N MET A 421 -8.72 0.23 -26.24
CA MET A 421 -7.62 1.20 -26.23
C MET A 421 -7.74 2.21 -27.35
N ASN A 422 -8.27 1.80 -28.50
CA ASN A 422 -8.47 2.71 -29.63
C ASN A 422 -9.52 3.77 -29.31
N LEU A 423 -10.66 3.36 -28.75
CA LEU A 423 -11.78 4.29 -28.64
C LEU A 423 -11.69 5.17 -27.41
N LEU A 424 -11.07 4.71 -26.34
CA LEU A 424 -10.96 5.54 -25.15
C LEU A 424 -9.83 6.55 -25.23
N SER A 425 -9.04 6.53 -26.30
CA SER A 425 -8.00 7.54 -26.48
C SER A 425 -8.50 8.75 -27.26
N THR A 426 -9.54 8.58 -28.08
CA THR A 426 -9.94 9.62 -29.01
C THR A 426 -10.68 10.74 -28.27
N LEU A 427 -10.91 11.82 -28.99
CA LEU A 427 -11.60 12.98 -28.46
C LEU A 427 -13.10 12.85 -28.70
N THR A 428 -13.88 13.01 -27.64
CA THR A 428 -15.33 13.09 -27.74
C THR A 428 -15.74 14.56 -27.90
N SER A 429 -17.04 14.84 -27.76
CA SER A 429 -17.53 16.20 -27.84
C SER A 429 -17.94 16.77 -26.49
N LYS A 430 -17.99 15.95 -25.44
CA LYS A 430 -18.42 16.37 -24.12
C LYS A 430 -17.27 16.19 -23.14
N ARG A 431 -17.33 16.91 -22.02
CA ARG A 431 -16.30 16.78 -20.99
C ARG A 431 -16.94 16.76 -19.61
N ALA A 432 -16.52 15.80 -18.79
CA ALA A 432 -17.06 15.61 -17.45
C ALA A 432 -16.06 15.95 -16.36
N LEU A 433 -14.92 16.52 -16.72
CA LEU A 433 -13.87 16.84 -15.77
C LEU A 433 -13.73 18.35 -15.67
N ASP A 434 -13.89 18.88 -14.46
CA ASP A 434 -13.63 20.30 -14.21
C ASP A 434 -13.09 20.42 -12.78
N LEU A 435 -11.76 20.45 -12.67
CA LEU A 435 -11.12 20.54 -11.37
C LEU A 435 -11.30 21.95 -10.81
N PRO A 436 -11.33 22.11 -9.49
CA PRO A 436 -11.46 23.43 -8.89
C PRO A 436 -10.26 24.34 -9.09
N GLU A 437 -10.31 25.53 -8.52
CA GLU A 437 -9.36 26.58 -8.81
C GLU A 437 -8.21 26.58 -7.81
N ILE A 438 -7.17 27.31 -8.16
CA ILE A 438 -6.08 27.62 -7.24
C ILE A 438 -5.91 29.14 -7.24
N GLY A 439 -4.90 29.63 -6.55
CA GLY A 439 -4.68 31.05 -6.45
C GLY A 439 -4.04 31.63 -7.70
N PRO A 440 -3.59 32.88 -7.63
CA PRO A 440 -2.83 33.46 -8.73
C PRO A 440 -1.41 32.92 -8.75
N ASP A 441 -0.71 33.19 -9.84
CA ASP A 441 0.65 32.74 -10.03
C ASP A 441 1.61 33.90 -9.87
N VAL A 442 2.60 33.75 -9.00
CA VAL A 442 3.53 34.83 -8.69
C VAL A 442 4.96 34.36 -8.96
N ALA A 443 5.38 33.31 -8.29
CA ALA A 443 6.72 32.77 -8.50
C ALA A 443 6.79 32.07 -9.86
N PRO A 444 7.99 32.00 -10.47
CA PRO A 444 8.08 31.39 -11.80
C PRO A 444 7.83 29.90 -11.85
N VAL A 445 8.00 29.17 -10.74
CA VAL A 445 7.64 27.74 -10.70
C VAL A 445 6.16 27.57 -10.92
N GLU A 446 5.36 28.49 -10.39
CA GLU A 446 3.93 28.46 -10.60
C GLU A 446 3.57 28.81 -12.03
N HIS A 447 4.39 29.61 -12.70
CA HIS A 447 4.16 29.89 -14.12
C HIS A 447 4.42 28.66 -14.97
N VAL A 448 5.53 27.97 -14.72
CA VAL A 448 5.84 26.76 -15.48
C VAL A 448 4.80 25.67 -15.20
N GLY A 449 4.41 25.51 -13.94
CA GLY A 449 3.41 24.53 -13.58
C GLY A 449 2.03 24.85 -14.15
N SER A 450 1.67 26.13 -14.18
CA SER A 450 0.39 26.52 -14.74
C SER A 450 0.36 26.33 -16.25
N GLU A 451 1.50 26.52 -16.91
CA GLU A 451 1.55 26.26 -18.34
C GLU A 451 1.38 24.78 -18.65
N ARG A 452 2.08 23.92 -17.89
CA ARG A 452 1.97 22.48 -18.14
C ARG A 452 0.59 21.95 -17.77
N ARG A 453 -0.03 22.50 -16.72
CA ARG A 453 -1.41 22.15 -16.37
C ARG A 453 -2.39 22.57 -17.46
N LYS A 454 -2.27 23.80 -17.94
CA LYS A 454 -3.23 24.28 -18.92
C LYS A 454 -3.02 23.69 -20.30
N TYR A 455 -1.90 23.02 -20.54
CA TYR A 455 -1.84 22.24 -21.77
C TYR A 455 -2.29 20.79 -21.58
N PHE A 456 -1.95 20.18 -20.45
CA PHE A 456 -2.35 18.80 -20.19
C PHE A 456 -3.85 18.66 -20.05
N VAL A 457 -4.49 19.56 -19.30
CA VAL A 457 -5.93 19.47 -19.10
C VAL A 457 -6.67 19.84 -20.38
N ASN A 458 -6.13 20.77 -21.17
CA ASN A 458 -6.70 21.08 -22.47
C ASN A 458 -6.60 19.90 -23.43
N GLU A 459 -5.63 19.01 -23.24
CA GLU A 459 -5.60 17.81 -24.07
C GLU A 459 -6.37 16.62 -23.49
N ILE A 460 -6.59 16.54 -22.18
CA ILE A 460 -7.20 15.37 -21.57
C ILE A 460 -8.71 15.54 -21.34
N ASN A 461 -9.24 16.75 -21.52
CA ASN A 461 -10.60 17.08 -21.10
C ASN A 461 -11.65 16.36 -21.95
N TYR A 462 -11.48 16.37 -23.26
CA TYR A 462 -12.50 15.86 -24.17
C TYR A 462 -12.25 14.43 -24.60
N CYS A 463 -11.36 13.72 -23.93
CA CYS A 463 -11.19 12.30 -24.22
C CYS A 463 -12.30 11.48 -23.58
N LYS A 464 -12.53 10.29 -24.11
CA LYS A 464 -13.57 9.42 -23.59
C LYS A 464 -13.21 8.85 -22.23
N ALA A 465 -11.91 8.71 -21.96
CA ALA A 465 -11.43 8.09 -20.73
C ALA A 465 -11.75 8.92 -19.50
N SER A 466 -11.76 10.24 -19.60
CA SER A 466 -12.09 11.06 -18.44
C SER A 466 -13.56 10.99 -18.10
N THR A 467 -14.41 10.88 -19.12
CA THR A 467 -15.83 10.62 -18.93
C THR A 467 -16.05 9.30 -18.21
N VAL A 468 -15.35 8.25 -18.65
CA VAL A 468 -15.46 6.94 -17.99
C VAL A 468 -14.93 7.01 -16.56
N MET A 469 -13.86 7.78 -16.33
CA MET A 469 -13.29 7.92 -14.99
C MET A 469 -14.26 8.58 -14.02
N MET A 470 -14.93 9.65 -14.46
CA MET A 470 -15.89 10.32 -13.60
C MET A 470 -17.13 9.48 -13.36
N LYS A 471 -17.53 8.69 -14.36
CA LYS A 471 -18.63 7.74 -14.17
C LYS A 471 -18.30 6.73 -13.08
N TYR A 472 -17.06 6.20 -13.08
CA TYR A 472 -16.62 5.28 -12.04
C TYR A 472 -16.57 5.94 -10.67
N VAL A 473 -16.08 7.18 -10.61
CA VAL A 473 -15.96 7.90 -9.34
C VAL A 473 -17.32 8.10 -8.70
N LEU A 474 -18.27 8.65 -9.46
CA LEU A 474 -19.59 8.95 -8.90
C LEU A 474 -20.34 7.68 -8.54
N PHE A 475 -20.20 6.62 -9.34
CA PHE A 475 -20.91 5.39 -9.04
C PHE A 475 -20.38 4.72 -7.79
N HIS A 476 -19.06 4.65 -7.62
CA HIS A 476 -18.51 4.02 -6.43
C HIS A 476 -18.77 4.85 -5.18
N THR A 477 -18.82 6.17 -5.31
CA THR A 477 -19.24 7.05 -4.21
C THR A 477 -20.63 6.70 -3.72
N SER A 478 -21.61 6.68 -4.64
CA SER A 478 -22.98 6.43 -4.20
C SER A 478 -23.18 5.00 -3.72
N LEU A 479 -22.43 4.05 -4.27
CA LEU A 479 -22.51 2.67 -3.83
C LEU A 479 -21.95 2.49 -2.41
N LEU A 480 -20.84 3.19 -2.10
CA LEU A 480 -20.29 3.10 -0.74
C LEU A 480 -21.19 3.80 0.27
N ASN A 481 -21.78 4.92 -0.13
CA ASN A 481 -22.73 5.62 0.73
C ASN A 481 -23.94 4.76 1.05
N GLU A 482 -24.47 4.07 0.04
CA GLU A 482 -25.62 3.20 0.27
C GLU A 482 -25.24 1.95 1.06
N SER A 483 -24.04 1.41 0.85
CA SER A 483 -23.65 0.20 1.58
C SER A 483 -23.39 0.48 3.04
N ASN A 484 -22.92 1.67 3.39
CA ASN A 484 -22.80 1.94 4.81
C ASN A 484 -24.10 2.43 5.43
N ALA A 485 -24.93 3.14 4.67
CA ALA A 485 -26.12 3.72 5.26
C ALA A 485 -27.25 2.72 5.44
N SER A 486 -27.45 1.82 4.47
CA SER A 486 -28.57 0.88 4.50
C SER A 486 -28.06 -0.53 4.29
N MET A 487 -27.73 -1.22 5.37
CA MET A 487 -27.18 -2.56 5.26
C MET A 487 -28.26 -3.61 5.04
N GLY A 488 -29.47 -3.34 5.49
CA GLY A 488 -30.47 -4.39 5.51
C GLY A 488 -31.42 -4.40 4.33
N LYS A 489 -31.48 -3.31 3.59
CA LYS A 489 -32.41 -3.18 2.49
C LYS A 489 -31.70 -3.41 1.17
N TYR A 490 -32.49 -3.78 0.16
CA TYR A 490 -32.04 -3.72 -1.22
C TYR A 490 -32.40 -2.35 -1.75
N LYS A 491 -31.43 -1.62 -2.25
CA LYS A 491 -31.67 -0.25 -2.68
C LYS A 491 -31.28 -0.08 -4.13
N VAL A 492 -32.07 0.70 -4.85
CA VAL A 492 -31.82 0.99 -6.25
C VAL A 492 -30.85 2.16 -6.35
N ILE A 493 -29.75 1.96 -7.06
CA ILE A 493 -28.68 2.93 -7.16
C ILE A 493 -28.46 3.22 -8.63
N PRO A 494 -28.75 4.42 -9.12
CA PRO A 494 -28.60 4.69 -10.55
C PRO A 494 -27.17 5.07 -10.93
N ILE A 495 -26.81 4.67 -12.14
CA ILE A 495 -25.51 5.02 -12.72
C ILE A 495 -25.69 6.31 -13.49
N THR A 496 -25.12 7.39 -12.98
CA THR A 496 -25.35 8.69 -13.65
C THR A 496 -24.05 9.48 -13.77
N ASN A 497 -24.12 10.56 -14.54
CA ASN A 497 -23.00 11.47 -14.76
C ASN A 497 -23.54 12.81 -15.21
N ARG A 498 -22.70 13.84 -15.10
CA ARG A 498 -23.01 15.17 -15.62
C ARG A 498 -21.89 15.61 -16.55
N VAL A 499 -22.25 16.10 -17.73
CA VAL A 499 -21.31 16.32 -18.82
C VAL A 499 -21.63 17.65 -19.48
N VAL A 500 -20.65 18.24 -20.16
CA VAL A 500 -20.77 19.61 -20.68
C VAL A 500 -20.12 19.67 -22.06
N ASN A 501 -20.80 20.27 -23.03
CA ASN A 501 -20.26 20.38 -24.39
C ASN A 501 -19.47 21.69 -24.52
N GLU A 502 -19.12 22.08 -25.74
CA GLU A 502 -18.22 23.21 -25.94
C GLU A 502 -18.93 24.57 -25.94
N LYS A 503 -20.24 24.60 -25.68
CA LYS A 503 -20.96 25.86 -25.57
C LYS A 503 -21.39 26.16 -24.15
N GLY A 504 -21.15 25.26 -23.22
CA GLY A 504 -21.51 25.48 -21.83
C GLY A 504 -22.81 24.85 -21.39
N GLU A 505 -23.43 24.02 -22.22
CA GLU A 505 -24.71 23.41 -21.90
C GLU A 505 -24.49 22.13 -21.10
N SER A 506 -25.06 22.07 -19.90
CA SER A 506 -24.92 20.90 -19.06
C SER A 506 -25.96 19.84 -19.41
N PHE A 507 -25.52 18.61 -19.49
CA PHE A 507 -26.37 17.45 -19.70
C PHE A 507 -26.24 16.52 -18.51
N ASP A 508 -27.34 15.90 -18.12
CA ASP A 508 -27.31 14.76 -17.22
C ASP A 508 -27.42 13.50 -18.06
N MET A 509 -26.47 12.59 -17.88
CA MET A 509 -26.47 11.30 -18.56
C MET A 509 -26.89 10.24 -17.57
N LEU A 510 -27.87 9.42 -17.95
CA LEU A 510 -28.24 8.22 -17.21
C LEU A 510 -27.71 7.02 -17.96
N TYR A 511 -26.89 6.20 -17.30
CA TYR A 511 -26.25 5.07 -17.95
C TYR A 511 -26.86 3.73 -17.59
N GLY A 512 -27.60 3.65 -16.51
CA GLY A 512 -28.20 2.40 -16.09
C GLY A 512 -28.58 2.46 -14.63
N LEU A 513 -29.14 1.36 -14.15
CA LEU A 513 -29.53 1.22 -12.77
C LEU A 513 -28.84 0.03 -12.13
N ALA A 514 -28.82 0.00 -10.80
CA ALA A 514 -28.10 -1.06 -10.10
C ALA A 514 -28.80 -1.38 -8.79
N VAL A 515 -28.73 -2.65 -8.40
CA VAL A 515 -29.32 -3.17 -7.18
C VAL A 515 -28.19 -3.56 -6.23
N LYS A 516 -28.25 -3.05 -5.00
CA LYS A 516 -27.29 -3.39 -3.96
C LYS A 516 -27.93 -4.41 -3.03
N GLY A 517 -27.16 -5.43 -2.65
CA GLY A 517 -27.65 -6.50 -1.81
C GLY A 517 -27.71 -6.12 -0.35
N GLN A 518 -27.48 -7.10 0.51
CA GLN A 518 -27.40 -6.87 1.95
C GLN A 518 -25.94 -6.63 2.33
N SER A 519 -25.62 -5.39 2.69
CA SER A 519 -24.23 -5.04 2.92
C SER A 519 -23.87 -5.02 4.39
N HIS A 520 -23.92 -6.18 5.05
CA HIS A 520 -23.41 -6.31 6.41
C HIS A 520 -21.94 -6.69 6.35
N LEU A 521 -21.13 -5.74 5.93
CA LEU A 521 -19.72 -5.97 5.65
C LEU A 521 -18.94 -5.59 6.91
N ARG A 522 -18.57 -6.60 7.70
CA ARG A 522 -17.80 -6.34 8.91
C ARG A 522 -16.32 -6.21 8.58
N GLY A 523 -15.72 -7.26 8.02
CA GLY A 523 -14.35 -7.17 7.57
C GLY A 523 -14.25 -6.39 6.29
N ASP A 524 -13.01 -6.06 5.92
CA ASP A 524 -12.77 -5.23 4.75
C ASP A 524 -12.82 -5.99 3.43
N THR A 525 -13.06 -7.30 3.45
CA THR A 525 -13.11 -8.07 2.21
C THR A 525 -14.39 -8.89 2.11
N ASP A 526 -15.43 -8.51 2.84
CA ASP A 526 -16.73 -9.12 2.65
C ASP A 526 -17.36 -8.55 1.40
N VAL A 527 -18.02 -9.40 0.63
CA VAL A 527 -18.51 -9.06 -0.71
C VAL A 527 -19.98 -8.65 -0.61
N VAL A 528 -20.33 -7.55 -1.26
CA VAL A 528 -21.71 -7.15 -1.49
C VAL A 528 -22.01 -7.37 -2.96
N THR A 529 -23.26 -7.73 -3.24
CA THR A 529 -23.71 -8.11 -4.58
C THR A 529 -24.36 -6.91 -5.27
N VAL A 530 -23.85 -6.56 -6.43
CA VAL A 530 -24.37 -5.46 -7.23
C VAL A 530 -24.87 -6.05 -8.54
N VAL A 531 -26.14 -5.85 -8.85
CA VAL A 531 -26.71 -6.28 -10.11
C VAL A 531 -26.86 -5.05 -10.98
N THR A 532 -26.32 -5.11 -12.19
CA THR A 532 -26.17 -3.93 -13.04
C THR A 532 -26.97 -4.10 -14.32
N PHE A 533 -27.78 -3.08 -14.65
CA PHE A 533 -28.55 -3.01 -15.89
C PHE A 533 -28.10 -1.74 -16.60
N GLU A 534 -27.44 -1.89 -17.74
CA GLU A 534 -26.82 -0.75 -18.42
C GLU A 534 -27.29 -0.67 -19.86
N PHE A 535 -27.55 0.54 -20.34
CA PHE A 535 -27.96 0.70 -21.71
C PHE A 535 -26.74 0.62 -22.62
N SER A 536 -26.97 0.24 -23.86
CA SER A 536 -25.92 0.21 -24.87
C SER A 536 -26.55 0.21 -26.25
N SER A 537 -25.72 0.28 -27.26
CA SER A 537 -26.14 0.14 -28.65
C SER A 537 -25.32 -0.91 -29.38
N THR A 538 -24.30 -1.46 -28.74
CA THR A 538 -23.46 -2.48 -29.35
C THR A 538 -24.21 -3.79 -29.46
N ASP A 539 -24.26 -4.35 -30.67
CA ASP A 539 -24.92 -5.63 -30.88
C ASP A 539 -24.11 -6.72 -30.20
N PRO A 540 -24.68 -7.46 -29.22
CA PRO A 540 -23.91 -8.48 -28.52
C PRO A 540 -23.67 -9.76 -29.31
N ARG A 541 -24.15 -9.86 -30.55
CA ARG A 541 -23.88 -10.99 -31.40
C ARG A 541 -22.80 -10.72 -32.42
N VAL A 542 -22.29 -9.49 -32.49
CA VAL A 542 -21.18 -9.17 -33.38
C VAL A 542 -19.89 -9.78 -32.87
N ASP A 543 -19.60 -9.58 -31.58
CA ASP A 543 -18.43 -10.13 -30.91
C ASP A 543 -18.96 -11.00 -29.77
N SER A 544 -19.26 -12.26 -30.09
CA SER A 544 -19.95 -13.11 -29.13
C SER A 544 -19.04 -13.62 -28.03
N GLY A 545 -17.74 -13.74 -28.28
CA GLY A 545 -16.83 -14.24 -27.27
C GLY A 545 -16.45 -13.23 -26.21
N LYS A 546 -16.97 -12.03 -26.28
CA LYS A 546 -16.70 -10.98 -25.30
C LYS A 546 -17.71 -10.97 -24.17
N TRP A 547 -18.94 -11.44 -24.42
CA TRP A 547 -20.03 -11.35 -23.45
C TRP A 547 -20.61 -12.70 -23.05
N PRO A 548 -19.88 -13.55 -22.30
CA PRO A 548 -20.55 -14.71 -21.73
C PRO A 548 -21.06 -14.45 -20.33
N LYS A 549 -20.72 -13.29 -19.78
CA LYS A 549 -21.09 -12.91 -18.44
C LYS A 549 -22.39 -12.13 -18.37
N TYR A 550 -23.02 -11.84 -19.51
CA TYR A 550 -24.09 -10.86 -19.61
C TYR A 550 -25.36 -11.49 -20.16
N THR A 551 -26.50 -10.91 -19.77
CA THR A 551 -27.80 -11.26 -20.31
C THR A 551 -28.37 -10.00 -20.98
N VAL A 552 -28.56 -10.06 -22.29
CA VAL A 552 -28.88 -8.89 -23.08
C VAL A 552 -30.30 -9.01 -23.60
N PHE A 553 -31.09 -7.95 -23.38
CA PHE A 553 -32.39 -7.77 -23.97
C PHE A 553 -32.32 -6.65 -25.00
N ARG A 554 -33.33 -6.56 -25.85
CA ARG A 554 -33.43 -5.48 -26.81
C ARG A 554 -34.64 -4.65 -26.43
N ILE A 555 -34.41 -3.44 -25.91
CA ILE A 555 -35.50 -2.69 -25.29
C ILE A 555 -35.89 -1.45 -26.07
N GLY A 556 -35.24 -1.13 -27.18
CA GLY A 556 -35.86 -0.10 -28.00
C GLY A 556 -34.97 0.52 -29.05
N SER A 557 -35.25 1.79 -29.36
CA SER A 557 -34.54 2.51 -30.41
C SER A 557 -34.41 3.98 -30.02
N LEU A 558 -33.39 4.62 -30.58
CA LEU A 558 -33.13 6.03 -30.38
C LEU A 558 -32.84 6.70 -31.71
N PHE A 559 -32.90 8.03 -31.70
CA PHE A 559 -32.49 8.86 -32.83
C PHE A 559 -31.23 9.62 -32.43
N VAL A 560 -30.10 9.30 -33.04
CA VAL A 560 -28.87 10.03 -32.74
C VAL A 560 -28.82 11.33 -33.54
N SER A 561 -28.99 11.23 -34.86
CA SER A 561 -29.08 12.44 -35.69
C SER A 561 -30.10 12.30 -36.79
N GLY A 562 -31.09 11.42 -36.65
CA GLY A 562 -32.05 11.16 -37.70
C GLY A 562 -32.16 9.67 -38.00
N ARG A 563 -31.14 8.92 -37.63
CA ARG A 563 -31.10 7.48 -37.86
C ARG A 563 -31.39 6.72 -36.57
N GLU A 564 -31.98 5.53 -36.73
CA GLU A 564 -32.35 4.70 -35.59
C GLU A 564 -31.15 3.88 -35.13
N LYS A 565 -30.86 3.96 -33.85
CA LYS A 565 -29.92 3.05 -33.20
C LYS A 565 -30.70 2.15 -32.27
N SER A 566 -30.42 0.85 -32.33
CA SER A 566 -31.04 -0.06 -31.38
C SER A 566 -30.46 0.16 -30.00
N VAL A 567 -31.26 -0.09 -28.98
CA VAL A 567 -30.89 0.11 -27.60
C VAL A 567 -31.10 -1.20 -26.87
N TYR A 568 -30.01 -1.76 -26.35
CA TYR A 568 -29.93 -3.01 -25.64
C TYR A 568 -29.69 -2.74 -24.16
N LEU A 569 -30.05 -3.71 -23.34
CA LEU A 569 -29.88 -3.64 -21.90
C LEU A 569 -29.02 -4.80 -21.46
N TYR A 570 -27.82 -4.50 -20.96
CA TYR A 570 -26.90 -5.52 -20.47
C TYR A 570 -27.10 -5.69 -18.97
N CYS A 571 -27.48 -6.91 -18.56
CA CYS A 571 -27.78 -7.23 -17.16
C CYS A 571 -26.77 -8.23 -16.65
N ARG A 572 -26.28 -8.02 -15.43
CA ARG A 572 -25.22 -8.87 -14.93
C ARG A 572 -25.21 -8.86 -13.41
N VAL A 573 -25.02 -10.03 -12.81
CA VAL A 573 -24.79 -10.12 -11.38
C VAL A 573 -23.29 -9.97 -11.14
N ASN A 574 -22.92 -9.16 -10.16
CA ASN A 574 -21.56 -8.69 -10.01
C ASN A 574 -21.33 -8.49 -8.52
N GLY A 575 -20.10 -8.14 -8.14
CA GLY A 575 -19.88 -7.96 -6.73
C GLY A 575 -18.65 -7.13 -6.46
N THR A 576 -18.53 -6.68 -5.21
CA THR A 576 -17.43 -5.80 -4.83
C THR A 576 -17.26 -5.83 -3.31
N ASN A 577 -16.07 -5.46 -2.84
CA ASN A 577 -15.85 -5.30 -1.40
C ASN A 577 -15.52 -3.83 -1.11
N LYS A 578 -15.37 -3.52 0.18
CA LYS A 578 -15.24 -2.13 0.62
C LYS A 578 -13.93 -1.49 0.18
N ILE A 579 -12.90 -2.29 -0.05
CA ILE A 579 -11.62 -1.74 -0.47
C ILE A 579 -11.69 -1.25 -1.91
N GLN A 580 -12.39 -2.00 -2.77
CA GLN A 580 -12.52 -1.56 -4.16
C GLN A 580 -13.47 -0.39 -4.30
N MET A 581 -14.51 -0.33 -3.47
CA MET A 581 -15.40 0.84 -3.50
C MET A 581 -14.70 2.06 -2.94
N LYS A 582 -13.87 1.88 -1.90
CA LYS A 582 -13.14 3.00 -1.34
C LYS A 582 -12.07 3.51 -2.29
N TRP A 583 -11.39 2.61 -3.00
CA TRP A 583 -10.47 3.03 -4.05
C TRP A 583 -11.18 3.46 -5.32
N GLY A 584 -12.48 3.26 -5.41
CA GLY A 584 -13.22 3.73 -6.57
C GLY A 584 -13.48 5.21 -6.54
N MET A 585 -13.75 5.77 -5.35
CA MET A 585 -13.96 7.20 -5.21
C MET A 585 -12.70 8.00 -5.50
N GLU A 586 -11.54 7.37 -5.41
CA GLU A 586 -10.25 8.00 -5.64
C GLU A 586 -9.69 7.61 -7.00
N ALA A 587 -10.53 7.52 -8.03
CA ALA A 587 -10.01 7.25 -9.37
C ALA A 587 -9.47 8.49 -10.05
N ARG A 588 -9.66 9.66 -9.45
CA ARG A 588 -9.03 10.88 -9.95
C ARG A 588 -7.52 10.91 -9.74
N ARG A 589 -6.97 9.97 -8.97
CA ARG A 589 -5.52 9.74 -8.96
C ARG A 589 -5.01 9.29 -10.32
N CYS A 590 -5.89 8.80 -11.20
CA CYS A 590 -5.52 8.54 -12.58
C CYS A 590 -5.15 9.79 -13.35
N LEU A 591 -5.46 10.99 -12.83
CA LEU A 591 -4.88 12.20 -13.41
C LEU A 591 -3.45 12.38 -12.96
N LEU A 592 -3.19 12.17 -11.65
CA LEU A 592 -1.92 12.53 -11.05
C LEU A 592 -0.76 11.74 -11.64
N GLN A 593 -0.87 10.41 -11.61
CA GLN A 593 0.11 9.53 -12.24
C GLN A 593 0.25 9.80 -13.73
N SER A 594 -0.76 10.36 -14.38
CA SER A 594 -0.57 10.80 -15.75
C SER A 594 0.27 12.05 -15.80
N MET A 595 -0.11 13.08 -15.04
CA MET A 595 0.50 14.41 -15.13
C MET A 595 1.96 14.38 -14.71
N GLN A 596 2.23 13.70 -13.60
CA GLN A 596 3.58 13.43 -13.13
C GLN A 596 4.44 12.79 -14.22
N GLN A 597 3.89 11.77 -14.88
CA GLN A 597 4.60 11.09 -15.96
C GLN A 597 4.88 12.01 -17.12
N MET A 598 3.96 12.95 -17.38
CA MET A 598 4.14 13.95 -18.44
C MET A 598 5.39 14.78 -18.19
N GLU A 599 5.62 15.16 -16.93
CA GLU A 599 6.76 16.02 -16.63
C GLU A 599 8.06 15.27 -16.82
N ALA A 600 8.04 13.95 -16.63
CA ALA A 600 9.24 13.17 -16.88
C ALA A 600 9.58 13.11 -18.37
N ILE A 601 8.61 13.39 -19.24
CA ILE A 601 8.91 13.51 -20.65
C ILE A 601 9.28 14.94 -21.02
N VAL A 602 8.93 15.92 -20.19
CA VAL A 602 9.25 17.30 -20.55
C VAL A 602 10.66 17.65 -20.14
N GLU A 603 11.05 17.28 -18.92
CA GLU A 603 12.33 17.69 -18.37
C GLU A 603 13.51 17.04 -19.07
N GLN A 604 13.33 15.84 -19.64
CA GLN A 604 14.36 15.25 -20.49
C GLN A 604 14.59 16.09 -21.74
N GLU A 605 13.51 16.66 -22.30
CA GLU A 605 13.67 17.66 -23.35
C GLU A 605 14.36 18.91 -22.82
N SER A 606 14.13 19.24 -21.54
CA SER A 606 14.87 20.32 -20.88
C SER A 606 16.28 19.89 -20.48
N SER A 607 16.71 18.69 -20.86
CA SER A 607 18.12 18.34 -20.88
C SER A 607 18.79 18.72 -22.18
N ILE A 608 18.08 19.43 -23.07
CA ILE A 608 18.63 19.86 -24.35
C ILE A 608 18.87 21.37 -24.37
N GLN A 609 17.89 22.15 -23.93
CA GLN A 609 17.98 23.61 -24.00
C GLN A 609 17.76 24.25 -22.63
N GLY A 610 17.54 25.56 -22.60
CA GLY A 610 17.48 26.28 -21.34
C GLY A 610 16.22 27.08 -21.05
N TYR A 611 15.05 26.54 -21.38
CA TYR A 611 13.77 27.17 -21.03
C TYR A 611 12.71 26.08 -20.98
N ASP A 612 11.48 26.49 -20.63
CA ASP A 612 10.36 25.56 -20.53
C ASP A 612 9.94 25.13 -21.92
N MET A 613 10.25 23.89 -22.28
CA MET A 613 9.96 23.34 -23.60
C MET A 613 8.58 22.73 -23.71
N THR A 614 7.63 23.15 -22.88
CA THR A 614 6.25 22.66 -22.99
C THR A 614 5.62 23.13 -24.29
N LYS A 615 5.77 24.42 -24.60
CA LYS A 615 5.26 24.98 -25.84
C LYS A 615 6.01 24.43 -27.05
N ALA A 616 7.29 24.08 -26.87
CA ALA A 616 8.08 23.52 -27.96
C ALA A 616 7.63 22.10 -28.28
N CYS A 617 7.35 21.30 -27.26
CA CYS A 617 6.84 19.95 -27.49
C CYS A 617 5.39 19.97 -27.97
N PHE A 618 4.63 21.00 -27.62
CA PHE A 618 3.24 21.07 -28.06
C PHE A 618 3.07 21.77 -29.40
N LYS A 619 3.70 22.93 -29.61
CA LYS A 619 3.55 23.63 -30.89
C LYS A 619 4.88 23.94 -31.56
N GLY A 620 5.87 24.33 -30.77
CA GLY A 620 7.14 24.72 -31.34
C GLY A 620 7.16 26.15 -31.84
N ASP A 621 8.28 26.51 -32.46
CA ASP A 621 8.47 27.83 -33.03
C ASP A 621 9.40 27.73 -34.24
N ARG A 622 10.02 28.85 -34.64
CA ARG A 622 11.01 28.84 -35.72
C ARG A 622 12.24 28.00 -35.38
N VAL A 623 12.51 27.77 -34.10
CA VAL A 623 13.60 26.89 -33.67
C VAL A 623 13.09 25.46 -33.61
N ASN A 624 12.08 25.22 -32.80
CA ASN A 624 11.66 23.86 -32.48
C ASN A 624 10.67 23.34 -33.52
N SER A 625 10.03 22.22 -33.19
CA SER A 625 9.05 21.56 -34.03
C SER A 625 8.16 20.73 -33.13
N PRO A 626 6.94 20.38 -33.59
CA PRO A 626 6.15 19.39 -32.86
C PRO A 626 6.84 18.04 -32.81
N LYS A 627 7.19 17.59 -31.61
CA LYS A 627 7.86 16.32 -31.41
C LYS A 627 6.88 15.19 -31.68
N THR A 628 6.97 14.58 -32.85
CA THR A 628 6.10 13.47 -33.18
C THR A 628 6.51 12.24 -32.39
N PHE A 629 5.52 11.55 -31.84
CA PHE A 629 5.74 10.33 -31.08
C PHE A 629 5.32 9.13 -31.90
N SER A 630 5.92 7.99 -31.62
CA SER A 630 5.41 6.75 -32.19
C SER A 630 4.17 6.35 -31.41
N ILE A 631 3.04 6.24 -32.10
CA ILE A 631 1.77 6.09 -31.40
C ILE A 631 1.13 4.72 -31.60
N GLY A 632 1.48 3.99 -32.64
CA GLY A 632 0.73 2.80 -32.98
C GLY A 632 1.09 2.32 -34.36
N THR A 633 0.45 1.22 -34.75
CA THR A 633 0.86 0.46 -35.93
C THR A 633 -0.35 0.24 -36.85
N GLN A 634 -0.54 1.14 -37.80
CA GLN A 634 -1.53 0.94 -38.84
C GLN A 634 -0.93 0.11 -39.96
N GLU A 635 -1.58 -1.00 -40.29
CA GLU A 635 -1.33 -1.92 -41.40
C GLU A 635 0.07 -2.57 -41.39
N GLY A 636 0.84 -2.39 -40.33
CA GLY A 636 2.17 -2.96 -40.26
C GLY A 636 3.26 -1.91 -40.17
N LYS A 637 3.09 -0.83 -40.92
CA LYS A 637 3.99 0.31 -40.85
C LYS A 637 3.75 1.07 -39.54
N LEU A 638 4.76 1.82 -39.12
CA LEU A 638 4.61 2.67 -37.94
C LEU A 638 3.72 3.87 -38.26
N VAL A 639 3.21 4.48 -37.19
CA VAL A 639 2.38 5.69 -37.30
C VAL A 639 2.81 6.65 -36.20
N LYS A 640 3.04 7.91 -36.57
CA LYS A 640 3.48 8.94 -35.65
C LYS A 640 2.31 9.86 -35.30
N GLY A 641 2.06 10.01 -34.01
CA GLY A 641 1.11 10.97 -33.49
C GLY A 641 1.80 12.15 -32.88
N SER A 642 1.04 12.92 -32.10
CA SER A 642 1.47 14.15 -31.48
C SER A 642 1.67 13.93 -29.97
N PHE A 643 1.97 15.02 -29.26
CA PHE A 643 2.19 14.90 -27.82
C PHE A 643 0.87 14.75 -27.08
N GLY A 644 -0.20 15.36 -27.56
CA GLY A 644 -1.49 15.21 -26.90
C GLY A 644 -2.04 13.81 -27.03
N LYS A 645 -1.81 13.18 -28.18
CA LYS A 645 -2.26 11.81 -28.39
C LYS A 645 -1.50 10.84 -27.49
N ALA A 646 -0.21 11.10 -27.28
CA ALA A 646 0.57 10.30 -26.37
C ALA A 646 0.14 10.50 -24.93
N LEU A 647 -0.25 11.73 -24.57
CA LEU A 647 -0.78 11.99 -23.24
C LEU A 647 -2.10 11.26 -23.00
N ARG A 648 -2.94 11.17 -24.03
CA ARG A 648 -4.19 10.44 -23.87
C ARG A 648 -3.97 8.94 -23.79
N VAL A 649 -2.96 8.41 -24.49
CA VAL A 649 -2.62 6.99 -24.35
C VAL A 649 -2.08 6.69 -22.95
N ILE A 650 -1.29 7.60 -22.39
CA ILE A 650 -0.80 7.44 -21.02
C ILE A 650 -1.94 7.48 -20.01
N PHE A 651 -2.89 8.41 -20.22
CA PHE A 651 -4.03 8.52 -19.30
C PHE A 651 -4.93 7.30 -19.38
N THR A 652 -5.15 6.76 -20.57
CA THR A 652 -5.92 5.53 -20.69
C THR A 652 -5.18 4.33 -20.13
N LYS A 653 -3.84 4.33 -20.18
CA LYS A 653 -3.09 3.26 -19.56
C LYS A 653 -3.21 3.29 -18.05
N CYS A 654 -3.18 4.49 -17.45
CA CYS A 654 -3.41 4.60 -16.01
C CYS A 654 -4.83 4.19 -15.64
N LEU A 655 -5.80 4.56 -16.47
CA LEU A 655 -7.19 4.22 -16.18
C LEU A 655 -7.43 2.73 -16.28
N MET A 656 -6.87 2.07 -17.29
CA MET A 656 -7.03 0.62 -17.41
C MET A 656 -6.19 -0.15 -16.41
N HIS A 657 -5.16 0.47 -15.83
CA HIS A 657 -4.56 -0.12 -14.63
C HIS A 657 -5.50 -0.02 -13.45
N TYR A 658 -6.32 1.03 -13.37
CA TYR A 658 -7.30 1.06 -12.29
C TYR A 658 -8.41 0.04 -12.53
N VAL A 659 -8.97 0.00 -13.73
CA VAL A 659 -10.17 -0.78 -14.00
C VAL A 659 -9.86 -2.27 -13.97
N PHE A 660 -8.80 -2.68 -14.67
CA PHE A 660 -8.44 -4.09 -14.83
C PHE A 660 -7.31 -4.51 -13.91
N GLY A 661 -7.23 -3.97 -12.71
CA GLY A 661 -6.09 -4.22 -11.86
C GLY A 661 -6.35 -5.11 -10.67
N ASN A 662 -5.61 -6.22 -10.58
CA ASN A 662 -5.59 -7.08 -9.40
C ASN A 662 -4.16 -7.55 -9.21
N ALA A 663 -3.94 -8.63 -8.47
CA ALA A 663 -2.59 -9.09 -8.17
C ALA A 663 -1.83 -9.60 -9.38
N GLN A 664 -2.54 -10.07 -10.42
CA GLN A 664 -1.86 -10.49 -11.64
C GLN A 664 -1.20 -9.33 -12.36
N LEU A 665 -1.82 -8.16 -12.34
CA LEU A 665 -1.22 -6.98 -12.97
C LEU A 665 -0.01 -6.51 -12.20
N GLU A 666 -0.08 -6.57 -10.86
CA GLU A 666 1.05 -6.21 -10.01
C GLU A 666 2.26 -7.11 -10.27
N GLY A 667 2.03 -8.43 -10.24
CA GLY A 667 3.12 -9.35 -10.48
C GLY A 667 3.69 -9.27 -11.88
N PHE A 668 2.82 -9.09 -12.88
CA PHE A 668 3.30 -9.01 -14.26
C PHE A 668 4.13 -7.75 -14.51
N SER A 669 3.68 -6.61 -13.97
CA SER A 669 4.43 -5.36 -14.12
C SER A 669 5.79 -5.47 -13.46
N ALA A 670 5.82 -5.99 -12.23
CA ALA A 670 7.07 -6.07 -11.50
C ALA A 670 8.04 -7.07 -12.10
N GLU A 671 7.55 -8.12 -12.77
CA GLU A 671 8.48 -9.08 -13.37
C GLU A 671 8.87 -8.74 -14.79
N SER A 672 8.11 -7.90 -15.51
CA SER A 672 8.54 -7.52 -16.85
C SER A 672 9.31 -6.21 -16.89
N ARG A 673 9.35 -5.45 -15.79
CA ARG A 673 10.17 -4.23 -15.76
C ARG A 673 11.66 -4.54 -15.92
N ARG A 674 12.12 -5.66 -15.34
CA ARG A 674 13.52 -6.05 -15.52
C ARG A 674 13.83 -6.43 -16.95
N LEU A 675 12.86 -7.00 -17.66
CA LEU A 675 13.03 -7.30 -19.06
C LEU A 675 13.08 -6.02 -19.90
N LEU A 676 12.27 -5.03 -19.53
CA LEU A 676 12.33 -3.74 -20.21
C LEU A 676 13.67 -3.05 -19.98
N LEU A 677 14.21 -3.14 -18.77
CA LEU A 677 15.54 -2.57 -18.52
C LEU A 677 16.63 -3.32 -19.25
N LEU A 678 16.49 -4.63 -19.45
CA LEU A 678 17.45 -5.35 -20.28
C LEU A 678 17.37 -4.93 -21.74
N ILE A 679 16.16 -4.66 -22.23
CA ILE A 679 16.04 -4.22 -23.62
C ILE A 679 16.59 -2.81 -23.79
N GLN A 680 16.41 -1.96 -22.77
CA GLN A 680 17.05 -0.64 -22.79
C GLN A 680 18.57 -0.77 -22.77
N ALA A 681 19.09 -1.76 -22.04
CA ALA A 681 20.53 -1.99 -22.04
C ALA A 681 21.03 -2.48 -23.40
N LEU A 682 20.22 -3.23 -24.12
CA LEU A 682 20.64 -3.67 -25.46
C LEU A 682 20.52 -2.54 -26.48
N LYS A 683 19.60 -1.60 -26.29
CA LYS A 683 19.48 -0.47 -27.21
C LYS A 683 20.66 0.47 -27.08
N ASP A 684 21.15 0.67 -25.86
CA ASP A 684 22.24 1.60 -25.59
C ASP A 684 23.61 1.00 -25.88
N ARG A 685 23.66 -0.29 -26.21
CA ARG A 685 24.90 -1.07 -26.33
C ARG A 685 25.73 -0.99 -25.06
N LYS A 686 25.06 -1.10 -23.91
CA LYS A 686 25.76 -1.34 -22.67
C LYS A 686 26.25 -2.77 -22.57
N GLY A 687 25.73 -3.67 -23.39
CA GLY A 687 26.16 -5.05 -23.43
C GLY A 687 25.80 -5.84 -22.19
N PRO A 688 24.52 -6.12 -21.99
CA PRO A 688 24.12 -6.78 -20.75
C PRO A 688 24.52 -8.24 -20.71
N TRP A 689 24.77 -8.73 -19.50
CA TRP A 689 25.01 -10.13 -19.22
C TRP A 689 23.92 -10.63 -18.30
N VAL A 690 23.47 -11.86 -18.53
CA VAL A 690 22.37 -12.42 -17.76
C VAL A 690 22.86 -13.69 -17.07
N PHE A 691 22.18 -14.06 -15.99
CA PHE A 691 22.58 -15.22 -15.19
C PHE A 691 21.60 -16.37 -15.29
N ASP A 692 20.30 -16.10 -15.25
CA ASP A 692 19.28 -17.14 -15.46
C ASP A 692 18.08 -16.47 -16.12
N LEU A 693 18.04 -16.50 -17.45
CA LEU A 693 16.98 -15.81 -18.18
C LEU A 693 15.68 -16.60 -18.15
N GLU A 694 15.75 -17.93 -18.10
CA GLU A 694 14.57 -18.77 -18.00
C GLU A 694 13.81 -18.52 -16.71
N GLY A 695 14.51 -18.13 -15.65
CA GLY A 695 13.83 -17.78 -14.42
C GLY A 695 13.07 -16.48 -14.50
N MET A 696 13.65 -15.47 -15.18
CA MET A 696 12.93 -14.22 -15.42
C MET A 696 11.69 -14.45 -16.26
N TYR A 697 11.84 -15.25 -17.31
CA TYR A 697 10.71 -15.50 -18.20
C TYR A 697 9.62 -16.33 -17.51
N SER A 698 10.01 -17.34 -16.73
CA SER A 698 9.01 -18.13 -16.02
C SER A 698 8.40 -17.38 -14.85
N GLY A 699 9.08 -16.37 -14.32
CA GLY A 699 8.44 -15.51 -13.35
C GLY A 699 7.46 -14.56 -13.98
N ILE A 700 7.70 -14.18 -15.24
CA ILE A 700 6.72 -13.39 -15.96
C ILE A 700 5.50 -14.23 -16.31
N GLU A 701 5.70 -15.41 -16.87
CA GLU A 701 4.63 -16.15 -17.51
C GLU A 701 3.73 -16.92 -16.56
N GLU A 702 3.90 -16.78 -15.25
CA GLU A 702 2.90 -17.30 -14.32
C GLU A 702 1.91 -16.23 -13.90
N CYS A 703 2.05 -15.02 -14.42
CA CYS A 703 1.15 -13.91 -14.14
C CYS A 703 0.12 -13.70 -15.22
N ILE A 704 0.23 -14.40 -16.34
CA ILE A 704 -0.68 -14.25 -17.47
C ILE A 704 -1.67 -15.39 -17.36
N SER A 705 -2.82 -15.18 -16.70
CA SER A 705 -3.82 -16.23 -16.60
C SER A 705 -5.10 -15.78 -17.28
N ASN A 706 -5.83 -14.81 -16.73
CA ASN A 706 -7.10 -14.41 -17.32
C ASN A 706 -7.40 -12.92 -17.15
N ASN A 707 -6.42 -12.13 -16.81
CA ASN A 707 -6.62 -10.68 -16.81
C ASN A 707 -6.56 -10.20 -18.25
N PRO A 708 -7.52 -9.38 -18.69
CA PRO A 708 -7.45 -8.90 -20.08
C PRO A 708 -6.32 -7.93 -20.34
N TRP A 709 -5.99 -7.07 -19.38
CA TRP A 709 -4.93 -6.11 -19.58
C TRP A 709 -3.57 -6.79 -19.60
N VAL A 710 -3.39 -7.86 -18.84
CA VAL A 710 -2.09 -8.55 -18.80
C VAL A 710 -1.86 -9.33 -20.10
N ILE A 711 -2.92 -9.92 -20.65
CA ILE A 711 -2.79 -10.62 -21.92
C ILE A 711 -2.52 -9.63 -23.05
N GLN A 712 -3.24 -8.51 -23.07
CA GLN A 712 -2.98 -7.52 -24.11
C GLN A 712 -1.63 -6.83 -23.93
N SER A 713 -1.16 -6.68 -22.69
CA SER A 713 0.18 -6.15 -22.45
C SER A 713 1.24 -7.10 -22.95
N ALA A 714 1.01 -8.41 -22.82
CA ALA A 714 1.96 -9.38 -23.36
C ALA A 714 1.99 -9.35 -24.88
N TYR A 715 0.83 -9.21 -25.51
CA TYR A 715 0.75 -9.09 -26.97
C TYR A 715 1.47 -7.82 -27.46
N TRP A 716 1.22 -6.69 -26.80
CA TRP A 716 1.85 -5.43 -27.16
C TRP A 716 3.35 -5.45 -26.91
N PHE A 717 3.79 -6.15 -25.86
CA PHE A 717 5.21 -6.32 -25.61
C PHE A 717 5.86 -7.12 -26.71
N ASN A 718 5.20 -8.18 -27.19
CA ASN A 718 5.74 -8.97 -28.28
C ASN A 718 5.85 -8.16 -29.57
N GLU A 719 4.83 -7.34 -29.85
CA GLU A 719 4.85 -6.50 -31.05
C GLU A 719 5.96 -5.47 -31.00
N TRP A 720 6.11 -4.79 -29.86
CA TRP A 720 7.15 -3.79 -29.74
C TRP A 720 8.55 -4.39 -29.74
N LEU A 721 8.73 -5.57 -29.14
CA LEU A 721 10.02 -6.24 -29.20
C LEU A 721 10.35 -6.69 -30.62
N GLY A 722 9.34 -7.07 -31.41
CA GLY A 722 9.58 -7.35 -32.81
C GLY A 722 10.02 -6.11 -33.58
N PHE A 723 9.42 -4.96 -33.26
CA PHE A 723 9.86 -3.71 -33.88
C PHE A 723 11.29 -3.35 -33.48
N GLU A 724 11.65 -3.57 -32.21
CA GLU A 724 12.99 -3.22 -31.75
C GLU A 724 14.06 -4.14 -32.34
N LYS A 725 13.76 -5.44 -32.46
CA LYS A 725 14.67 -6.35 -33.15
C LYS A 725 14.83 -5.98 -34.61
N GLU A 726 13.72 -5.62 -35.28
CA GLU A 726 13.77 -5.26 -36.69
C GLU A 726 14.55 -3.97 -36.91
N GLY A 727 14.47 -3.03 -35.99
CA GLY A 727 15.25 -1.81 -36.09
C GLY A 727 16.65 -1.89 -35.55
N SER A 728 17.01 -2.99 -34.89
CA SER A 728 18.40 -3.20 -34.49
C SER A 728 19.30 -3.51 -35.68
N LYS A 729 18.79 -4.24 -36.67
CA LYS A 729 19.60 -4.64 -37.82
C LYS A 729 19.93 -3.48 -38.75
N VAL A 730 19.21 -2.37 -38.63
CA VAL A 730 19.50 -1.19 -39.44
C VAL A 730 20.61 -0.38 -38.77
N MET B 10 -5.96 2.14 -37.11
CA MET B 10 -4.69 2.45 -36.48
C MET B 10 -4.68 1.95 -35.05
N ASN B 11 -3.96 0.85 -34.83
CA ASN B 11 -3.97 0.17 -33.55
C ASN B 11 -3.04 0.85 -32.57
N ILE B 12 -3.59 1.40 -31.50
CA ILE B 12 -2.81 2.12 -30.51
C ILE B 12 -2.03 1.12 -29.68
N ASN B 13 -0.72 1.36 -29.53
CA ASN B 13 0.15 0.54 -28.70
C ASN B 13 0.83 1.48 -27.70
N PRO B 14 0.70 1.26 -26.40
CA PRO B 14 1.36 2.16 -25.45
C PRO B 14 2.85 1.96 -25.35
N TYR B 15 3.35 0.73 -25.57
CA TYR B 15 4.77 0.44 -25.45
C TYR B 15 5.62 1.16 -26.48
N PHE B 16 5.02 1.60 -27.59
CA PHE B 16 5.71 2.40 -28.58
C PHE B 16 6.20 3.74 -28.04
N LEU B 17 5.69 4.17 -26.87
CA LEU B 17 6.25 5.32 -26.17
C LEU B 17 7.75 5.18 -25.90
N PHE B 18 8.22 3.96 -25.72
CA PHE B 18 9.64 3.70 -25.50
C PHE B 18 10.48 3.79 -26.75
N ILE B 19 9.88 4.01 -27.93
CA ILE B 19 10.72 4.14 -29.11
C ILE B 19 11.32 5.54 -29.21
N ASP B 20 10.60 6.56 -28.74
CA ASP B 20 11.08 7.93 -28.79
C ASP B 20 11.46 8.49 -27.43
N VAL B 21 11.34 7.69 -26.36
CA VAL B 21 11.63 8.12 -24.99
C VAL B 21 12.48 7.03 -24.35
N PRO B 22 13.54 7.35 -23.61
CA PRO B 22 14.28 6.32 -22.87
C PRO B 22 13.41 5.67 -21.80
N ILE B 23 13.69 4.39 -21.53
CA ILE B 23 12.80 3.56 -20.71
C ILE B 23 12.86 4.00 -19.26
N GLN B 24 13.99 4.52 -18.80
CA GLN B 24 14.07 5.03 -17.44
C GLN B 24 13.22 6.28 -17.23
N ALA B 25 13.10 7.11 -18.27
CA ALA B 25 12.33 8.34 -18.14
C ALA B 25 10.83 8.05 -18.11
N ALA B 26 10.41 6.94 -18.68
CA ALA B 26 9.01 6.56 -18.73
C ALA B 26 8.76 5.25 -17.99
N ILE B 27 9.57 4.98 -16.96
CA ILE B 27 9.42 3.74 -16.21
C ILE B 27 8.25 3.79 -15.26
N SER B 28 7.71 4.98 -14.98
CA SER B 28 6.59 5.12 -14.07
C SER B 28 5.28 4.59 -14.63
N THR B 29 5.22 4.27 -15.92
CA THR B 29 4.07 3.56 -16.45
C THR B 29 4.15 2.07 -16.21
N THR B 30 5.30 1.55 -15.80
CA THR B 30 5.42 0.17 -15.37
C THR B 30 5.18 0.01 -13.88
N PHE B 31 4.73 1.07 -13.21
CA PHE B 31 4.24 1.01 -11.84
C PHE B 31 2.73 1.18 -11.88
N PRO B 32 1.95 0.12 -11.71
CA PRO B 32 0.48 0.25 -11.69
C PRO B 32 -0.03 0.68 -10.31
N TYR B 33 0.19 1.93 -9.97
CA TYR B 33 -0.14 2.43 -8.65
C TYR B 33 -1.51 3.07 -8.59
N THR B 34 -2.32 2.91 -9.63
CA THR B 34 -3.67 3.43 -9.62
C THR B 34 -4.71 2.36 -9.34
N GLY B 35 -4.28 1.10 -9.24
CA GLY B 35 -5.19 0.01 -8.97
C GLY B 35 -5.13 -0.43 -7.51
N VAL B 36 -5.95 -1.42 -7.19
CA VAL B 36 -6.13 -1.82 -5.80
C VAL B 36 -4.95 -2.70 -5.38
N PRO B 37 -4.32 -2.42 -4.25
CA PRO B 37 -3.31 -3.33 -3.73
C PRO B 37 -3.94 -4.60 -3.21
N PRO B 38 -3.33 -5.76 -3.45
CA PRO B 38 -4.00 -7.03 -3.13
C PRO B 38 -4.05 -7.31 -1.64
N TYR B 39 -5.24 -7.67 -1.16
CA TYR B 39 -5.45 -8.07 0.22
C TYR B 39 -5.58 -9.58 0.30
N SER B 40 -5.69 -10.10 1.52
CA SER B 40 -5.59 -11.53 1.79
C SER B 40 -6.78 -11.98 2.62
N HIS B 41 -7.83 -12.43 1.94
CA HIS B 41 -9.00 -12.98 2.62
C HIS B 41 -8.71 -14.41 3.04
N GLY B 42 -9.00 -14.74 4.30
CA GLY B 42 -8.77 -16.07 4.81
C GLY B 42 -7.76 -16.08 5.94
N THR B 43 -7.05 -17.19 6.06
CA THR B 43 -6.04 -17.38 7.08
C THR B 43 -4.64 -17.29 6.48
N GLY B 44 -3.70 -16.83 7.28
CA GLY B 44 -2.30 -16.89 6.91
C GLY B 44 -1.61 -18.04 7.58
N THR B 45 -2.38 -19.09 7.90
CA THR B 45 -1.80 -20.30 8.47
C THR B 45 -1.03 -21.08 7.42
N GLY B 46 -1.54 -21.12 6.18
CA GLY B 46 -0.84 -21.81 5.12
C GLY B 46 0.47 -21.14 4.75
N TYR B 47 0.49 -19.82 4.72
CA TYR B 47 1.71 -19.11 4.37
C TYR B 47 2.75 -19.18 5.48
N THR B 48 2.31 -19.18 6.73
CA THR B 48 3.23 -19.36 7.84
C THR B 48 3.83 -20.76 7.85
N ILE B 49 3.01 -21.79 7.58
CA ILE B 49 3.52 -23.15 7.46
C ILE B 49 4.51 -23.27 6.31
N ASP B 50 4.27 -22.56 5.22
CA ASP B 50 5.20 -22.57 4.10
C ASP B 50 6.51 -21.89 4.43
N THR B 51 6.47 -20.79 5.16
CA THR B 51 7.70 -20.09 5.56
C THR B 51 8.51 -20.91 6.54
N VAL B 52 7.83 -21.62 7.46
CA VAL B 52 8.49 -22.52 8.39
C VAL B 52 9.18 -23.67 7.64
N ILE B 53 8.51 -24.24 6.64
CA ILE B 53 9.07 -25.34 5.87
C ILE B 53 10.25 -24.87 5.03
N ARG B 54 10.15 -23.69 4.42
CA ARG B 54 11.25 -23.18 3.61
C ARG B 54 12.46 -22.84 4.45
N THR B 55 12.25 -22.29 5.65
CA THR B 55 13.34 -22.01 6.57
C THR B 55 14.04 -23.29 6.99
N HIS B 56 13.27 -24.31 7.37
CA HIS B 56 13.87 -25.57 7.79
C HIS B 56 14.34 -26.43 6.64
N GLU B 57 14.11 -26.01 5.40
CA GLU B 57 14.52 -26.78 4.23
C GLU B 57 15.90 -26.40 3.75
N TYR B 58 16.26 -25.13 3.87
CA TYR B 58 17.57 -24.63 3.48
C TYR B 58 18.66 -24.97 4.47
N SER B 59 18.31 -25.47 5.64
CA SER B 59 19.27 -25.72 6.69
C SER B 59 19.16 -27.13 7.25
N ASN B 60 18.51 -28.04 6.53
CA ASN B 60 18.27 -29.38 7.05
C ASN B 60 19.54 -30.22 7.12
N LYS B 61 20.60 -29.83 6.42
CA LYS B 61 21.86 -30.55 6.47
C LYS B 61 22.73 -30.15 7.65
N GLY B 62 22.23 -29.35 8.57
CA GLY B 62 22.98 -28.93 9.73
C GLY B 62 22.72 -29.80 10.94
N LYS B 63 23.26 -29.37 12.07
CA LYS B 63 23.15 -30.13 13.30
C LYS B 63 21.76 -29.95 13.89
N GLN B 64 21.05 -31.07 14.05
CA GLN B 64 19.70 -31.06 14.60
C GLN B 64 19.73 -31.67 16.00
N TYR B 65 19.10 -30.99 16.95
CA TYR B 65 19.14 -31.44 18.34
C TYR B 65 17.82 -31.05 19.00
N ILE B 66 17.80 -31.08 20.33
CA ILE B 66 16.60 -30.79 21.10
C ILE B 66 17.01 -29.84 22.23
N SER B 67 16.28 -28.74 22.36
CA SER B 67 16.55 -27.79 23.43
C SER B 67 16.20 -28.40 24.78
N ASP B 68 17.08 -28.16 25.76
CA ASP B 68 16.86 -28.61 27.13
C ASP B 68 16.23 -27.52 27.99
N VAL B 69 15.61 -26.53 27.36
CA VAL B 69 14.85 -25.50 28.04
C VAL B 69 13.38 -25.56 27.68
N THR B 70 13.08 -25.64 26.39
CA THR B 70 11.72 -25.65 25.86
C THR B 70 11.30 -26.98 25.29
N GLY B 71 12.23 -27.80 24.82
CA GLY B 71 11.92 -29.07 24.22
C GLY B 71 11.67 -29.04 22.73
N CYS B 72 11.84 -27.88 22.10
CA CYS B 72 11.60 -27.76 20.67
C CYS B 72 12.76 -28.35 19.88
N THR B 73 12.46 -28.88 18.71
CA THR B 73 13.49 -29.40 17.83
C THR B 73 14.24 -28.25 17.17
N MET B 74 15.53 -28.15 17.48
CA MET B 74 16.36 -27.07 16.97
C MET B 74 17.24 -27.58 15.84
N VAL B 75 17.66 -26.68 14.97
CA VAL B 75 18.51 -26.99 13.82
C VAL B 75 19.59 -25.92 13.73
N ASP B 76 20.85 -26.34 13.72
CA ASP B 76 21.99 -25.41 13.61
C ASP B 76 22.75 -25.62 12.31
N PRO B 77 22.71 -24.66 11.38
CA PRO B 77 23.44 -24.86 10.12
C PRO B 77 24.80 -24.19 10.06
N THR B 78 25.14 -23.38 11.05
CA THR B 78 26.40 -22.64 11.02
C THR B 78 27.57 -23.59 11.21
N ASN B 79 28.64 -23.33 10.45
CA ASN B 79 29.78 -24.25 10.28
C ASN B 79 29.34 -25.62 9.82
N GLY B 80 28.32 -25.66 8.97
CA GLY B 80 27.85 -26.87 8.36
C GLY B 80 28.60 -27.13 7.08
N PRO B 81 28.17 -28.12 6.32
CA PRO B 81 28.87 -28.46 5.08
C PRO B 81 28.64 -27.41 4.01
N LEU B 82 29.60 -27.32 3.10
CA LEU B 82 29.50 -26.34 2.04
C LEU B 82 28.41 -26.75 1.05
N PRO B 83 27.82 -25.80 0.35
CA PRO B 83 26.86 -26.16 -0.70
C PRO B 83 27.55 -26.78 -1.90
N GLU B 84 26.76 -27.53 -2.67
CA GLU B 84 27.21 -28.14 -3.91
C GLU B 84 26.31 -27.80 -5.08
N ASP B 85 25.34 -26.92 -4.89
CA ASP B 85 24.44 -26.49 -5.95
C ASP B 85 24.14 -25.00 -5.76
N ASN B 86 23.38 -24.44 -6.69
CA ASN B 86 22.98 -23.05 -6.61
C ASN B 86 21.68 -22.87 -5.83
N GLU B 87 21.25 -23.88 -5.08
CA GLU B 87 20.14 -23.77 -4.17
C GLU B 87 20.52 -22.87 -3.01
N PRO B 88 19.53 -22.28 -2.32
CA PRO B 88 19.87 -21.41 -1.19
C PRO B 88 20.47 -22.16 -0.02
N SER B 89 21.32 -21.46 0.74
CA SER B 89 22.05 -22.08 1.83
C SER B 89 21.99 -21.19 3.05
N ALA B 90 22.07 -21.82 4.22
CA ALA B 90 22.18 -21.11 5.48
C ALA B 90 23.50 -21.40 6.18
N TYR B 91 24.43 -22.09 5.52
CA TYR B 91 25.66 -22.58 6.15
C TYR B 91 26.74 -21.51 6.04
N ALA B 92 26.68 -20.56 6.94
CA ALA B 92 27.65 -19.47 7.00
C ALA B 92 28.84 -19.90 7.84
N GLN B 93 30.03 -19.89 7.25
CA GLN B 93 31.22 -20.25 7.98
C GLN B 93 31.60 -19.14 8.95
N LEU B 94 32.10 -19.53 10.12
CA LEU B 94 32.36 -18.54 11.15
C LEU B 94 33.64 -17.75 10.88
N ASP B 95 34.69 -18.43 10.38
CA ASP B 95 35.95 -17.75 10.15
C ASP B 95 35.86 -16.75 9.00
N CYS B 96 34.97 -17.00 8.04
CA CYS B 96 34.78 -16.05 6.96
C CYS B 96 34.08 -14.78 7.44
N VAL B 97 33.12 -14.91 8.34
CA VAL B 97 32.46 -13.73 8.89
C VAL B 97 33.40 -12.98 9.83
N LEU B 98 34.22 -13.71 10.59
CA LEU B 98 35.21 -13.05 11.43
C LEU B 98 36.27 -12.33 10.62
N GLU B 99 36.64 -12.88 9.46
CA GLU B 99 37.62 -12.21 8.62
C GLU B 99 37.02 -11.00 7.93
N ALA B 100 35.75 -11.08 7.52
CA ALA B 100 35.08 -9.93 6.94
C ALA B 100 34.95 -8.79 7.94
N LEU B 101 34.60 -9.12 9.19
CA LEU B 101 34.51 -8.09 10.21
C LEU B 101 35.88 -7.56 10.62
N ASP B 102 36.91 -8.39 10.61
CA ASP B 102 38.25 -7.91 10.93
C ASP B 102 38.78 -6.99 9.85
N ARG B 103 38.49 -7.29 8.58
CA ARG B 103 38.91 -6.38 7.51
C ARG B 103 38.12 -5.09 7.56
N MET B 104 36.84 -5.18 7.92
CA MET B 104 36.02 -3.98 8.09
C MET B 104 36.49 -3.10 9.23
N ASP B 105 37.06 -3.70 10.28
CA ASP B 105 37.60 -2.91 11.38
C ASP B 105 38.97 -2.34 11.04
N GLU B 106 39.80 -3.11 10.36
CA GLU B 106 41.14 -2.65 10.03
C GLU B 106 41.19 -1.73 8.82
N GLU B 107 40.07 -1.53 8.12
CA GLU B 107 40.04 -0.49 7.11
C GLU B 107 39.45 0.82 7.63
N HIS B 108 38.53 0.76 8.59
CA HIS B 108 38.01 1.95 9.29
C HIS B 108 38.44 1.82 10.74
N PRO B 109 39.62 2.32 11.12
CA PRO B 109 40.08 2.15 12.49
C PRO B 109 39.32 3.03 13.47
N GLY B 110 39.08 2.48 14.66
CA GLY B 110 38.37 3.19 15.70
C GLY B 110 36.87 3.23 15.56
N LEU B 111 36.31 2.55 14.55
CA LEU B 111 34.88 2.63 14.27
C LEU B 111 34.05 1.81 15.24
N PHE B 112 34.52 0.60 15.56
CA PHE B 112 33.72 -0.31 16.39
C PHE B 112 33.66 0.17 17.82
N GLN B 113 34.78 0.66 18.37
CA GLN B 113 34.79 1.13 19.75
C GLN B 113 33.95 2.39 19.90
N ALA B 114 33.98 3.26 18.90
CA ALA B 114 33.17 4.47 18.91
C ALA B 114 31.69 4.14 18.84
N ALA B 115 31.31 3.17 17.99
CA ALA B 115 29.91 2.77 17.88
C ALA B 115 29.42 2.10 19.15
N SER B 116 30.27 1.28 19.79
CA SER B 116 29.89 0.64 21.04
C SER B 116 29.76 1.64 22.18
N GLN B 117 30.66 2.63 22.24
CA GLN B 117 30.57 3.64 23.28
C GLN B 117 29.35 4.53 23.11
N ASN B 118 29.01 4.87 21.85
CA ASN B 118 27.80 5.64 21.60
C ASN B 118 26.55 4.85 21.96
N ALA B 119 26.56 3.55 21.68
CA ALA B 119 25.39 2.74 22.02
C ALA B 119 25.22 2.60 23.52
N MET B 120 26.32 2.48 24.27
CA MET B 120 26.19 2.37 25.71
C MET B 120 25.79 3.69 26.35
N GLU B 121 26.35 4.80 25.86
CA GLU B 121 25.98 6.12 26.36
C GLU B 121 24.63 6.60 25.86
N THR B 122 23.99 5.87 24.94
CA THR B 122 22.57 6.07 24.71
C THR B 122 21.71 5.10 25.51
N LEU B 123 22.26 3.93 25.85
CA LEU B 123 21.53 3.00 26.71
C LEU B 123 21.41 3.53 28.13
N MET B 124 22.40 4.30 28.57
CA MET B 124 22.39 4.82 29.93
C MET B 124 21.59 6.12 30.05
N VAL B 125 20.74 6.39 29.06
CA VAL B 125 20.00 7.63 28.97
C VAL B 125 18.52 7.34 28.80
N THR B 126 18.17 6.47 27.84
CA THR B 126 16.80 6.31 27.42
C THR B 126 15.97 5.57 28.47
N THR B 127 14.67 5.75 28.39
CA THR B 127 13.69 5.22 29.32
C THR B 127 12.73 4.29 28.59
N VAL B 128 11.79 3.72 29.35
CA VAL B 128 10.92 2.66 28.84
C VAL B 128 9.87 3.16 27.86
N ASP B 129 9.65 4.48 27.79
CA ASP B 129 8.70 5.02 26.82
C ASP B 129 9.17 4.87 25.39
N LYS B 130 10.48 4.63 25.18
CA LYS B 130 10.99 4.23 23.87
C LYS B 130 10.36 2.92 23.37
N LEU B 131 9.82 2.11 24.28
CA LEU B 131 9.12 0.89 23.89
C LEU B 131 7.65 1.14 23.59
N THR B 132 7.25 2.39 23.34
CA THR B 132 5.92 2.68 22.83
C THR B 132 5.95 3.34 21.45
N GLN B 133 7.10 3.85 21.01
CA GLN B 133 7.21 4.58 19.76
C GLN B 133 7.51 3.66 18.59
N GLY B 134 6.70 2.63 18.41
CA GLY B 134 6.95 1.62 17.39
C GLY B 134 5.68 1.12 16.75
N ARG B 135 5.57 -0.20 16.70
CA ARG B 135 4.54 -0.89 15.95
C ARG B 135 3.65 -1.70 16.88
N GLN B 136 2.82 -2.57 16.30
CA GLN B 136 2.06 -3.54 17.07
C GLN B 136 2.99 -4.48 17.84
N THR B 137 2.48 -5.05 18.92
CA THR B 137 3.28 -5.90 19.78
C THR B 137 2.48 -7.13 20.13
N PHE B 138 3.08 -8.30 19.98
CA PHE B 138 2.50 -9.51 20.50
C PHE B 138 2.40 -9.41 22.02
N ASP B 139 1.21 -9.65 22.55
CA ASP B 139 0.95 -9.57 23.98
C ASP B 139 0.96 -10.97 24.55
N TRP B 140 1.86 -11.24 25.50
CA TRP B 140 1.90 -12.56 26.13
C TRP B 140 0.76 -12.77 27.11
N THR B 141 0.10 -11.69 27.53
CA THR B 141 -0.99 -11.80 28.50
C THR B 141 -2.24 -12.35 27.86
N VAL B 142 -2.59 -11.89 26.66
CA VAL B 142 -3.83 -12.23 26.01
C VAL B 142 -3.65 -12.96 24.69
N CYS B 143 -2.39 -13.21 24.28
CA CYS B 143 -2.04 -13.96 23.07
C CYS B 143 -2.62 -13.34 21.80
N ARG B 144 -2.34 -12.04 21.61
CA ARG B 144 -2.83 -11.31 20.45
C ARG B 144 -1.94 -10.10 20.22
N ASN B 145 -2.09 -9.50 19.05
CA ASN B 145 -1.45 -8.23 18.77
C ASN B 145 -2.14 -7.11 19.54
N GLN B 146 -1.35 -6.15 20.01
CA GLN B 146 -1.85 -4.96 20.65
C GLN B 146 -0.94 -3.81 20.24
N PRO B 147 -1.35 -2.56 20.46
CA PRO B 147 -0.41 -1.45 20.35
C PRO B 147 0.70 -1.57 21.39
N ALA B 148 1.76 -0.79 21.16
CA ALA B 148 2.95 -0.93 22.00
C ALA B 148 2.74 -0.37 23.40
N ALA B 149 1.93 0.68 23.52
CA ALA B 149 1.72 1.31 24.82
C ALA B 149 0.93 0.41 25.76
N THR B 150 -0.16 -0.20 25.26
CA THR B 150 -0.95 -1.08 26.11
C THR B 150 -0.23 -2.37 26.42
N ALA B 151 0.60 -2.86 25.48
CA ALA B 151 1.38 -4.05 25.74
C ALA B 151 2.42 -3.82 26.83
N LEU B 152 3.12 -2.67 26.76
CA LEU B 152 4.07 -2.31 27.81
C LEU B 152 3.37 -2.10 29.14
N ASN B 153 2.18 -1.49 29.12
CA ASN B 153 1.46 -1.21 30.35
C ASN B 153 1.00 -2.49 31.04
N THR B 154 0.43 -3.43 30.28
CA THR B 154 -0.02 -4.69 30.87
C THR B 154 1.16 -5.53 31.33
N THR B 155 2.29 -5.46 30.62
CA THR B 155 3.47 -6.18 31.07
C THR B 155 4.03 -5.62 32.37
N ILE B 156 3.98 -4.29 32.53
CA ILE B 156 4.46 -3.69 33.77
C ILE B 156 3.53 -4.03 34.94
N THR B 157 2.22 -3.89 34.73
CA THR B 157 1.28 -4.17 35.81
C THR B 157 1.16 -5.65 36.13
N SER B 158 1.59 -6.54 35.23
CA SER B 158 1.68 -7.94 35.61
C SER B 158 3.05 -8.32 36.17
N PHE B 159 4.09 -7.56 35.86
CA PHE B 159 5.37 -7.77 36.50
C PHE B 159 5.33 -7.33 37.96
N ARG B 160 4.46 -6.37 38.28
CA ARG B 160 4.36 -5.91 39.66
C ARG B 160 3.82 -6.95 40.62
N LEU B 161 3.11 -7.96 40.13
CA LEU B 161 2.57 -8.98 41.01
C LEU B 161 3.64 -9.97 41.46
N ASN B 162 4.66 -10.20 40.64
CA ASN B 162 5.69 -11.17 40.95
C ASN B 162 6.94 -10.53 41.55
N ASP B 163 6.80 -9.30 42.07
CA ASP B 163 7.87 -8.50 42.66
C ASP B 163 8.99 -8.27 41.66
N LEU B 164 8.64 -7.60 40.56
CA LEU B 164 9.60 -7.15 39.56
C LEU B 164 9.40 -5.66 39.41
N ASN B 165 10.10 -4.88 40.24
CA ASN B 165 9.89 -3.45 40.36
C ASN B 165 10.98 -2.63 39.69
N GLY B 166 11.56 -3.14 38.60
CA GLY B 166 12.55 -2.36 37.89
C GLY B 166 11.95 -1.20 37.14
N ALA B 167 10.78 -1.41 36.53
CA ALA B 167 10.12 -0.38 35.75
C ALA B 167 9.59 0.77 36.59
N ASP B 168 9.47 0.57 37.90
CA ASP B 168 9.14 1.68 38.80
C ASP B 168 10.29 2.66 38.94
N LYS B 169 11.51 2.27 38.60
CA LYS B 169 12.64 3.20 38.66
C LYS B 169 12.60 4.17 37.48
N GLY B 170 12.42 3.65 36.27
CA GLY B 170 12.25 4.50 35.12
C GLY B 170 13.09 4.17 33.90
N GLY B 171 14.22 3.51 34.11
CA GLY B 171 15.18 3.30 33.05
C GLY B 171 14.88 2.09 32.21
N LEU B 172 15.78 1.82 31.25
CA LEU B 172 15.66 0.66 30.39
C LEU B 172 16.46 -0.53 30.91
N ILE B 173 17.61 -0.26 31.54
CA ILE B 173 18.43 -1.36 32.07
C ILE B 173 17.77 -2.11 33.22
N PRO B 174 17.12 -1.47 34.22
CA PRO B 174 16.38 -2.28 35.20
C PRO B 174 15.17 -2.98 34.62
N PHE B 175 14.54 -2.43 33.59
CA PHE B 175 13.42 -3.12 32.96
C PHE B 175 13.88 -4.36 32.22
N CYS B 176 15.03 -4.29 31.55
CA CYS B 176 15.55 -5.48 30.88
C CYS B 176 16.12 -6.48 31.88
N GLN B 177 16.59 -6.00 33.03
CA GLN B 177 16.93 -6.90 34.13
C GLN B 177 15.69 -7.63 34.63
N ASP B 178 14.55 -6.95 34.69
CA ASP B 178 13.30 -7.60 35.03
C ASP B 178 12.88 -8.62 33.98
N ILE B 179 13.13 -8.32 32.71
CA ILE B 179 12.80 -9.25 31.63
C ILE B 179 13.62 -10.52 31.75
N ILE B 180 14.94 -10.39 31.92
CA ILE B 180 15.76 -11.59 32.01
C ILE B 180 15.71 -12.25 33.38
N ASP B 181 15.06 -11.63 34.37
CA ASP B 181 14.84 -12.30 35.64
C ASP B 181 13.46 -12.93 35.76
N SER B 182 12.50 -12.49 34.95
CA SER B 182 11.19 -13.13 34.92
C SER B 182 11.25 -14.53 34.34
N LEU B 183 12.27 -14.87 33.57
CA LEU B 183 12.43 -16.21 33.03
C LEU B 183 12.87 -17.22 34.08
N ASP B 184 13.19 -16.78 35.30
CA ASP B 184 13.55 -17.67 36.40
C ASP B 184 12.44 -17.81 37.42
N ARG B 185 11.30 -17.15 37.23
CA ARG B 185 10.19 -17.31 38.15
C ARG B 185 9.57 -18.69 37.97
N PRO B 186 9.25 -19.40 39.06
CA PRO B 186 8.62 -20.72 38.92
C PRO B 186 7.16 -20.63 38.53
N GLU B 187 6.52 -19.49 38.75
CA GLU B 187 5.14 -19.27 38.37
C GLU B 187 4.97 -17.80 38.08
N MET B 188 4.32 -17.47 36.97
CA MET B 188 4.06 -16.08 36.60
C MET B 188 2.55 -15.84 36.63
N THR B 189 2.13 -14.83 37.39
CA THR B 189 0.73 -14.45 37.50
C THR B 189 0.50 -13.17 36.71
N PHE B 190 -0.64 -13.08 36.04
CA PHE B 190 -0.93 -11.91 35.23
C PHE B 190 -2.40 -11.58 35.27
N PHE B 191 -2.70 -10.32 34.89
CA PHE B 191 -4.06 -9.83 34.74
C PHE B 191 -4.56 -10.16 33.33
N SER B 192 -5.48 -11.10 33.23
CA SER B 192 -6.12 -11.45 31.97
C SER B 192 -7.57 -11.00 32.01
N VAL B 193 -7.98 -10.24 31.00
CA VAL B 193 -9.37 -9.80 30.89
C VAL B 193 -10.19 -10.97 30.36
N LYS B 194 -11.19 -11.39 31.13
CA LYS B 194 -11.99 -12.56 30.80
C LYS B 194 -13.46 -12.25 31.04
N ASN B 195 -14.30 -12.56 30.05
CA ASN B 195 -15.73 -12.37 30.16
C ASN B 195 -16.37 -13.66 30.69
N ILE B 196 -16.07 -13.93 31.97
CA ILE B 196 -16.62 -15.09 32.65
C ILE B 196 -18.05 -14.78 33.06
N LYS B 197 -18.97 -15.68 32.76
CA LYS B 197 -20.39 -15.38 32.81
C LYS B 197 -20.90 -15.23 34.23
N LYS B 198 -21.87 -14.33 34.40
CA LYS B 198 -22.61 -14.17 35.64
C LYS B 198 -24.09 -14.32 35.31
N LYS B 199 -24.75 -15.26 35.98
CA LYS B 199 -26.11 -15.63 35.61
C LYS B 199 -27.10 -14.57 36.07
N LEU B 200 -28.02 -14.18 35.19
CA LEU B 200 -29.03 -13.17 35.46
C LEU B 200 -30.42 -13.72 35.16
N PRO B 201 -31.42 -13.35 35.97
CA PRO B 201 -32.78 -13.86 35.75
C PRO B 201 -33.48 -13.22 34.56
N ALA B 202 -34.54 -13.88 34.11
CA ALA B 202 -35.34 -13.42 32.98
C ALA B 202 -36.78 -13.85 33.16
N LYS B 203 -37.68 -13.20 32.41
CA LYS B 203 -39.11 -13.44 32.49
C LYS B 203 -39.60 -14.41 31.41
N ASN B 204 -38.69 -15.08 30.72
CA ASN B 204 -39.02 -15.87 29.54
C ASN B 204 -39.30 -17.32 29.95
N ARG B 205 -39.37 -18.23 28.98
CA ARG B 205 -39.63 -19.63 29.23
C ARG B 205 -38.47 -20.33 29.94
N LYS B 206 -37.27 -19.76 29.87
CA LYS B 206 -36.09 -20.32 30.52
C LYS B 206 -35.69 -19.57 31.77
N GLY B 207 -35.77 -18.25 31.76
CA GLY B 207 -35.50 -17.47 32.95
C GLY B 207 -34.05 -17.17 33.22
N PHE B 208 -33.16 -17.43 32.25
CA PHE B 208 -31.75 -17.10 32.39
C PHE B 208 -31.24 -16.47 31.11
N LEU B 209 -30.33 -15.51 31.26
CA LEU B 209 -29.68 -14.84 30.13
C LEU B 209 -28.17 -15.00 30.32
N ILE B 210 -27.59 -15.97 29.61
CA ILE B 210 -26.17 -16.23 29.70
C ILE B 210 -25.41 -15.15 28.92
N LYS B 211 -24.87 -14.18 29.65
CA LYS B 211 -24.19 -13.04 29.07
C LYS B 211 -22.72 -13.03 29.49
N ARG B 212 -21.96 -12.09 28.94
CA ARG B 212 -20.51 -12.04 29.08
C ARG B 212 -20.11 -10.67 29.64
N ILE B 213 -20.03 -10.58 30.96
CA ILE B 213 -19.73 -9.33 31.64
C ILE B 213 -18.21 -9.20 31.75
N PRO B 214 -17.61 -8.12 31.25
CA PRO B 214 -16.15 -8.00 31.30
C PRO B 214 -15.66 -7.65 32.69
N MET B 215 -14.49 -8.19 33.01
CA MET B 215 -13.83 -7.99 34.30
C MET B 215 -12.34 -8.30 34.12
N LYS B 216 -11.63 -8.47 35.23
CA LYS B 216 -10.23 -8.89 35.22
C LYS B 216 -10.07 -10.01 36.22
N VAL B 217 -9.60 -11.17 35.76
CA VAL B 217 -9.28 -12.27 36.65
C VAL B 217 -7.77 -12.37 36.77
N LYS B 218 -7.30 -13.23 37.67
CA LYS B 218 -5.87 -13.43 37.88
C LYS B 218 -5.55 -14.90 37.61
N ASP B 219 -4.94 -15.17 36.47
CA ASP B 219 -4.52 -16.50 36.06
C ASP B 219 -3.02 -16.63 36.19
N LYS B 220 -2.53 -17.86 36.26
CA LYS B 220 -1.10 -18.11 36.34
C LYS B 220 -0.72 -19.32 35.50
N ILE B 221 0.42 -19.22 34.83
CA ILE B 221 0.98 -20.31 34.04
C ILE B 221 2.29 -20.74 34.67
N THR B 222 2.91 -21.78 34.12
CA THR B 222 4.13 -22.33 34.68
C THR B 222 5.34 -21.56 34.15
N LYS B 223 6.55 -22.09 34.38
CA LYS B 223 7.77 -21.46 33.92
C LYS B 223 8.05 -21.78 32.45
N VAL B 224 7.82 -23.03 32.05
CA VAL B 224 8.04 -23.42 30.66
C VAL B 224 7.04 -22.73 29.75
N GLU B 225 5.80 -22.57 30.20
CA GLU B 225 4.82 -21.88 29.39
C GLU B 225 5.09 -20.39 29.30
N TYR B 226 5.65 -19.80 30.36
CA TYR B 226 6.03 -18.40 30.28
C TYR B 226 7.22 -18.21 29.35
N ILE B 227 8.15 -19.17 29.32
CA ILE B 227 9.26 -19.08 28.38
C ILE B 227 8.77 -19.22 26.95
N LYS B 228 7.86 -20.16 26.69
CA LYS B 228 7.36 -20.35 25.34
C LYS B 228 6.45 -19.22 24.89
N ARG B 229 5.81 -18.51 25.82
CA ARG B 229 5.10 -17.29 25.46
C ARG B 229 6.03 -16.11 25.34
N ALA B 230 7.21 -16.18 25.95
CA ALA B 230 8.16 -15.08 25.87
C ALA B 230 8.96 -15.13 24.58
N LEU B 231 9.30 -16.33 24.15
CA LEU B 231 10.03 -16.53 22.91
C LEU B 231 9.13 -16.54 21.68
N SER B 232 7.83 -16.33 21.86
CA SER B 232 6.88 -16.50 20.78
C SER B 232 6.93 -15.33 19.81
N LEU B 233 6.21 -15.50 18.70
CA LEU B 233 6.35 -14.67 17.52
C LEU B 233 5.06 -14.74 16.74
N ASN B 234 4.23 -13.71 16.80
CA ASN B 234 2.95 -13.73 16.12
C ASN B 234 3.15 -13.64 14.62
N THR B 235 2.28 -14.31 13.86
CA THR B 235 2.41 -14.32 12.41
C THR B 235 1.09 -13.96 11.77
N MET B 236 1.18 -13.24 10.65
CA MET B 236 -0.01 -12.84 9.91
C MET B 236 0.37 -12.72 8.44
N THR B 237 -0.58 -12.33 7.61
CA THR B 237 -0.31 -12.16 6.19
C THR B 237 0.02 -10.70 5.91
N LYS B 238 0.87 -10.49 4.92
CA LYS B 238 1.27 -9.14 4.53
C LYS B 238 0.21 -8.57 3.61
N ASP B 239 -0.53 -7.58 4.08
CA ASP B 239 -1.60 -6.97 3.33
C ASP B 239 -1.10 -5.79 2.53
N ALA B 240 -1.69 -5.62 1.33
CA ALA B 240 -1.53 -4.44 0.48
C ALA B 240 -0.08 -4.24 0.05
N GLU B 241 0.60 -5.34 -0.24
CA GLU B 241 1.99 -5.32 -0.68
C GLU B 241 2.01 -5.42 -2.20
N ARG B 242 2.49 -4.36 -2.86
CA ARG B 242 2.49 -4.31 -4.32
C ARG B 242 3.81 -4.88 -4.85
N GLY B 243 3.74 -5.57 -5.97
CA GLY B 243 4.92 -6.06 -6.65
C GLY B 243 5.08 -7.55 -6.66
N LYS B 244 4.24 -8.29 -5.94
CA LYS B 244 4.30 -9.74 -5.91
C LYS B 244 2.95 -10.31 -6.28
N LEU B 245 2.96 -11.50 -6.87
CA LEU B 245 1.71 -12.14 -7.22
C LEU B 245 1.12 -12.89 -6.03
N LYS B 246 1.93 -13.65 -5.31
CA LYS B 246 1.46 -14.47 -4.21
C LYS B 246 1.80 -13.84 -2.87
N ARG B 247 0.94 -14.07 -1.89
CA ARG B 247 1.08 -13.44 -0.58
C ARG B 247 2.16 -14.12 0.23
N ARG B 248 2.43 -13.55 1.40
CA ARG B 248 3.49 -14.03 2.26
C ARG B 248 3.18 -13.62 3.68
N ALA B 249 3.86 -14.24 4.63
CA ALA B 249 3.60 -13.98 6.03
C ALA B 249 4.66 -13.05 6.60
N ILE B 250 4.22 -12.16 7.48
CA ILE B 250 5.12 -11.36 8.28
C ILE B 250 4.96 -11.76 9.74
N ALA B 251 6.01 -11.53 10.50
CA ALA B 251 6.04 -11.84 11.92
C ALA B 251 5.86 -10.57 12.73
N THR B 252 5.74 -10.74 14.03
CA THR B 252 5.64 -9.63 14.98
C THR B 252 6.07 -10.16 16.34
N ALA B 253 7.12 -9.58 16.91
CA ALA B 253 7.66 -10.06 18.16
C ALA B 253 6.99 -9.39 19.36
N GLY B 254 7.23 -9.96 20.53
CA GLY B 254 6.60 -9.49 21.74
C GLY B 254 7.31 -8.32 22.37
N ILE B 255 7.09 -8.13 23.67
CA ILE B 255 7.66 -7.01 24.41
C ILE B 255 8.85 -7.44 25.27
N GLN B 256 9.09 -8.74 25.41
CA GLN B 256 10.27 -9.23 26.10
C GLN B 256 11.55 -9.11 25.28
N ILE B 257 11.50 -8.54 24.08
CA ILE B 257 12.64 -8.56 23.19
C ILE B 257 12.92 -7.18 22.61
N ARG B 258 11.99 -6.24 22.81
CA ARG B 258 12.09 -4.95 22.14
C ARG B 258 13.25 -4.11 22.66
N GLY B 259 13.52 -4.21 23.97
CA GLY B 259 14.58 -3.42 24.56
C GLY B 259 15.97 -3.82 24.14
N PHE B 260 16.14 -5.06 23.71
CA PHE B 260 17.44 -5.52 23.23
C PHE B 260 17.62 -5.28 21.74
N VAL B 261 16.53 -5.47 20.98
CA VAL B 261 16.53 -5.19 19.56
C VAL B 261 16.78 -3.71 19.30
N LEU B 262 16.28 -2.84 20.19
CA LEU B 262 16.51 -1.40 20.05
C LEU B 262 18.00 -1.06 20.16
N VAL B 263 18.70 -1.68 21.10
CA VAL B 263 20.11 -1.37 21.30
C VAL B 263 20.97 -1.96 20.20
N VAL B 264 20.61 -3.17 19.73
CA VAL B 264 21.39 -3.77 18.64
C VAL B 264 21.19 -3.00 17.33
N GLU B 265 19.97 -2.55 17.08
CA GLU B 265 19.71 -1.71 15.91
C GLU B 265 20.42 -0.36 16.03
N ASN B 266 20.51 0.18 17.25
CA ASN B 266 21.23 1.43 17.45
C ASN B 266 22.72 1.27 17.20
N LEU B 267 23.30 0.15 17.63
CA LEU B 267 24.72 -0.12 17.40
C LEU B 267 25.01 -0.29 15.91
N ALA B 268 24.17 -1.03 15.20
CA ALA B 268 24.41 -1.20 13.77
C ALA B 268 24.13 0.06 12.99
N LYS B 269 23.22 0.93 13.47
CA LYS B 269 23.03 2.22 12.81
C LYS B 269 24.23 3.13 13.02
N ASN B 270 24.82 3.09 14.21
CA ASN B 270 26.04 3.86 14.46
C ASN B 270 27.21 3.35 13.65
N ILE B 271 27.23 2.07 13.31
CA ILE B 271 28.24 1.59 12.36
C ILE B 271 27.93 2.06 10.95
N CYS B 272 26.68 1.92 10.53
CA CYS B 272 26.28 2.23 9.15
C CYS B 272 26.34 3.70 8.82
N GLU B 273 26.31 4.59 9.82
CA GLU B 273 26.38 6.02 9.52
C GLU B 273 27.76 6.43 9.04
N ASN B 274 28.81 5.79 9.53
CA ASN B 274 30.17 6.10 9.12
C ASN B 274 30.70 5.13 8.07
N LEU B 275 29.82 4.47 7.35
CA LEU B 275 30.21 3.59 6.25
C LEU B 275 29.95 4.29 4.93
N GLU B 276 30.95 4.32 4.07
CA GLU B 276 30.88 5.06 2.83
C GLU B 276 30.23 4.26 1.71
N GLN B 277 29.74 3.06 2.00
CA GLN B 277 29.07 2.25 0.99
C GLN B 277 27.78 1.66 1.55
N SER B 278 26.98 2.51 2.19
CA SER B 278 25.71 2.11 2.78
C SER B 278 24.65 3.11 2.37
N GLY B 279 23.59 2.64 1.72
CA GLY B 279 22.52 3.51 1.27
C GLY B 279 21.33 3.55 2.21
N LEU B 280 21.59 3.28 3.50
CA LEU B 280 20.58 3.34 4.54
C LEU B 280 21.29 3.63 5.86
N PRO B 281 20.84 4.61 6.66
CA PRO B 281 19.61 5.40 6.58
C PRO B 281 19.68 6.74 5.85
N VAL B 282 20.25 6.78 4.64
CA VAL B 282 20.23 8.02 3.87
C VAL B 282 18.83 8.26 3.31
N GLY B 283 18.55 9.52 2.97
CA GLY B 283 17.20 9.88 2.54
C GLY B 283 17.03 11.27 1.94
N GLY B 284 16.17 11.37 0.93
CA GLY B 284 15.93 12.63 0.23
C GLY B 284 16.58 12.68 -1.14
N ASN B 285 17.13 13.84 -1.51
CA ASN B 285 17.98 13.93 -2.68
C ASN B 285 19.41 13.48 -2.40
N GLU B 286 19.73 13.23 -1.13
CA GLU B 286 20.99 12.61 -0.75
C GLU B 286 21.13 11.22 -1.35
N LYS B 287 20.01 10.54 -1.62
CA LYS B 287 20.07 9.22 -2.24
C LYS B 287 20.49 9.30 -3.71
N LYS B 288 19.96 10.28 -4.44
CA LYS B 288 20.39 10.50 -5.82
C LYS B 288 21.84 10.95 -5.86
N ALA B 289 22.25 11.77 -4.89
CA ALA B 289 23.66 12.10 -4.74
C ALA B 289 24.51 10.88 -4.40
N LYS B 290 23.94 9.92 -3.66
CA LYS B 290 24.68 8.72 -3.29
C LYS B 290 24.94 7.83 -4.49
N LEU B 291 23.93 7.66 -5.33
CA LEU B 291 24.12 6.90 -6.57
C LEU B 291 25.11 7.57 -7.50
N SER B 292 24.99 8.89 -7.66
CA SER B 292 25.88 9.60 -8.58
C SER B 292 27.31 9.65 -8.05
N ASN B 293 27.48 9.84 -6.73
CA ASN B 293 28.80 9.82 -6.12
C ASN B 293 29.43 8.43 -6.22
N ALA B 294 28.63 7.38 -6.07
CA ALA B 294 29.19 6.03 -6.15
C ALA B 294 29.66 5.69 -7.55
N VAL B 295 28.86 6.06 -8.56
CA VAL B 295 29.25 5.83 -9.95
C VAL B 295 30.46 6.70 -10.32
N ALA B 296 30.53 7.92 -9.80
CA ALA B 296 31.67 8.80 -10.09
C ALA B 296 32.94 8.31 -9.42
N LYS B 297 32.84 7.82 -8.17
CA LYS B 297 33.99 7.28 -7.48
C LYS B 297 34.46 5.98 -8.09
N MET B 298 33.56 5.21 -8.69
CA MET B 298 34.00 3.96 -9.30
C MET B 298 34.54 4.16 -10.71
N LEU B 299 34.04 5.16 -11.44
CA LEU B 299 34.63 5.51 -12.71
C LEU B 299 35.90 6.33 -12.55
N SER B 300 36.15 6.88 -11.35
CA SER B 300 37.39 7.55 -11.01
C SER B 300 38.46 6.59 -10.49
N ASN B 301 38.30 5.30 -10.76
CA ASN B 301 39.28 4.31 -10.33
C ASN B 301 39.52 3.22 -11.35
N CYS B 302 38.94 3.31 -12.54
CA CYS B 302 39.01 2.23 -13.50
C CYS B 302 40.39 2.19 -14.13
N PRO B 303 40.91 1.00 -14.46
CA PRO B 303 42.17 0.93 -15.18
C PRO B 303 42.03 1.50 -16.58
N PRO B 304 43.11 2.01 -17.17
CA PRO B 304 43.03 2.47 -18.55
C PRO B 304 42.92 1.29 -19.50
N GLY B 305 41.93 1.35 -20.40
CA GLY B 305 41.64 0.22 -21.26
C GLY B 305 40.87 -0.90 -20.61
N GLY B 306 40.47 -0.75 -19.35
CA GLY B 306 39.72 -1.76 -18.65
C GLY B 306 38.24 -1.46 -18.62
N ILE B 307 37.45 -2.51 -18.37
CA ILE B 307 36.00 -2.42 -18.37
C ILE B 307 35.50 -2.37 -16.93
N SER B 308 34.48 -1.55 -16.69
CA SER B 308 33.82 -1.46 -15.40
C SER B 308 32.38 -1.92 -15.58
N MET B 309 32.04 -3.07 -15.02
CA MET B 309 30.66 -3.55 -15.07
C MET B 309 29.93 -3.24 -13.78
N THR B 310 28.62 -3.44 -13.81
CA THR B 310 27.74 -3.18 -12.69
C THR B 310 26.66 -4.24 -12.68
N VAL B 311 26.51 -4.90 -11.54
CA VAL B 311 25.49 -5.91 -11.31
C VAL B 311 24.38 -5.27 -10.52
N THR B 312 23.18 -5.28 -11.09
CA THR B 312 21.96 -4.87 -10.40
C THR B 312 21.30 -6.14 -9.89
N GLY B 313 21.15 -6.24 -8.57
CA GLY B 313 20.91 -7.52 -7.95
C GLY B 313 19.83 -7.46 -6.90
N ASP B 314 19.33 -8.65 -6.58
CA ASP B 314 18.32 -8.82 -5.56
C ASP B 314 18.73 -10.02 -4.73
N ASN B 315 18.16 -10.13 -3.53
CA ASN B 315 18.50 -11.21 -2.62
C ASN B 315 17.30 -12.12 -2.45
N THR B 316 17.46 -13.38 -2.83
CA THR B 316 16.41 -14.39 -2.70
C THR B 316 16.53 -15.05 -1.34
N LYS B 317 15.39 -15.18 -0.66
CA LYS B 317 15.26 -15.84 0.64
C LYS B 317 16.19 -15.21 1.66
N TRP B 318 16.26 -13.89 1.63
CA TRP B 318 17.31 -13.16 2.33
C TRP B 318 17.15 -13.24 3.83
N ASN B 319 15.94 -13.01 4.32
CA ASN B 319 15.66 -13.10 5.74
C ASN B 319 15.24 -14.50 6.16
N GLU B 320 15.41 -15.50 5.30
CA GLU B 320 15.20 -16.88 5.69
C GLU B 320 16.50 -17.64 5.84
N CYS B 321 17.59 -17.14 5.28
CA CYS B 321 18.85 -17.84 5.33
C CYS B 321 19.87 -17.18 6.24
N LEU B 322 19.63 -15.98 6.73
CA LEU B 322 20.52 -15.41 7.72
C LEU B 322 20.28 -16.07 9.07
N ASN B 323 21.35 -16.25 9.83
CA ASN B 323 21.14 -16.95 11.09
C ASN B 323 21.24 -15.98 12.26
N PRO B 324 20.59 -16.29 13.38
CA PRO B 324 20.83 -15.49 14.59
C PRO B 324 22.12 -15.86 15.31
N ARG B 325 22.70 -17.03 15.05
CA ARG B 325 23.99 -17.35 15.64
C ARG B 325 25.11 -16.56 14.99
N ILE B 326 24.97 -16.30 13.69
CA ILE B 326 25.92 -15.44 12.99
C ILE B 326 25.82 -14.00 13.51
N PHE B 327 24.61 -13.55 13.84
CA PHE B 327 24.45 -12.23 14.43
C PHE B 327 24.99 -12.19 15.86
N LEU B 328 24.92 -13.31 16.58
CA LEU B 328 25.55 -13.39 17.89
C LEU B 328 27.06 -13.26 17.78
N ALA B 329 27.65 -13.92 16.78
CA ALA B 329 29.08 -13.81 16.56
C ALA B 329 29.47 -12.41 16.11
N MET B 330 28.62 -11.75 15.34
CA MET B 330 28.88 -10.38 14.91
C MET B 330 28.90 -9.42 16.09
N THR B 331 27.88 -9.46 16.94
CA THR B 331 27.90 -8.52 18.07
C THR B 331 28.89 -8.92 19.14
N GLU B 332 29.36 -10.16 19.16
CA GLU B 332 30.50 -10.49 20.02
C GLU B 332 31.80 -9.93 19.46
N ARG B 333 31.94 -9.86 18.14
CA ARG B 333 33.16 -9.30 17.58
C ARG B 333 33.17 -7.78 17.68
N ILE B 334 32.04 -7.14 17.40
CA ILE B 334 31.98 -5.68 17.31
C ILE B 334 32.24 -5.03 18.67
N THR B 335 31.42 -5.37 19.66
CA THR B 335 31.65 -4.85 21.00
C THR B 335 32.77 -5.62 21.68
N ARG B 336 34.02 -5.39 21.28
CA ARG B 336 35.14 -6.13 21.81
C ARG B 336 35.87 -5.39 22.92
N ASP B 337 36.22 -4.13 22.68
CA ASP B 337 36.83 -3.30 23.72
C ASP B 337 35.78 -2.52 24.50
N SER B 338 34.78 -3.22 25.03
CA SER B 338 33.67 -2.68 25.79
C SER B 338 33.57 -3.41 27.13
N PRO B 339 32.91 -2.82 28.14
CA PRO B 339 32.75 -3.52 29.41
C PRO B 339 31.85 -4.75 29.30
N ILE B 340 31.93 -5.58 30.33
CA ILE B 340 31.35 -6.92 30.27
C ILE B 340 29.83 -6.88 30.27
N TRP B 341 29.25 -5.91 30.99
CA TRP B 341 27.79 -5.90 31.10
C TRP B 341 27.14 -5.46 29.79
N PHE B 342 27.77 -4.54 29.06
CA PHE B 342 27.23 -4.19 27.75
C PHE B 342 27.51 -5.29 26.74
N ARG B 343 28.58 -6.07 26.95
CA ARG B 343 28.85 -7.21 26.09
C ARG B 343 27.86 -8.34 26.33
N ASP B 344 27.28 -8.41 27.53
CA ASP B 344 26.20 -9.36 27.77
C ASP B 344 24.85 -8.80 27.36
N PHE B 345 24.67 -7.48 27.46
CA PHE B 345 23.42 -6.85 27.04
C PHE B 345 23.26 -6.93 25.53
N CYS B 346 24.33 -6.70 24.78
CA CYS B 346 24.26 -6.70 23.33
C CYS B 346 24.36 -8.09 22.73
N SER B 347 24.09 -9.13 23.52
CA SER B 347 24.11 -10.50 23.07
C SER B 347 22.91 -11.26 23.60
N ILE B 348 21.78 -10.59 23.73
CA ILE B 348 20.58 -11.23 24.25
C ILE B 348 19.52 -11.28 23.16
N ALA B 349 19.46 -10.25 22.33
CA ALA B 349 18.57 -10.32 21.16
C ALA B 349 18.94 -11.43 20.17
N PRO B 350 20.21 -11.74 19.86
CA PRO B 350 20.47 -12.98 19.12
C PRO B 350 20.10 -14.25 19.87
N VAL B 351 20.16 -14.24 21.20
CA VAL B 351 19.79 -15.43 21.96
C VAL B 351 18.28 -15.66 21.87
N LEU B 352 17.50 -14.60 22.03
CA LEU B 352 16.06 -14.73 21.93
C LEU B 352 15.59 -14.92 20.49
N PHE B 353 16.41 -14.58 19.50
CA PHE B 353 16.03 -14.86 18.12
C PHE B 353 16.52 -16.21 17.64
N SER B 354 17.47 -16.84 18.32
CA SER B 354 17.87 -18.20 17.96
C SER B 354 17.02 -19.27 18.62
N ASN B 355 16.03 -18.88 19.44
CA ASN B 355 15.15 -19.83 20.10
C ASN B 355 13.69 -19.48 19.85
N LYS B 356 13.40 -18.74 18.79
CA LYS B 356 12.07 -18.20 18.60
C LYS B 356 11.11 -19.30 18.17
N ILE B 357 9.82 -19.08 18.44
CA ILE B 357 8.78 -20.05 18.18
C ILE B 357 7.69 -19.35 17.39
N ALA B 358 7.37 -19.85 16.21
CA ALA B 358 6.33 -19.25 15.39
C ALA B 358 4.96 -19.71 15.86
N ARG B 359 4.02 -18.78 15.96
CA ARG B 359 2.63 -19.12 16.17
C ARG B 359 1.95 -19.26 14.82
N LEU B 360 1.08 -20.28 14.70
CA LEU B 360 0.65 -20.73 13.40
C LEU B 360 -0.60 -20.01 12.87
N GLY B 361 -1.19 -19.10 13.61
CA GLY B 361 -2.26 -18.27 13.09
C GLY B 361 -3.62 -18.78 13.51
N LYS B 362 -4.53 -18.87 12.55
CA LYS B 362 -5.94 -19.19 12.82
C LYS B 362 -6.24 -20.66 12.69
N GLY B 363 -5.91 -21.27 11.56
CA GLY B 363 -6.26 -22.64 11.30
C GLY B 363 -6.73 -22.79 9.88
N PHE B 364 -7.46 -23.86 9.62
CA PHE B 364 -7.92 -24.20 8.28
C PHE B 364 -9.40 -24.47 8.29
N MET B 365 -10.11 -23.93 7.30
CA MET B 365 -11.56 -24.04 7.26
C MET B 365 -11.94 -25.25 6.43
N ILE B 366 -12.55 -26.25 7.07
CA ILE B 366 -13.02 -27.44 6.38
C ILE B 366 -14.53 -27.31 6.19
N THR B 367 -14.99 -27.60 4.98
CA THR B 367 -16.38 -27.44 4.58
C THR B 367 -16.96 -28.77 4.13
N SER B 368 -18.28 -28.82 4.10
CA SER B 368 -19.04 -29.94 3.55
C SER B 368 -20.04 -29.35 2.58
N LYS B 369 -19.85 -29.65 1.29
CA LYS B 369 -20.53 -28.91 0.24
C LYS B 369 -21.96 -29.36 0.04
N THR B 370 -22.24 -30.65 0.22
CA THR B 370 -23.59 -31.16 0.01
C THR B 370 -24.52 -30.76 1.14
N LYS B 371 -24.08 -30.91 2.39
CA LYS B 371 -24.84 -30.46 3.53
C LYS B 371 -24.73 -28.95 3.76
N ARG B 372 -23.78 -28.29 3.10
CA ARG B 372 -23.47 -26.86 3.22
C ARG B 372 -23.18 -26.46 4.68
N LEU B 373 -22.09 -27.03 5.20
CA LEU B 373 -21.59 -26.65 6.52
C LEU B 373 -20.14 -26.25 6.40
N LYS B 374 -19.65 -25.52 7.41
CA LYS B 374 -18.25 -25.13 7.44
C LYS B 374 -17.80 -25.00 8.88
N ALA B 375 -16.49 -25.17 9.09
CA ALA B 375 -15.92 -25.04 10.43
C ALA B 375 -14.46 -24.69 10.30
N GLN B 376 -13.87 -24.22 11.40
CA GLN B 376 -12.47 -23.83 11.40
C GLN B 376 -11.70 -24.68 12.39
N ILE B 377 -10.81 -25.52 11.86
CA ILE B 377 -9.85 -26.30 12.62
C ILE B 377 -8.75 -25.39 13.16
N PRO B 378 -8.60 -25.26 14.48
CA PRO B 378 -7.58 -24.37 15.04
C PRO B 378 -6.18 -24.93 14.90
N CYS B 379 -5.21 -24.27 15.49
CA CYS B 379 -3.83 -24.72 15.36
C CYS B 379 -3.44 -25.90 16.25
N PRO B 380 -3.91 -26.04 17.51
CA PRO B 380 -3.63 -27.30 18.22
C PRO B 380 -4.24 -28.54 17.56
N ASP B 381 -5.47 -28.46 17.08
CA ASP B 381 -6.15 -29.62 16.50
C ASP B 381 -5.85 -29.81 15.03
N LEU B 382 -4.74 -29.27 14.54
CA LEU B 382 -4.37 -29.36 13.13
C LEU B 382 -4.11 -30.79 12.70
N PHE B 383 -3.54 -31.59 13.59
CA PHE B 383 -3.26 -33.00 13.33
C PHE B 383 -4.27 -33.91 13.98
N SER B 384 -5.42 -33.39 14.39
CA SER B 384 -6.47 -34.19 14.98
C SER B 384 -7.42 -34.77 13.96
N ILE B 385 -7.30 -34.40 12.70
CA ILE B 385 -8.08 -35.03 11.63
C ILE B 385 -7.10 -35.79 10.74
N PRO B 386 -7.51 -36.82 10.02
CA PRO B 386 -6.58 -37.51 9.12
C PRO B 386 -6.17 -36.62 7.96
N LEU B 387 -4.95 -36.85 7.48
CA LEU B 387 -4.33 -35.93 6.52
C LEU B 387 -4.93 -36.00 5.13
N GLU B 388 -5.75 -36.98 4.83
CA GLU B 388 -6.37 -37.08 3.51
C GLU B 388 -7.63 -36.23 3.39
N ARG B 389 -7.90 -35.38 4.37
CA ARG B 389 -9.01 -34.44 4.32
C ARG B 389 -8.54 -33.02 4.07
N TYR B 390 -7.26 -32.82 3.80
CA TYR B 390 -6.71 -31.57 3.31
C TYR B 390 -6.35 -31.72 1.84
N ASN B 391 -6.28 -30.60 1.13
CA ASN B 391 -5.87 -30.66 -0.26
C ASN B 391 -4.38 -30.96 -0.38
N GLU B 392 -3.92 -31.19 -1.60
CA GLU B 392 -2.60 -31.79 -1.83
C GLU B 392 -1.46 -30.86 -1.39
N GLU B 393 -1.59 -29.57 -1.68
CA GLU B 393 -0.61 -28.58 -1.25
C GLU B 393 -0.54 -28.51 0.27
N THR B 394 -1.70 -28.42 0.92
CA THR B 394 -1.75 -28.41 2.38
C THR B 394 -1.31 -29.74 2.97
N ARG B 395 -1.58 -30.85 2.29
CA ARG B 395 -1.21 -32.17 2.83
C ARG B 395 0.30 -32.36 2.82
N ALA B 396 0.97 -31.93 1.75
CA ALA B 396 2.43 -31.98 1.75
C ALA B 396 3.02 -31.03 2.75
N LYS B 397 2.39 -29.85 2.93
CA LYS B 397 2.82 -28.92 3.98
C LYS B 397 2.76 -29.54 5.36
N LEU B 398 1.68 -30.25 5.67
CA LEU B 398 1.52 -30.79 7.02
C LEU B 398 2.44 -31.98 7.24
N LYS B 399 2.65 -32.80 6.20
CA LYS B 399 3.61 -33.90 6.30
C LYS B 399 5.03 -33.41 6.53
N LYS B 400 5.39 -32.27 5.93
CA LYS B 400 6.72 -31.72 6.17
C LYS B 400 6.81 -30.90 7.45
N LEU B 401 5.69 -30.41 7.98
CA LEU B 401 5.71 -29.62 9.21
C LEU B 401 5.85 -30.50 10.43
N LYS B 402 5.20 -31.68 10.43
CA LYS B 402 5.02 -32.56 11.59
C LYS B 402 6.19 -32.77 12.57
N PRO B 403 7.46 -32.88 12.17
CA PRO B 403 8.52 -33.02 13.19
C PRO B 403 8.82 -31.75 13.98
N PHE B 404 8.27 -30.60 13.61
CA PHE B 404 8.57 -29.34 14.28
C PHE B 404 7.39 -28.77 15.03
N PHE B 405 6.26 -29.46 15.07
CA PHE B 405 5.04 -28.97 15.67
C PHE B 405 5.01 -29.33 17.15
N ASN B 406 4.84 -28.33 17.99
CA ASN B 406 4.60 -28.58 19.41
C ASN B 406 3.10 -28.59 19.67
N GLU B 407 2.70 -29.29 20.72
CA GLU B 407 1.30 -29.63 20.95
C GLU B 407 0.46 -28.47 21.50
N GLU B 408 0.99 -27.25 21.50
CA GLU B 408 0.22 -26.07 21.85
C GLU B 408 -0.23 -25.30 20.64
N GLY B 409 0.03 -25.80 19.43
CA GLY B 409 -0.36 -25.14 18.22
C GLY B 409 0.68 -24.23 17.61
N THR B 410 1.87 -24.18 18.19
CA THR B 410 2.96 -23.37 17.67
C THR B 410 4.04 -24.28 17.12
N ALA B 411 4.76 -23.80 16.13
CA ALA B 411 5.82 -24.58 15.50
C ALA B 411 7.18 -23.97 15.79
N SER B 412 8.17 -24.83 15.98
CA SER B 412 9.51 -24.37 16.31
C SER B 412 10.18 -23.78 15.09
N LEU B 413 10.99 -22.76 15.33
CA LEU B 413 11.65 -22.09 14.21
C LEU B 413 13.00 -21.58 14.69
N SER B 414 14.03 -22.40 14.54
CA SER B 414 15.37 -21.95 14.92
C SER B 414 16.00 -21.02 13.87
N PRO B 415 16.25 -21.42 12.62
CA PRO B 415 17.05 -20.58 11.73
C PRO B 415 16.20 -19.46 11.12
N GLY B 416 16.85 -18.61 10.34
CA GLY B 416 16.14 -17.57 9.63
C GLY B 416 15.73 -16.37 10.46
N MET B 417 15.51 -15.23 9.81
CA MET B 417 15.13 -14.00 10.48
C MET B 417 13.62 -13.73 10.45
N MET B 418 12.92 -14.36 9.50
CA MET B 418 11.47 -14.62 9.49
C MET B 418 10.64 -13.38 9.20
N MET B 419 11.11 -12.16 9.48
CA MET B 419 10.59 -10.99 8.79
C MET B 419 11.69 -9.99 8.52
N GLY B 420 12.59 -9.87 9.49
CA GLY B 420 13.55 -8.79 9.53
C GLY B 420 13.25 -7.85 10.68
N MET B 421 13.91 -8.07 11.80
CA MET B 421 14.01 -7.07 12.85
C MET B 421 15.37 -6.41 12.87
N PHE B 422 16.38 -7.12 12.39
CA PHE B 422 17.75 -6.63 12.29
C PHE B 422 17.98 -6.13 10.87
N ASN B 423 17.28 -5.06 10.50
CA ASN B 423 17.45 -4.52 9.16
C ASN B 423 18.73 -3.71 8.99
N MET B 424 19.47 -3.48 10.07
CA MET B 424 20.74 -2.78 9.99
C MET B 424 21.94 -3.69 10.21
N LEU B 425 21.79 -4.75 11.01
CA LEU B 425 22.90 -5.66 11.19
C LEU B 425 23.11 -6.53 9.97
N SER B 426 22.04 -6.84 9.25
CA SER B 426 22.20 -7.52 7.97
C SER B 426 22.83 -6.61 6.93
N THR B 427 22.57 -5.30 7.02
CA THR B 427 23.24 -4.33 6.16
C THR B 427 24.72 -4.26 6.48
N VAL B 428 25.08 -4.35 7.76
CA VAL B 428 26.49 -4.41 8.15
C VAL B 428 27.15 -5.67 7.61
N LEU B 429 26.43 -6.79 7.61
CA LEU B 429 26.98 -8.03 7.04
C LEU B 429 27.17 -7.92 5.53
N GLY B 430 26.24 -7.26 4.85
CA GLY B 430 26.40 -7.06 3.41
C GLY B 430 27.58 -6.14 3.07
N VAL B 431 27.77 -5.08 3.86
CA VAL B 431 28.91 -4.21 3.62
C VAL B 431 30.22 -4.91 3.97
N ALA B 432 30.19 -5.81 4.96
CA ALA B 432 31.35 -6.63 5.27
C ALA B 432 31.69 -7.56 4.13
N ALA B 433 30.68 -8.06 3.42
CA ALA B 433 30.94 -8.85 2.23
C ALA B 433 31.47 -7.99 1.08
N LEU B 434 30.99 -6.75 0.98
CA LEU B 434 31.43 -5.87 -0.11
C LEU B 434 32.86 -5.38 0.09
N GLY B 435 33.32 -5.34 1.33
CA GLY B 435 34.66 -4.80 1.60
C GLY B 435 35.83 -5.73 1.33
N ILE B 436 35.59 -6.93 0.83
CA ILE B 436 36.69 -7.86 0.60
C ILE B 436 37.48 -7.49 -0.65
N LYS B 437 36.78 -7.11 -1.72
CA LYS B 437 37.26 -6.45 -2.94
C LYS B 437 38.07 -7.33 -3.88
N ASN B 438 38.50 -8.52 -3.43
CA ASN B 438 39.43 -9.33 -4.19
C ASN B 438 39.60 -10.68 -3.50
N ILE B 439 39.84 -11.71 -4.29
CA ILE B 439 40.18 -13.03 -3.78
C ILE B 439 41.34 -13.58 -4.59
N GLY B 440 42.45 -13.86 -3.92
CA GLY B 440 43.57 -14.54 -4.55
C GLY B 440 44.41 -13.67 -5.47
N ASN B 441 44.54 -12.38 -5.16
CA ASN B 441 45.38 -11.41 -5.87
C ASN B 441 45.01 -11.28 -7.35
N LYS B 442 43.75 -11.52 -7.69
CA LYS B 442 43.32 -11.41 -9.07
C LYS B 442 43.02 -9.96 -9.43
N GLU B 443 42.99 -9.70 -10.73
CA GLU B 443 43.01 -8.34 -11.25
C GLU B 443 41.60 -7.79 -11.42
N TYR B 444 40.90 -7.66 -10.31
CA TYR B 444 39.65 -6.92 -10.29
C TYR B 444 39.48 -6.26 -8.94
N LEU B 445 38.54 -5.33 -8.87
CA LEU B 445 38.16 -4.74 -7.60
C LEU B 445 36.67 -4.47 -7.62
N TRP B 446 35.98 -4.86 -6.56
CA TRP B 446 34.55 -4.58 -6.49
C TRP B 446 34.27 -3.59 -5.37
N ASP B 447 33.16 -2.89 -5.54
CA ASP B 447 32.62 -2.00 -4.53
C ASP B 447 31.13 -1.99 -4.73
N GLY B 448 30.41 -1.20 -3.95
CA GLY B 448 29.01 -1.00 -4.26
C GLY B 448 28.20 -0.69 -3.02
N LEU B 449 26.91 -0.57 -3.25
CA LEU B 449 25.97 -0.10 -2.25
C LEU B 449 25.08 -1.24 -1.77
N GLN B 450 24.62 -1.14 -0.52
CA GLN B 450 23.76 -2.21 0.07
C GLN B 450 22.64 -1.57 0.89
N SER B 451 21.39 -1.77 0.46
CA SER B 451 20.22 -1.20 1.18
C SER B 451 19.35 -2.35 1.73
N SER B 452 19.67 -2.80 2.94
CA SER B 452 18.92 -3.90 3.62
C SER B 452 18.84 -5.15 2.73
N ASP B 453 17.83 -5.21 1.86
CA ASP B 453 17.63 -6.40 0.97
C ASP B 453 18.20 -6.13 -0.42
N ASP B 454 18.19 -4.88 -0.87
CA ASP B 454 18.70 -4.54 -2.23
C ASP B 454 20.21 -4.29 -2.18
N PHE B 455 20.89 -4.36 -3.34
CA PHE B 455 22.35 -4.14 -3.43
C PHE B 455 22.74 -3.86 -4.88
N ALA B 456 23.92 -3.27 -5.08
CA ALA B 456 24.43 -2.94 -6.40
C ALA B 456 25.94 -3.06 -6.34
N LEU B 457 26.51 -3.80 -7.27
CA LEU B 457 27.93 -4.18 -7.18
C LEU B 457 28.66 -3.73 -8.43
N PHE B 458 29.60 -2.82 -8.29
CA PHE B 458 30.44 -2.40 -9.40
C PHE B 458 31.74 -3.19 -9.36
N VAL B 459 32.23 -3.57 -10.54
CA VAL B 459 33.44 -4.38 -10.69
C VAL B 459 34.32 -3.73 -11.74
N ASN B 460 35.54 -3.36 -11.37
CA ASN B 460 36.52 -2.84 -12.32
C ASN B 460 37.55 -3.92 -12.62
N ALA B 461 37.83 -4.12 -13.91
CA ALA B 461 38.77 -5.16 -14.32
C ALA B 461 39.37 -4.79 -15.68
N LYS B 462 40.28 -5.63 -16.17
CA LYS B 462 40.98 -5.34 -17.42
C LYS B 462 40.12 -5.61 -18.64
N ASP B 463 39.26 -6.62 -18.61
CA ASP B 463 38.32 -6.88 -19.69
C ASP B 463 37.02 -7.34 -19.04
N GLU B 464 36.11 -7.93 -19.81
CA GLU B 464 34.83 -8.35 -19.24
C GLU B 464 34.82 -9.80 -18.79
N GLU B 465 35.75 -10.62 -19.29
CA GLU B 465 35.92 -11.97 -18.75
C GLU B 465 36.41 -11.92 -17.31
N THR B 466 37.35 -11.01 -17.01
CA THR B 466 37.80 -10.81 -15.64
C THR B 466 36.70 -10.20 -14.79
N CYS B 467 35.81 -9.40 -15.39
CA CYS B 467 34.64 -8.91 -14.67
C CYS B 467 33.71 -10.05 -14.28
N MET B 468 33.43 -10.96 -15.20
CA MET B 468 32.56 -12.09 -14.88
C MET B 468 33.20 -13.03 -13.87
N GLU B 469 34.53 -13.16 -13.90
CA GLU B 469 35.20 -13.97 -12.89
C GLU B 469 35.14 -13.30 -11.52
N GLY B 470 35.21 -11.98 -11.46
CA GLY B 470 35.03 -11.29 -10.20
C GLY B 470 33.61 -11.38 -9.68
N ILE B 471 32.63 -11.36 -10.57
CA ILE B 471 31.24 -11.52 -10.17
C ILE B 471 31.00 -12.92 -9.62
N ASN B 472 31.63 -13.93 -10.23
CA ASN B 472 31.52 -15.28 -9.72
C ASN B 472 32.19 -15.43 -8.36
N ASP B 473 33.31 -14.74 -8.15
CA ASP B 473 33.94 -14.80 -6.83
C ASP B 473 33.13 -14.09 -5.77
N PHE B 474 32.43 -13.02 -6.14
CA PHE B 474 31.53 -12.37 -5.18
C PHE B 474 30.35 -13.26 -4.82
N TYR B 475 29.79 -13.97 -5.80
CA TYR B 475 28.69 -14.90 -5.53
C TYR B 475 29.13 -16.04 -4.62
N ARG B 476 30.27 -16.65 -4.94
CA ARG B 476 30.76 -17.75 -4.12
C ARG B 476 31.23 -17.28 -2.74
N THR B 477 31.66 -16.04 -2.61
CA THR B 477 32.01 -15.48 -1.32
C THR B 477 30.78 -15.21 -0.46
N CYS B 478 29.72 -14.68 -1.07
CA CYS B 478 28.49 -14.46 -0.33
C CYS B 478 27.80 -15.76 0.05
N LYS B 479 28.08 -16.86 -0.66
CA LYS B 479 27.61 -18.17 -0.18
C LYS B 479 28.17 -18.52 1.19
N LEU B 480 29.38 -18.07 1.51
CA LEU B 480 29.99 -18.36 2.80
C LEU B 480 29.44 -17.53 3.94
N LEU B 481 28.61 -16.54 3.68
CA LEU B 481 28.04 -15.71 4.72
C LEU B 481 26.55 -15.94 4.91
N GLY B 482 25.94 -16.81 4.11
CA GLY B 482 24.50 -16.92 4.09
C GLY B 482 23.81 -15.83 3.33
N ILE B 483 24.54 -15.05 2.55
CA ILE B 483 23.96 -14.01 1.70
C ILE B 483 23.68 -14.65 0.36
N ASN B 484 22.42 -14.88 0.05
CA ASN B 484 22.06 -15.53 -1.21
C ASN B 484 21.61 -14.47 -2.20
N MET B 485 22.21 -14.50 -3.38
CA MET B 485 21.94 -13.54 -4.43
C MET B 485 21.05 -14.19 -5.48
N SER B 486 19.94 -13.54 -5.79
CA SER B 486 18.92 -14.10 -6.67
C SER B 486 19.42 -14.13 -8.10
N LYS B 487 19.48 -15.32 -8.69
CA LYS B 487 19.98 -15.41 -10.05
C LYS B 487 18.89 -15.18 -11.08
N LYS B 488 17.64 -15.06 -10.65
CA LYS B 488 16.54 -14.77 -11.56
C LYS B 488 16.14 -13.31 -11.55
N LYS B 489 16.51 -12.57 -10.52
CA LYS B 489 16.14 -11.18 -10.39
C LYS B 489 17.36 -10.27 -10.41
N SER B 490 18.47 -10.75 -10.93
CA SER B 490 19.68 -9.95 -11.06
C SER B 490 20.17 -10.01 -12.49
N TYR B 491 20.63 -8.86 -12.98
CA TYR B 491 21.25 -8.78 -14.29
C TYR B 491 22.48 -7.91 -14.15
N CYS B 492 23.24 -7.80 -15.22
CA CYS B 492 24.54 -7.13 -15.16
C CYS B 492 24.81 -6.47 -16.49
N ASN B 493 25.20 -5.20 -16.45
CA ASN B 493 25.52 -4.46 -17.67
C ASN B 493 26.72 -3.59 -17.39
N GLU B 494 27.01 -2.66 -18.29
CA GLU B 494 28.12 -1.76 -18.09
C GLU B 494 27.73 -0.63 -17.14
N THR B 495 28.71 0.17 -16.75
CA THR B 495 28.46 1.20 -15.74
C THR B 495 27.78 2.40 -16.39
N GLY B 496 26.83 2.99 -15.66
CA GLY B 496 26.03 4.06 -16.18
C GLY B 496 24.59 3.70 -16.45
N MET B 497 24.16 2.51 -16.05
CA MET B 497 22.75 2.13 -16.16
C MET B 497 22.51 1.07 -15.09
N PHE B 498 21.93 1.49 -13.97
CA PHE B 498 21.65 0.54 -12.90
C PHE B 498 20.50 1.06 -12.06
N GLU B 499 20.14 0.31 -11.02
CA GLU B 499 19.00 0.62 -10.19
C GLU B 499 19.34 0.25 -8.75
N PHE B 500 18.92 1.09 -7.81
CA PHE B 500 19.16 0.79 -6.41
C PHE B 500 18.03 1.36 -5.59
N THR B 501 17.36 0.50 -4.82
CA THR B 501 16.15 0.80 -4.03
C THR B 501 15.07 1.46 -4.91
N SER B 502 14.96 0.95 -6.13
CA SER B 502 14.07 1.47 -7.19
C SER B 502 14.30 2.96 -7.47
N MET B 503 15.56 3.37 -7.38
CA MET B 503 15.99 4.63 -7.98
C MET B 503 16.84 4.26 -9.18
N PHE B 504 16.41 4.69 -10.36
CA PHE B 504 17.06 4.30 -11.58
C PHE B 504 18.11 5.35 -11.95
N TYR B 505 19.20 4.89 -12.54
CA TYR B 505 20.32 5.75 -12.89
C TYR B 505 20.69 5.44 -14.33
N ARG B 506 20.68 6.46 -15.18
CA ARG B 506 21.10 6.33 -16.57
C ARG B 506 21.74 7.63 -17.02
N ASP B 507 23.03 7.57 -17.37
CA ASP B 507 23.80 8.69 -17.94
C ASP B 507 23.78 9.92 -17.03
N GLY B 508 23.92 9.70 -15.73
CA GLY B 508 23.87 10.78 -14.77
C GLY B 508 22.49 11.20 -14.34
N PHE B 509 21.46 10.82 -15.10
CA PHE B 509 20.09 11.17 -14.75
C PHE B 509 19.53 10.14 -13.78
N VAL B 510 18.82 10.62 -12.77
CA VAL B 510 18.26 9.80 -11.71
C VAL B 510 16.75 9.91 -11.76
N SER B 511 16.07 8.78 -11.91
CA SER B 511 14.63 8.70 -11.90
C SER B 511 14.19 8.09 -10.58
N ASN B 512 13.56 8.88 -9.72
CA ASN B 512 13.16 8.45 -8.40
C ASN B 512 11.67 8.09 -8.40
N PHE B 513 11.37 6.81 -8.16
CA PHE B 513 10.00 6.34 -8.20
C PHE B 513 9.77 5.20 -7.23
N ALA B 514 8.70 4.42 -7.47
CA ALA B 514 8.15 3.42 -6.56
C ALA B 514 7.78 4.03 -5.21
N MET B 515 7.29 5.27 -5.26
CA MET B 515 6.58 5.90 -4.17
C MET B 515 5.18 6.18 -4.69
N GLU B 516 4.19 5.45 -4.19
CA GLU B 516 2.82 5.72 -4.58
C GLU B 516 2.37 7.03 -3.98
N LEU B 517 1.72 7.85 -4.78
CA LEU B 517 1.27 9.15 -4.31
C LEU B 517 0.10 8.94 -3.36
N PRO B 518 0.11 9.59 -2.20
CA PRO B 518 -0.82 9.21 -1.13
C PRO B 518 -2.23 9.66 -1.41
N SER B 519 -3.13 9.25 -0.53
CA SER B 519 -4.54 9.55 -0.69
C SER B 519 -4.77 11.03 -0.43
N PHE B 520 -4.74 11.83 -1.48
CA PHE B 520 -4.99 13.24 -1.33
C PHE B 520 -6.48 13.45 -1.09
N GLY B 521 -6.87 13.36 0.17
CA GLY B 521 -8.25 13.38 0.57
C GLY B 521 -8.33 13.69 2.06
N VAL B 522 -9.56 13.80 2.53
CA VAL B 522 -9.81 14.31 3.87
C VAL B 522 -9.36 13.30 4.92
N ALA B 523 -8.50 13.73 5.83
CA ALA B 523 -8.00 12.83 6.87
C ALA B 523 -9.08 12.51 7.89
N GLY B 524 -9.89 13.50 8.25
CA GLY B 524 -11.06 13.24 9.05
C GLY B 524 -11.04 13.77 10.47
N VAL B 525 -10.24 14.80 10.74
CA VAL B 525 -10.15 15.31 12.10
C VAL B 525 -11.25 16.34 12.34
N ASN B 526 -11.15 17.49 11.66
CA ASN B 526 -12.22 18.45 11.48
C ASN B 526 -11.88 19.30 10.27
N GLU B 527 -12.52 20.44 10.07
CA GLU B 527 -12.36 21.20 8.84
C GLU B 527 -10.99 21.89 8.74
N SER B 528 -10.65 22.73 9.72
CA SER B 528 -9.39 23.46 9.66
C SER B 528 -8.21 22.51 9.81
N ALA B 529 -8.38 21.47 10.63
CA ALA B 529 -7.32 20.47 10.81
C ALA B 529 -7.04 19.73 9.51
N ASP B 530 -8.08 19.33 8.78
CA ASP B 530 -7.84 18.57 7.56
C ASP B 530 -7.29 19.45 6.46
N MET B 531 -7.69 20.73 6.41
CA MET B 531 -7.11 21.64 5.43
C MET B 531 -5.61 21.84 5.67
N ALA B 532 -5.22 22.02 6.95
CA ALA B 532 -3.81 22.21 7.26
C ALA B 532 -3.00 20.94 7.04
N ILE B 533 -3.57 19.77 7.39
CA ILE B 533 -2.88 18.50 7.20
C ILE B 533 -2.67 18.23 5.71
N GLY B 534 -3.68 18.49 4.89
CA GLY B 534 -3.56 18.23 3.47
C GLY B 534 -2.55 19.11 2.77
N MET B 535 -2.53 20.40 3.11
CA MET B 535 -1.52 21.27 2.50
C MET B 535 -0.12 20.95 2.99
N THR B 536 0.04 20.53 4.24
CA THR B 536 1.37 20.09 4.70
C THR B 536 1.79 18.77 4.04
N ILE B 537 0.83 17.90 3.72
CA ILE B 537 1.14 16.67 2.99
C ILE B 537 1.68 17.00 1.60
N ILE B 538 1.06 17.96 0.92
CA ILE B 538 1.51 18.32 -0.42
C ILE B 538 2.89 18.99 -0.36
N LYS B 539 3.12 19.83 0.65
CA LYS B 539 4.42 20.51 0.76
C LYS B 539 5.54 19.54 1.12
N ASN B 540 5.28 18.58 2.01
CA ASN B 540 6.30 17.60 2.36
C ASN B 540 6.60 16.65 1.20
N ASN B 541 5.57 16.28 0.43
CA ASN B 541 5.80 15.47 -0.76
C ASN B 541 6.63 16.23 -1.78
N MET B 542 6.38 17.52 -1.94
CA MET B 542 7.12 18.30 -2.92
C MET B 542 8.55 18.56 -2.50
N ILE B 543 8.80 18.66 -1.19
CA ILE B 543 10.17 18.86 -0.73
C ILE B 543 10.96 17.57 -0.79
N ASN B 544 10.45 16.50 -0.19
CA ASN B 544 11.23 15.28 -0.06
C ASN B 544 11.16 14.41 -1.32
N ASN B 545 9.95 14.06 -1.77
CA ASN B 545 9.81 13.06 -2.82
C ASN B 545 10.09 13.60 -4.22
N GLY B 546 10.31 14.90 -4.36
CA GLY B 546 10.60 15.44 -5.68
C GLY B 546 9.40 15.54 -6.58
N MET B 547 8.23 15.83 -6.02
CA MET B 547 7.02 16.01 -6.81
C MET B 547 7.10 17.31 -7.59
N GLY B 548 6.68 17.27 -8.84
CA GLY B 548 6.85 18.39 -9.73
C GLY B 548 5.90 19.52 -9.40
N PRO B 549 6.09 20.65 -10.09
CA PRO B 549 5.21 21.81 -9.83
C PRO B 549 3.78 21.64 -10.31
N ALA B 550 3.59 21.20 -11.55
CA ALA B 550 2.24 21.02 -12.08
C ALA B 550 1.55 19.83 -11.43
N THR B 551 2.32 18.82 -11.04
CA THR B 551 1.78 17.71 -10.28
C THR B 551 1.29 18.14 -8.91
N ALA B 552 2.02 19.06 -8.26
CA ALA B 552 1.57 19.54 -6.97
C ALA B 552 0.38 20.47 -7.09
N GLN B 553 0.27 21.22 -8.19
CA GLN B 553 -0.94 22.03 -8.37
C GLN B 553 -2.15 21.14 -8.66
N THR B 554 -1.97 20.05 -9.40
CA THR B 554 -3.06 19.08 -9.56
C THR B 554 -3.40 18.40 -8.24
N ALA B 555 -2.42 18.18 -7.38
CA ALA B 555 -2.71 17.60 -6.07
C ALA B 555 -3.46 18.57 -5.17
N ILE B 556 -3.16 19.87 -5.29
CA ILE B 556 -3.95 20.91 -4.61
C ILE B 556 -5.40 20.85 -5.06
N GLN B 557 -5.62 20.76 -6.37
CA GLN B 557 -6.99 20.78 -6.90
C GLN B 557 -7.77 19.50 -6.54
N LEU B 558 -7.10 18.35 -6.58
CA LEU B 558 -7.76 17.10 -6.16
C LEU B 558 -8.11 17.13 -4.68
N PHE B 559 -7.22 17.68 -3.85
CA PHE B 559 -7.55 17.79 -2.43
C PHE B 559 -8.68 18.78 -2.18
N ILE B 560 -8.75 19.87 -2.96
CA ILE B 560 -9.81 20.86 -2.78
C ILE B 560 -11.16 20.27 -3.20
N ALA B 561 -11.17 19.46 -4.26
CA ALA B 561 -12.42 18.83 -4.68
C ALA B 561 -12.90 17.80 -3.65
N ASP B 562 -11.98 16.99 -3.12
CA ASP B 562 -12.38 16.03 -2.08
C ASP B 562 -12.79 16.73 -0.79
N TYR B 563 -12.15 17.85 -0.46
CA TYR B 563 -12.49 18.62 0.73
C TYR B 563 -13.86 19.25 0.60
N ARG B 564 -14.20 19.76 -0.58
CA ARG B 564 -15.51 20.35 -0.77
C ARG B 564 -16.60 19.32 -0.86
N TYR B 565 -16.28 18.10 -1.30
CA TYR B 565 -17.30 17.05 -1.26
C TYR B 565 -17.56 16.59 0.16
N THR B 566 -16.51 16.38 0.96
CA THR B 566 -16.67 15.72 2.25
C THR B 566 -17.42 16.59 3.25
N TYR B 567 -17.14 17.89 3.27
CA TYR B 567 -17.76 18.78 4.24
C TYR B 567 -18.91 19.59 3.68
N LYS B 568 -19.32 19.31 2.43
CA LYS B 568 -20.49 19.90 1.78
C LYS B 568 -20.43 21.42 1.74
N CYS B 569 -19.31 21.95 1.24
CA CYS B 569 -19.00 23.36 1.35
C CYS B 569 -18.50 23.92 0.02
N HIS B 570 -19.24 23.66 -1.05
CA HIS B 570 -18.89 24.12 -2.39
C HIS B 570 -18.97 25.65 -2.47
N ARG B 571 -18.51 26.21 -3.59
CA ARG B 571 -18.42 27.65 -3.76
C ARG B 571 -19.81 28.29 -3.78
N GLY B 572 -19.89 29.53 -3.31
CA GLY B 572 -21.19 30.17 -3.14
C GLY B 572 -21.85 30.54 -4.45
N ASP B 573 -21.06 30.79 -5.49
CA ASP B 573 -21.59 31.07 -6.82
C ASP B 573 -21.72 29.84 -7.68
N SER B 574 -21.93 28.67 -7.08
CA SER B 574 -22.08 27.42 -7.80
C SER B 574 -23.50 26.94 -7.65
N LYS B 575 -23.88 25.99 -8.49
CA LYS B 575 -25.23 25.47 -8.52
C LYS B 575 -25.41 24.23 -7.67
N VAL B 576 -24.49 23.96 -6.76
CA VAL B 576 -24.60 22.79 -5.90
C VAL B 576 -25.62 23.08 -4.81
N GLU B 577 -26.43 22.08 -4.47
CA GLU B 577 -27.51 22.24 -3.51
C GLU B 577 -27.32 21.30 -2.33
N GLY B 578 -27.96 21.63 -1.22
CA GLY B 578 -27.88 20.80 -0.04
C GLY B 578 -28.46 21.51 1.16
N LYS B 579 -28.34 20.85 2.31
CA LYS B 579 -28.80 21.46 3.56
C LYS B 579 -27.85 22.55 4.03
N ARG B 580 -26.58 22.48 3.64
CA ARG B 580 -25.61 23.49 4.05
C ARG B 580 -25.44 24.59 3.02
N MET B 581 -25.56 24.26 1.73
CA MET B 581 -25.33 25.22 0.67
C MET B 581 -26.41 26.30 0.62
N LYS B 582 -27.56 26.08 1.25
CA LYS B 582 -28.57 27.13 1.35
C LYS B 582 -28.06 28.30 2.19
N ILE B 583 -27.59 28.01 3.41
CA ILE B 583 -27.03 29.05 4.26
C ILE B 583 -25.69 29.53 3.72
N ILE B 584 -24.96 28.69 3.00
CA ILE B 584 -23.70 29.12 2.39
C ILE B 584 -23.95 30.14 1.27
N LYS B 585 -24.95 29.90 0.43
CA LYS B 585 -25.30 30.86 -0.60
C LYS B 585 -25.90 32.13 0.00
N GLU B 586 -26.63 32.01 1.11
CA GLU B 586 -27.09 33.20 1.81
C GLU B 586 -25.92 34.03 2.32
N LEU B 587 -24.89 33.36 2.85
CA LEU B 587 -23.70 34.07 3.32
C LEU B 587 -22.94 34.72 2.18
N TRP B 588 -22.91 34.08 1.01
CA TRP B 588 -22.28 34.67 -0.16
C TRP B 588 -23.10 35.85 -0.68
N GLU B 589 -24.42 35.83 -0.48
CA GLU B 589 -25.24 36.97 -0.86
C GLU B 589 -25.03 38.15 0.10
N ASN B 590 -24.82 37.87 1.39
CA ASN B 590 -24.71 38.93 2.36
C ASN B 590 -23.33 39.55 2.46
N THR B 591 -22.30 38.88 1.93
CA THR B 591 -20.92 39.33 2.13
C THR B 591 -20.53 40.34 1.06
N LYS B 592 -19.84 41.39 1.49
CA LYS B 592 -19.31 42.40 0.58
C LYS B 592 -17.99 41.96 -0.01
N GLY B 593 -16.98 41.77 0.85
CA GLY B 593 -15.70 41.27 0.41
C GLY B 593 -15.64 39.75 0.49
N ARG B 594 -15.72 39.08 -0.65
CA ARG B 594 -15.95 37.65 -0.70
C ARG B 594 -14.69 36.82 -0.69
N ASP B 595 -13.52 37.43 -0.85
CA ASP B 595 -12.28 36.67 -0.88
C ASP B 595 -11.77 36.31 0.52
N GLY B 596 -12.34 36.89 1.57
CA GLY B 596 -11.93 36.58 2.92
C GLY B 596 -12.61 35.39 3.52
N LEU B 597 -13.62 34.83 2.86
CA LEU B 597 -14.31 33.66 3.37
C LEU B 597 -13.41 32.43 3.27
N LEU B 598 -13.57 31.52 4.22
CA LEU B 598 -12.79 30.30 4.18
C LEU B 598 -13.33 29.38 3.09
N VAL B 599 -12.58 28.30 2.82
CA VAL B 599 -13.04 27.29 1.88
C VAL B 599 -14.30 26.61 2.42
N ALA B 600 -14.31 26.30 3.71
CA ALA B 600 -15.41 25.60 4.33
C ALA B 600 -16.63 26.48 4.58
N ASP B 601 -16.53 27.77 4.32
CA ASP B 601 -17.68 28.66 4.38
C ASP B 601 -18.19 29.02 2.99
N GLY B 602 -17.68 28.38 1.96
CA GLY B 602 -18.14 28.62 0.62
C GLY B 602 -17.31 29.59 -0.18
N GLY B 603 -16.20 30.07 0.36
CA GLY B 603 -15.37 30.99 -0.37
C GLY B 603 -14.43 30.29 -1.33
N PRO B 604 -13.58 31.08 -1.96
CA PRO B 604 -12.68 30.52 -2.98
C PRO B 604 -11.42 29.93 -2.37
N ASN B 605 -10.65 29.27 -3.22
CA ASN B 605 -9.35 28.73 -2.88
C ASN B 605 -8.27 29.71 -3.32
N ILE B 606 -7.21 29.83 -2.51
CA ILE B 606 -6.09 30.70 -2.83
C ILE B 606 -4.75 30.00 -2.68
N TYR B 607 -4.72 28.73 -2.31
CA TYR B 607 -3.47 28.03 -2.08
C TYR B 607 -2.73 27.80 -3.39
N ASN B 608 -1.48 28.21 -3.44
CA ASN B 608 -0.60 27.89 -4.56
C ASN B 608 0.67 27.27 -3.98
N LEU B 609 1.71 27.16 -4.80
CA LEU B 609 2.92 26.46 -4.38
C LEU B 609 3.72 27.20 -3.33
N ARG B 610 3.52 28.52 -3.19
CA ARG B 610 4.37 29.31 -2.32
C ARG B 610 3.80 29.52 -0.92
N ASN B 611 2.52 29.25 -0.69
CA ASN B 611 1.92 29.51 0.61
C ASN B 611 1.23 28.28 1.15
N LEU B 612 1.88 27.12 1.03
CA LEU B 612 1.32 25.92 1.64
C LEU B 612 1.64 25.84 3.13
N HIS B 613 2.60 26.61 3.59
CA HIS B 613 2.99 26.57 4.99
C HIS B 613 2.16 27.49 5.87
N ILE B 614 1.35 28.36 5.27
CA ILE B 614 0.57 29.34 6.02
C ILE B 614 -0.79 28.73 6.36
N PRO B 615 -1.33 28.97 7.56
CA PRO B 615 -2.73 28.61 7.83
C PRO B 615 -3.69 29.40 6.97
N GLU B 616 -4.89 28.84 6.79
CA GLU B 616 -5.89 29.47 5.94
C GLU B 616 -6.43 30.74 6.56
N ILE B 617 -6.65 30.74 7.88
CA ILE B 617 -7.20 31.90 8.58
C ILE B 617 -6.21 33.05 8.56
N VAL B 618 -4.93 32.76 8.77
CA VAL B 618 -3.91 33.79 8.71
C VAL B 618 -3.71 34.27 7.28
N LEU B 619 -3.87 33.38 6.30
CA LEU B 619 -3.72 33.77 4.90
C LEU B 619 -4.82 34.71 4.48
N LYS B 620 -6.03 34.52 5.00
CA LYS B 620 -7.18 35.29 4.56
C LYS B 620 -7.63 36.35 5.56
N TYR B 621 -6.87 36.56 6.65
CA TYR B 621 -7.35 37.38 7.75
C TYR B 621 -7.54 38.85 7.37
N ASN B 622 -6.64 39.41 6.55
CA ASN B 622 -6.78 40.82 6.21
C ASN B 622 -7.72 41.06 5.05
N LEU B 623 -8.55 40.09 4.67
CA LEU B 623 -9.53 40.27 3.63
C LEU B 623 -10.96 40.04 4.09
N MET B 624 -11.17 39.59 5.32
CA MET B 624 -12.51 39.28 5.79
C MET B 624 -13.29 40.54 6.11
N ASP B 625 -14.60 40.43 6.03
CA ASP B 625 -15.48 41.46 6.55
C ASP B 625 -15.38 41.49 8.07
N PRO B 626 -15.64 42.64 8.71
CA PRO B 626 -15.57 42.68 10.18
C PRO B 626 -16.61 41.82 10.86
N GLU B 627 -17.81 41.71 10.29
CA GLU B 627 -18.83 40.83 10.84
C GLU B 627 -18.43 39.37 10.72
N TYR B 628 -17.86 39.01 9.57
CA TYR B 628 -17.50 37.62 9.34
C TYR B 628 -16.34 37.17 10.22
N LYS B 629 -15.38 38.06 10.47
CA LYS B 629 -14.29 37.70 11.37
C LYS B 629 -14.70 37.83 12.82
N GLY B 630 -15.76 38.60 13.12
CA GLY B 630 -16.29 38.60 14.47
C GLY B 630 -16.99 37.30 14.80
N ARG B 631 -17.82 36.81 13.89
CA ARG B 631 -18.49 35.54 14.12
C ARG B 631 -17.53 34.36 13.96
N LEU B 632 -16.52 34.50 13.12
CA LEU B 632 -15.56 33.43 12.90
C LEU B 632 -14.60 33.28 14.06
N LEU B 633 -13.92 34.36 14.42
CA LEU B 633 -13.00 34.35 15.55
C LEU B 633 -13.66 34.75 16.84
N HIS B 634 -14.80 34.17 17.18
CA HIS B 634 -15.50 34.55 18.39
C HIS B 634 -14.79 33.94 19.60
N PRO B 635 -14.61 34.70 20.68
CA PRO B 635 -13.91 34.18 21.86
C PRO B 635 -14.65 33.04 22.55
N GLN B 636 -15.90 33.27 22.93
CA GLN B 636 -16.74 32.24 23.57
C GLN B 636 -17.61 31.53 22.55
N ASN B 637 -17.02 30.99 21.48
CA ASN B 637 -17.82 30.27 20.50
C ASN B 637 -18.16 28.89 21.04
N PRO B 638 -19.39 28.41 20.79
CA PRO B 638 -19.84 27.21 21.49
C PRO B 638 -19.48 25.90 20.79
N PHE B 639 -18.54 25.94 19.84
CA PHE B 639 -18.20 24.73 19.10
C PHE B 639 -16.88 24.09 19.52
N VAL B 640 -15.97 24.85 20.12
CA VAL B 640 -14.65 24.33 20.43
C VAL B 640 -14.69 23.47 21.69
N GLY B 641 -15.15 24.05 22.80
CA GLY B 641 -15.24 23.31 24.05
C GLY B 641 -14.05 23.59 24.95
N HIS B 642 -13.45 22.53 25.47
CA HIS B 642 -12.30 22.62 26.35
C HIS B 642 -11.03 22.41 25.52
N LEU B 643 -9.96 23.09 25.91
CA LEU B 643 -8.74 23.07 25.13
C LEU B 643 -7.78 21.99 25.60
N SER B 644 -6.99 21.47 24.66
CA SER B 644 -5.89 20.56 24.93
C SER B 644 -4.94 20.64 23.75
N ILE B 645 -3.74 20.09 23.94
CA ILE B 645 -2.65 20.23 22.97
C ILE B 645 -2.94 19.45 21.70
N GLU B 646 -3.62 18.30 21.82
CA GLU B 646 -3.93 17.46 20.66
C GLU B 646 -4.96 18.12 19.75
N GLY B 647 -5.93 18.83 20.34
CA GLY B 647 -6.90 19.56 19.54
C GLY B 647 -6.40 20.86 18.94
N ILE B 648 -5.16 21.24 19.23
CA ILE B 648 -4.58 22.47 18.73
C ILE B 648 -3.52 22.20 17.67
N LYS B 649 -2.51 21.39 18.01
CA LYS B 649 -1.37 21.28 17.09
C LYS B 649 -1.09 19.85 16.67
N GLU B 650 -1.15 18.90 17.60
CA GLU B 650 -0.59 17.57 17.39
C GLU B 650 -1.67 16.61 16.93
N ALA B 651 -1.48 16.05 15.74
CA ALA B 651 -2.28 14.93 15.26
C ALA B 651 -1.45 14.13 14.27
N ASP B 652 -1.81 12.87 14.12
CA ASP B 652 -1.04 11.90 13.36
C ASP B 652 -1.44 11.90 11.89
N ILE B 653 -0.61 11.27 11.06
CA ILE B 653 -0.96 11.00 9.67
C ILE B 653 -0.93 9.49 9.45
N THR B 654 -2.07 8.84 9.67
CA THR B 654 -2.16 7.38 9.54
C THR B 654 -3.49 6.97 8.92
N LYS B 662 4.57 11.73 12.64
CA LYS B 662 3.40 12.56 12.91
C LYS B 662 3.77 14.05 12.82
N MET B 663 2.82 14.85 12.36
CA MET B 663 3.07 16.24 12.01
C MET B 663 2.62 17.18 13.11
N ASP B 664 2.65 18.47 12.82
CA ASP B 664 2.18 19.50 13.75
C ASP B 664 1.63 20.66 12.91
N TYR B 665 0.31 20.81 12.88
CA TYR B 665 -0.33 21.83 12.07
C TYR B 665 -0.65 23.06 12.93
N ASP B 666 -1.23 24.08 12.29
CA ASP B 666 -1.47 25.38 12.91
C ASP B 666 -2.94 25.74 12.74
N ALA B 667 -3.76 25.41 13.74
CA ALA B 667 -5.20 25.61 13.69
C ALA B 667 -5.60 26.69 14.68
N VAL B 668 -5.98 27.86 14.16
CA VAL B 668 -6.53 28.92 15.01
C VAL B 668 -7.92 28.51 15.44
N SER B 669 -8.16 28.50 16.76
CA SER B 669 -9.36 27.89 17.33
C SER B 669 -10.57 28.77 17.08
N GLY B 670 -11.09 28.70 15.85
CA GLY B 670 -12.32 29.34 15.47
C GLY B 670 -13.47 28.37 15.44
N THR B 671 -14.56 28.77 14.78
CA THR B 671 -15.77 27.95 14.79
C THR B 671 -15.74 26.80 13.81
N HIS B 672 -14.63 26.58 13.11
CA HIS B 672 -14.44 25.37 12.32
C HIS B 672 -13.52 24.39 13.03
N SER B 673 -13.46 24.45 14.35
CA SER B 673 -12.61 23.57 15.14
C SER B 673 -13.47 22.73 16.07
N TRP B 674 -14.54 22.15 15.54
CA TRP B 674 -15.46 21.35 16.33
C TRP B 674 -14.94 19.93 16.51
N ARG B 675 -15.70 19.12 17.23
CA ARG B 675 -15.39 17.71 17.41
C ARG B 675 -16.68 16.94 17.61
N THR B 676 -16.65 15.67 17.23
CA THR B 676 -17.84 14.84 17.20
C THR B 676 -18.11 14.23 18.57
N LYS B 677 -19.08 13.32 18.64
CA LYS B 677 -19.48 12.66 19.88
C LYS B 677 -18.38 11.74 20.43
N ASN C 53 -12.03 3.56 8.95
CA ASN C 53 -11.30 4.53 8.13
C ASN C 53 -11.81 5.93 8.41
N PRO C 54 -10.92 6.83 8.85
CA PRO C 54 -11.39 8.15 9.29
C PRO C 54 -11.85 9.05 8.16
N SER C 55 -11.38 8.83 6.93
CA SER C 55 -11.91 9.55 5.78
C SER C 55 -13.38 9.22 5.57
N LEU C 56 -13.70 7.92 5.51
CA LEU C 56 -15.08 7.51 5.32
C LEU C 56 -15.92 7.80 6.55
N ARG C 57 -15.31 7.76 7.74
CA ARG C 57 -16.04 8.09 8.95
C ARG C 57 -16.44 9.56 8.97
N MET C 58 -15.54 10.45 8.54
CA MET C 58 -15.89 11.85 8.44
C MET C 58 -16.87 12.10 7.30
N LYS C 59 -16.82 11.28 6.25
CA LYS C 59 -17.80 11.41 5.16
C LYS C 59 -19.20 11.02 5.64
N TRP C 60 -19.33 9.87 6.30
CA TRP C 60 -20.62 9.41 6.77
C TRP C 60 -21.12 10.21 7.96
N ALA C 61 -20.23 10.87 8.70
CA ALA C 61 -20.67 11.74 9.78
C ALA C 61 -21.30 13.01 9.23
N MET C 62 -20.69 13.61 8.20
CA MET C 62 -21.25 14.80 7.60
C MET C 62 -22.50 14.52 6.80
N CYS C 63 -22.70 13.28 6.35
CA CYS C 63 -23.99 12.89 5.79
C CYS C 63 -25.08 12.85 6.85
N SER C 64 -24.72 12.48 8.09
CA SER C 64 -25.68 12.40 9.18
C SER C 64 -26.18 13.80 9.57
N ASN C 65 -27.31 13.83 10.26
CA ASN C 65 -27.94 15.09 10.59
C ASN C 65 -27.23 15.81 11.71
N PHE C 66 -26.93 15.11 12.81
CA PHE C 66 -26.36 15.73 14.00
C PHE C 66 -25.06 15.04 14.39
N PRO C 67 -23.93 15.40 13.77
CA PRO C 67 -22.65 14.78 14.11
C PRO C 67 -21.78 15.55 15.10
N LEU C 68 -22.13 16.80 15.40
CA LEU C 68 -21.27 17.66 16.19
C LEU C 68 -21.64 17.57 17.68
N ALA C 69 -20.85 18.24 18.51
CA ALA C 69 -21.01 18.19 19.98
C ALA C 69 -21.05 19.62 20.51
N LEU C 70 -22.24 20.22 20.48
CA LEU C 70 -22.41 21.60 20.88
C LEU C 70 -22.33 21.75 22.39
N THR C 71 -21.38 22.55 22.87
CA THR C 71 -21.22 22.79 24.29
C THR C 71 -22.28 23.76 24.79
N LYS C 72 -22.39 23.88 26.11
CA LYS C 72 -23.46 24.65 26.73
C LYS C 72 -23.11 26.15 26.76
N GLY C 73 -23.94 26.93 27.44
CA GLY C 73 -23.84 28.37 27.52
C GLY C 73 -25.08 29.04 26.99
N ASP C 74 -25.01 30.36 26.85
CA ASP C 74 -26.07 31.12 26.21
C ASP C 74 -25.96 31.13 24.70
N MET C 75 -24.76 30.89 24.18
CA MET C 75 -24.55 30.87 22.74
C MET C 75 -25.23 29.66 22.09
N ALA C 76 -25.25 28.52 22.78
CA ALA C 76 -26.02 27.39 22.30
C ALA C 76 -27.53 27.58 22.47
N ASN C 77 -27.94 28.60 23.24
CA ASN C 77 -29.34 28.99 23.31
C ASN C 77 -29.71 30.03 22.24
N ARG C 78 -28.72 30.77 21.73
CA ARG C 78 -28.99 31.70 20.64
C ARG C 78 -29.34 30.96 19.34
N ILE C 79 -28.68 29.84 19.08
CA ILE C 79 -28.91 29.07 17.86
C ILE C 79 -30.29 28.40 17.94
N PRO C 80 -31.16 28.56 16.94
CA PRO C 80 -32.53 28.04 17.05
C PRO C 80 -32.62 26.53 16.93
N LEU C 81 -33.85 26.00 16.93
CA LEU C 81 -34.05 24.59 16.71
C LEU C 81 -34.21 24.24 15.24
N GLU C 82 -34.61 25.20 14.42
CA GLU C 82 -34.67 25.04 12.97
C GLU C 82 -34.57 26.41 12.32
N TYR C 83 -34.35 26.41 11.01
CA TYR C 83 -34.13 27.64 10.27
C TYR C 83 -34.47 27.39 8.80
N LYS C 84 -35.59 27.98 8.35
CA LYS C 84 -36.06 27.92 6.96
C LYS C 84 -36.22 26.49 6.46
N GLY C 85 -36.71 25.60 7.33
CA GLY C 85 -36.87 24.21 6.99
C GLY C 85 -35.67 23.35 7.26
N ILE C 86 -34.54 23.93 7.66
CA ILE C 86 -33.35 23.17 8.04
C ILE C 86 -33.34 23.09 9.56
N GLN C 87 -33.57 21.90 10.09
CA GLN C 87 -33.41 21.67 11.52
C GLN C 87 -31.93 21.78 11.88
N LEU C 88 -31.55 22.87 12.54
CA LEU C 88 -30.16 23.13 12.86
C LEU C 88 -29.65 22.16 13.91
N LYS C 89 -30.24 22.22 15.10
CA LYS C 89 -29.86 21.35 16.20
C LYS C 89 -31.09 20.64 16.73
N THR C 90 -30.85 19.63 17.54
CA THR C 90 -31.92 18.87 18.18
C THR C 90 -32.21 19.51 19.53
N ASN C 91 -33.00 18.83 20.38
CA ASN C 91 -33.30 19.33 21.70
C ASN C 91 -33.52 18.17 22.66
N ALA C 92 -32.47 17.76 23.37
CA ALA C 92 -32.55 16.58 24.22
C ALA C 92 -31.54 16.70 25.36
N GLU C 93 -31.53 15.69 26.23
CA GLU C 93 -30.65 15.63 27.38
C GLU C 93 -29.89 14.31 27.36
N ASP C 94 -28.69 14.32 27.93
CA ASP C 94 -27.81 13.17 27.89
C ASP C 94 -27.73 12.49 29.25
N ILE C 95 -27.11 11.31 29.25
CA ILE C 95 -27.12 10.44 30.42
C ILE C 95 -26.16 10.94 31.49
N GLY C 96 -24.93 11.26 31.10
CA GLY C 96 -23.92 11.67 32.05
C GLY C 96 -23.61 13.15 32.04
N THR C 97 -23.57 13.76 30.86
CA THR C 97 -23.11 15.14 30.72
C THR C 97 -24.22 16.13 30.37
N LYS C 98 -25.42 15.65 30.02
CA LYS C 98 -26.61 16.47 29.71
C LYS C 98 -26.38 17.45 28.57
N GLY C 99 -26.16 16.96 27.35
CA GLY C 99 -25.86 17.85 26.26
C GLY C 99 -26.77 17.62 25.07
N GLN C 100 -26.43 18.31 23.97
CA GLN C 100 -27.16 18.22 22.71
C GLN C 100 -26.19 17.94 21.56
N MET C 101 -26.74 17.93 20.36
CA MET C 101 -25.97 17.78 19.14
C MET C 101 -26.50 18.76 18.11
N CYS C 102 -25.67 19.04 17.09
CA CYS C 102 -26.04 20.02 16.08
C CYS C 102 -25.43 19.64 14.75
N SER C 103 -25.92 20.31 13.71
CA SER C 103 -25.46 20.11 12.34
C SER C 103 -24.36 21.12 12.00
N ILE C 104 -23.74 20.90 10.84
CA ILE C 104 -22.76 21.85 10.32
C ILE C 104 -23.43 23.04 9.66
N ALA C 105 -24.68 22.88 9.24
CA ALA C 105 -25.46 24.03 8.80
C ALA C 105 -25.68 25.01 9.95
N ALA C 106 -25.69 24.53 11.19
CA ALA C 106 -25.71 25.42 12.34
C ALA C 106 -24.39 26.18 12.49
N VAL C 107 -23.27 25.57 12.12
CA VAL C 107 -21.99 26.27 12.11
C VAL C 107 -22.01 27.39 11.09
N THR C 108 -22.58 27.12 9.91
CA THR C 108 -22.69 28.20 8.93
C THR C 108 -23.75 29.22 9.33
N TRP C 109 -24.75 28.82 10.12
CA TRP C 109 -25.68 29.79 10.70
C TRP C 109 -24.97 30.72 11.66
N TRP C 110 -24.04 30.18 12.46
CA TRP C 110 -23.23 31.02 13.33
C TRP C 110 -22.36 31.96 12.52
N ASN C 111 -21.79 31.47 11.41
CA ASN C 111 -20.92 32.32 10.62
C ASN C 111 -21.67 33.35 9.80
N THR C 112 -22.97 33.16 9.59
CA THR C 112 -23.74 34.13 8.82
C THR C 112 -24.50 35.11 9.70
N TYR C 113 -25.19 34.63 10.74
CA TYR C 113 -26.12 35.44 11.51
C TYR C 113 -25.81 35.42 13.01
N GLY C 114 -24.63 34.95 13.39
CA GLY C 114 -24.29 34.86 14.79
C GLY C 114 -23.87 36.18 15.37
N PRO C 115 -23.57 36.17 16.67
CA PRO C 115 -23.20 37.42 17.35
C PRO C 115 -21.76 37.83 17.07
N ILE C 116 -21.55 39.14 16.97
CA ILE C 116 -20.22 39.70 16.76
C ILE C 116 -19.43 39.62 18.07
N GLY C 117 -18.27 38.97 18.02
CA GLY C 117 -17.36 38.92 19.15
C GLY C 117 -16.29 40.01 19.08
N ASP C 118 -15.47 40.03 20.12
CA ASP C 118 -14.39 41.00 20.23
C ASP C 118 -13.12 40.41 19.62
N THR C 119 -12.54 41.11 18.64
CA THR C 119 -11.27 40.74 18.05
C THR C 119 -10.40 42.00 17.92
N GLU C 120 -10.31 42.74 19.02
CA GLU C 120 -9.40 43.89 19.11
C GLU C 120 -8.12 43.39 19.79
N GLY C 121 -7.24 42.80 18.98
CA GLY C 121 -5.99 42.28 19.50
C GLY C 121 -5.79 40.80 19.23
N PHE C 122 -6.43 40.29 18.18
CA PHE C 122 -6.23 38.90 17.79
C PHE C 122 -4.84 38.70 17.18
N GLU C 123 -4.35 39.71 16.46
CA GLU C 123 -3.12 39.60 15.69
C GLU C 123 -1.88 39.57 16.58
N ARG C 124 -2.01 39.90 17.86
CA ARG C 124 -0.91 39.79 18.80
C ARG C 124 -0.66 38.35 19.26
N VAL C 125 -1.60 37.43 19.03
CA VAL C 125 -1.46 36.06 19.50
C VAL C 125 -0.67 35.23 18.51
N TYR C 126 -1.20 35.04 17.31
CA TYR C 126 -0.63 34.11 16.35
C TYR C 126 0.31 34.80 15.37
N GLU C 127 1.26 35.59 15.89
CA GLU C 127 2.07 36.46 15.04
C GLU C 127 3.17 35.74 14.28
N SER C 128 3.39 34.45 14.55
CA SER C 128 4.35 33.67 13.76
C SER C 128 3.91 33.53 12.31
N PHE C 129 2.67 33.11 12.10
CA PHE C 129 2.17 32.98 10.74
C PHE C 129 1.87 34.34 10.13
N PHE C 130 1.64 35.37 10.94
CA PHE C 130 1.51 36.71 10.37
C PHE C 130 2.85 37.25 9.92
N LEU C 131 3.95 36.87 10.58
CA LEU C 131 5.28 37.15 10.03
C LEU C 131 5.54 36.34 8.77
N ARG C 132 5.02 35.10 8.70
CA ARG C 132 5.09 34.31 7.46
C ARG C 132 4.38 35.01 6.31
N LYS C 133 3.17 35.51 6.57
CA LYS C 133 2.41 36.25 5.56
C LYS C 133 3.07 37.57 5.20
N MET C 134 3.70 38.23 6.19
CA MET C 134 4.41 39.49 5.92
C MET C 134 5.66 39.26 5.07
N ARG C 135 6.32 38.11 5.26
CA ARG C 135 7.42 37.75 4.37
C ARG C 135 6.92 37.35 2.98
N LEU C 136 5.72 36.77 2.91
CA LEU C 136 5.19 36.31 1.61
C LEU C 136 4.71 37.48 0.76
N ASP C 137 4.04 38.47 1.37
CA ASP C 137 3.37 39.52 0.63
C ASP C 137 4.32 40.51 -0.03
N ASN C 138 5.61 40.48 0.28
CA ASN C 138 6.57 41.38 -0.34
C ASN C 138 7.87 40.65 -0.67
#